data_7W08
#
_entry.id   7W08
#
_cell.length_a   68.586
_cell.length_b   73.519
_cell.length_c   104.035
_cell.angle_alpha   94.240
_cell.angle_beta   105.670
_cell.angle_gamma   111.130
#
_symmetry.space_group_name_H-M   'P 1'
#
_entity_poly.entity_id   1
_entity_poly.type   'polypeptide(L)'
_entity_poly.pdbx_seq_one_letter_code
;MELRHIRYFLAVAEERHFTRAAARLGIGQPPLSQQIKDLERELGALLFRRVSYGAELTEAGIAFLDVVKEIPVMAERATQ
AAQRAVRGELGVLRVGFTASSAFNSVVPTAIRAFRRAYPDVRLQLEEDNTTRLADGLNEGSLDVAFLRPGFAGSERFHLR
MLSEEPMMIVMAENHPAASYEEISLSAFRDETFLLFPREIGLTLYDSVIESCRTAGFEPTIGQLAPQIASVINLVAAEMG
VSIVPASMSQVKVIGVVYRHIADQTPTAKLALAYRRGDTSPVLRNFVLTVFP
;
_entity_poly.pdbx_strand_id   C,D,A,B,E,F,G,H
#
# COMPACT_ATOMS: atom_id res chain seq x y z
N VAL A 86 6.37 46.66 29.72
CA VAL A 86 6.60 46.90 28.31
C VAL A 86 7.20 45.63 27.60
N ARG A 87 7.50 44.63 28.43
CA ARG A 87 7.98 43.33 27.95
C ARG A 87 7.03 42.78 26.90
N GLY A 88 7.61 42.41 25.75
CA GLY A 88 6.85 41.68 24.76
C GLY A 88 5.92 42.51 23.92
N GLU A 89 6.00 43.84 23.98
CA GLU A 89 5.16 44.68 23.15
C GLU A 89 5.86 45.01 21.84
N LEU A 90 6.82 44.19 21.43
CA LEU A 90 7.62 44.44 20.25
C LEU A 90 8.33 43.13 19.90
N GLY A 91 8.38 42.78 18.62
CA GLY A 91 8.99 41.51 18.21
C GLY A 91 8.20 40.88 17.06
N VAL A 92 7.92 39.59 17.15
CA VAL A 92 7.23 38.96 16.02
C VAL A 92 6.59 37.61 16.39
N LEU A 93 5.32 37.45 16.07
CA LEU A 93 4.55 36.30 16.52
C LEU A 93 3.90 35.60 15.34
N ARG A 94 3.99 34.27 15.33
CA ARG A 94 3.51 33.44 14.25
C ARG A 94 2.21 32.78 14.68
N VAL A 95 1.12 33.12 14.01
CA VAL A 95 -0.19 32.62 14.37
C VAL A 95 -0.64 31.67 13.27
N GLY A 96 -1.02 30.46 13.65
CA GLY A 96 -1.62 29.50 12.73
C GLY A 96 -3.07 29.22 13.04
N PHE A 97 -3.82 28.82 12.01
CA PHE A 97 -5.25 28.52 12.12
C PHE A 97 -5.64 27.65 10.94
N THR A 98 -6.74 26.91 11.08
CA THR A 98 -7.16 25.96 10.05
C THR A 98 -8.13 26.60 9.05
N ALA A 99 -8.30 25.93 7.91
CA ALA A 99 -8.97 26.55 6.78
C ALA A 99 -10.38 27.00 7.15
N SER A 100 -11.13 26.14 7.84
CA SER A 100 -12.51 26.48 8.16
C SER A 100 -12.58 27.27 9.43
N SER A 101 -11.56 27.16 10.28
CA SER A 101 -11.52 27.95 11.50
C SER A 101 -11.37 29.42 11.20
N ALA A 102 -10.62 29.79 10.16
CA ALA A 102 -10.69 31.17 9.70
C ALA A 102 -12.12 31.73 9.67
N PHE A 103 -13.09 30.96 9.17
CA PHE A 103 -14.45 31.46 9.02
C PHE A 103 -15.14 31.65 10.36
N ASN A 104 -14.72 30.87 11.35
CA ASN A 104 -15.20 31.07 12.71
C ASN A 104 -14.77 32.44 13.20
N SER A 105 -15.74 33.25 13.63
CA SER A 105 -15.57 34.68 13.91
C SER A 105 -14.52 34.99 14.97
N VAL A 106 -14.07 33.99 15.75
CA VAL A 106 -13.14 34.27 16.86
C VAL A 106 -11.70 34.45 16.38
N VAL A 107 -11.27 33.75 15.32
CA VAL A 107 -9.89 33.92 14.84
C VAL A 107 -9.70 35.32 14.33
N PRO A 108 -10.57 35.89 13.45
CA PRO A 108 -10.41 37.26 13.02
C PRO A 108 -10.48 38.23 14.17
N THR A 109 -11.20 37.87 15.24
CA THR A 109 -11.38 38.79 16.35
C THR A 109 -10.15 38.79 17.25
N ALA A 110 -9.75 37.59 17.70
CA ALA A 110 -8.45 37.40 18.34
C ALA A 110 -7.36 38.23 17.68
N ILE A 111 -7.14 38.02 16.39
CA ILE A 111 -6.11 38.73 15.65
C ILE A 111 -6.35 40.24 15.66
N ARG A 112 -7.57 40.68 15.43
CA ARG A 112 -7.84 42.10 15.30
C ARG A 112 -7.62 42.80 16.64
N ALA A 113 -8.13 42.19 17.72
CA ALA A 113 -7.92 42.75 19.05
C ALA A 113 -6.44 42.95 19.33
N PHE A 114 -5.65 41.90 19.12
CA PHE A 114 -4.22 41.93 19.41
C PHE A 114 -3.48 42.94 18.55
N ARG A 115 -3.87 43.11 17.29
CA ARG A 115 -3.15 44.06 16.46
C ARG A 115 -3.47 45.48 16.87
N ARG A 116 -4.50 45.67 17.71
CA ARG A 116 -4.85 46.95 18.34
C ARG A 116 -3.93 47.27 19.51
N ALA A 117 -3.95 46.40 20.54
CA ALA A 117 -3.16 46.65 21.72
C ALA A 117 -1.69 46.77 21.35
N TYR A 118 -1.24 45.93 20.43
CA TYR A 118 0.17 45.77 20.14
C TYR A 118 0.42 45.96 18.65
N PRO A 119 0.21 47.17 18.12
CA PRO A 119 0.61 47.41 16.73
C PRO A 119 2.05 47.08 16.49
N ASP A 120 2.92 47.33 17.46
CA ASP A 120 4.33 47.24 17.14
C ASP A 120 4.74 45.82 16.79
N VAL A 121 4.08 44.82 17.38
CA VAL A 121 4.39 43.41 17.10
C VAL A 121 4.00 43.01 15.69
N ARG A 122 4.95 42.43 14.98
CA ARG A 122 4.77 41.99 13.60
C ARG A 122 4.14 40.61 13.59
N LEU A 123 2.95 40.50 13.02
CA LEU A 123 2.36 39.18 12.97
C LEU A 123 2.76 38.48 11.69
N GLN A 124 2.39 37.21 11.63
CA GLN A 124 2.82 36.27 10.60
C GLN A 124 1.83 35.12 10.62
N LEU A 125 0.87 35.15 9.69
CA LEU A 125 -0.23 34.21 9.75
C LEU A 125 0.01 33.07 8.77
N GLU A 126 -0.27 31.87 9.21
CA GLU A 126 -0.04 30.65 8.46
C GLU A 126 -1.28 29.80 8.60
N GLU A 127 -1.95 29.49 7.51
CA GLU A 127 -3.19 28.68 7.54
C GLU A 127 -2.85 27.27 7.15
N ASP A 128 -3.21 26.28 7.95
CA ASP A 128 -2.74 24.92 7.60
C ASP A 128 -3.51 23.85 8.35
N ASN A 129 -3.15 22.60 8.09
CA ASN A 129 -3.78 21.38 8.65
C ASN A 129 -3.58 21.34 10.15
N THR A 130 -4.45 20.73 10.93
CA THR A 130 -4.24 20.73 12.41
C THR A 130 -2.94 20.02 12.78
N THR A 131 -2.55 18.97 12.06
CA THR A 131 -1.27 18.28 12.32
C THR A 131 -0.12 19.16 11.85
N ARG A 132 -0.29 19.92 10.77
CA ARG A 132 0.71 20.92 10.37
C ARG A 132 0.92 21.94 11.48
N LEU A 133 -0.19 22.46 12.02
CA LEU A 133 -0.15 23.45 13.10
C LEU A 133 0.53 22.87 14.33
N ALA A 134 0.21 21.61 14.66
CA ALA A 134 0.88 20.92 15.76
C ALA A 134 2.38 20.80 15.51
N ASP A 135 2.76 20.15 14.40
CA ASP A 135 4.18 20.01 14.06
C ASP A 135 4.91 21.34 14.14
N GLY A 136 4.33 22.38 13.52
CA GLY A 136 4.96 23.69 13.51
C GLY A 136 5.04 24.34 14.88
N LEU A 137 4.11 24.04 15.78
CA LEU A 137 4.25 24.57 17.12
C LEU A 137 5.38 23.88 17.84
N ASN A 138 5.56 22.58 17.54
CA ASN A 138 6.65 21.77 18.10
C ASN A 138 7.99 22.28 17.60
N GLU A 139 8.09 22.44 16.28
CA GLU A 139 9.25 22.90 15.53
C GLU A 139 9.77 24.25 15.99
N GLY A 140 8.92 25.14 16.48
CA GLY A 140 9.32 26.52 16.68
C GLY A 140 8.95 27.45 15.56
N SER A 141 8.26 26.93 14.55
CA SER A 141 7.85 27.64 13.35
C SER A 141 6.47 28.24 13.48
N LEU A 142 5.84 28.04 14.63
CA LEU A 142 4.58 28.65 15.02
C LEU A 142 4.67 28.95 16.52
N ASP A 143 3.99 30.01 16.96
CA ASP A 143 4.02 30.35 18.38
C ASP A 143 2.70 30.13 19.10
N VAL A 144 1.59 30.12 18.36
CA VAL A 144 0.25 29.97 18.89
C VAL A 144 -0.63 29.57 17.71
N ALA A 145 -1.54 28.62 17.94
CA ALA A 145 -2.38 28.08 16.88
C ALA A 145 -3.83 27.95 17.33
N PHE A 146 -4.76 28.19 16.40
CA PHE A 146 -6.15 27.83 16.61
C PHE A 146 -6.32 26.47 15.94
N LEU A 147 -6.79 25.48 16.67
CA LEU A 147 -6.88 24.15 16.09
C LEU A 147 -7.91 23.29 16.81
N ARG A 148 -8.26 22.18 16.18
CA ARG A 148 -9.38 21.39 16.65
C ARG A 148 -8.86 20.33 17.60
N PRO A 149 -9.28 20.33 18.87
CA PRO A 149 -8.70 19.39 19.83
C PRO A 149 -9.20 18.02 19.48
N GLY A 150 -8.58 17.02 20.08
CA GLY A 150 -8.84 15.66 19.70
C GLY A 150 -7.86 15.14 18.67
N PHE A 151 -6.63 15.62 18.72
CA PHE A 151 -5.56 15.13 17.87
C PHE A 151 -4.53 14.40 18.74
N ALA A 152 -3.82 13.48 18.11
CA ALA A 152 -2.89 12.60 18.83
C ALA A 152 -1.69 13.39 19.29
N GLY A 153 -1.34 13.24 20.56
CA GLY A 153 -0.30 14.04 21.13
C GLY A 153 -0.78 15.36 21.69
N SER A 154 -2.09 15.59 21.73
CA SER A 154 -2.62 16.84 22.26
C SER A 154 -2.13 17.10 23.68
N GLU A 155 -1.83 16.04 24.41
CA GLU A 155 -1.29 16.18 25.76
C GLU A 155 0.22 16.44 25.69
N ARG A 156 0.54 17.54 25.03
CA ARG A 156 1.90 18.04 24.95
C ARG A 156 1.93 19.55 24.99
N PHE A 157 0.80 20.21 24.78
CA PHE A 157 0.74 21.66 24.67
C PHE A 157 -0.26 22.22 25.68
N HIS A 158 -0.22 23.53 25.87
CA HIS A 158 -1.36 24.23 26.46
C HIS A 158 -2.48 24.20 25.41
N LEU A 159 -3.58 23.52 25.71
CA LEU A 159 -4.77 23.48 24.86
C LEU A 159 -5.90 24.19 25.59
N ARG A 160 -6.25 25.42 25.22
CA ARG A 160 -7.34 26.11 25.93
C ARG A 160 -8.61 26.17 25.09
N MET A 161 -9.70 25.54 25.56
CA MET A 161 -10.90 25.45 24.75
C MET A 161 -11.42 26.83 24.38
N LEU A 162 -11.59 27.06 23.07
CA LEU A 162 -12.04 28.36 22.56
C LEU A 162 -13.51 28.29 22.22
N SER A 163 -13.90 27.39 21.32
CA SER A 163 -15.22 27.47 20.72
C SER A 163 -15.78 26.10 20.41
N GLU A 164 -17.09 25.96 20.62
CA GLU A 164 -17.86 24.78 20.22
C GLU A 164 -19.01 25.20 19.33
N GLU A 165 -19.12 24.59 18.14
CA GLU A 165 -20.14 25.05 17.20
C GLU A 165 -20.90 23.89 16.58
N PRO A 166 -22.23 24.02 16.43
CA PRO A 166 -23.05 22.95 15.85
C PRO A 166 -22.68 22.70 14.41
N MET A 167 -22.88 21.47 13.97
CA MET A 167 -22.57 21.14 12.60
C MET A 167 -23.87 21.12 11.81
N MET A 168 -23.83 21.71 10.63
CA MET A 168 -25.03 21.89 9.82
C MET A 168 -24.82 21.27 8.44
N ILE A 169 -25.93 20.82 7.85
CA ILE A 169 -25.96 20.20 6.53
C ILE A 169 -26.31 21.23 5.46
N VAL A 170 -25.44 21.35 4.47
CA VAL A 170 -25.61 22.27 3.37
C VAL A 170 -26.00 21.47 2.13
N MET A 171 -27.13 21.83 1.55
CA MET A 171 -27.77 21.17 0.41
C MET A 171 -28.05 22.20 -0.67
N ALA A 172 -28.75 21.80 -1.72
CA ALA A 172 -29.17 22.77 -2.70
C ALA A 172 -30.56 23.30 -2.37
N GLU A 173 -30.85 24.53 -2.82
CA GLU A 173 -32.12 25.17 -2.44
C GLU A 173 -33.32 24.34 -2.90
N ASN A 174 -33.25 23.85 -4.13
CA ASN A 174 -34.23 23.00 -4.79
C ASN A 174 -34.33 21.61 -4.18
N HIS A 175 -33.44 21.25 -3.28
CA HIS A 175 -33.42 19.89 -2.76
C HIS A 175 -34.74 19.54 -2.08
N PRO A 176 -35.23 18.30 -2.25
CA PRO A 176 -36.48 17.90 -1.58
C PRO A 176 -36.48 18.24 -0.12
N ALA A 177 -35.33 18.07 0.53
CA ALA A 177 -35.31 18.02 1.97
C ALA A 177 -35.23 19.39 2.63
N ALA A 178 -34.90 20.45 1.90
CA ALA A 178 -35.00 21.78 2.49
C ALA A 178 -36.45 22.08 2.92
N SER A 179 -37.40 21.34 2.34
CA SER A 179 -38.82 21.44 2.63
C SER A 179 -39.14 20.99 4.04
N TYR A 180 -38.63 19.80 4.45
CA TYR A 180 -38.69 19.38 5.86
C TYR A 180 -38.13 20.51 6.75
N GLU A 181 -38.77 20.72 7.89
CA GLU A 181 -38.41 21.84 8.77
C GLU A 181 -37.02 21.61 9.38
N GLU A 182 -36.95 20.67 10.33
CA GLU A 182 -35.69 20.26 10.92
C GLU A 182 -35.31 18.92 10.32
N ILE A 183 -34.07 18.82 9.87
CA ILE A 183 -33.63 17.69 9.07
C ILE A 183 -33.07 16.59 9.95
N SER A 184 -33.57 15.37 9.73
CA SER A 184 -32.96 14.16 10.29
C SER A 184 -31.95 13.64 9.28
N LEU A 185 -30.74 13.31 9.76
CA LEU A 185 -29.69 12.85 8.85
C LEU A 185 -30.02 11.55 8.15
N SER A 186 -30.95 10.75 8.71
CA SER A 186 -31.35 9.49 8.07
C SER A 186 -31.91 9.70 6.67
N ALA A 187 -32.45 10.88 6.40
CA ALA A 187 -33.03 11.23 5.11
C ALA A 187 -31.95 11.49 4.08
N PHE A 188 -30.70 11.28 4.41
CA PHE A 188 -29.62 11.55 3.46
C PHE A 188 -28.74 10.33 3.31
N ARG A 189 -29.26 9.15 3.65
CA ARG A 189 -28.49 7.93 3.50
C ARG A 189 -27.99 7.78 2.07
N ASP A 190 -28.91 7.81 1.13
CA ASP A 190 -28.57 7.44 -0.23
C ASP A 190 -28.01 8.63 -1.00
N GLU A 191 -27.70 9.74 -0.31
CA GLU A 191 -27.10 10.90 -0.98
C GLU A 191 -25.61 10.73 -1.14
N THR A 192 -25.05 11.57 -1.99
CA THR A 192 -23.63 11.64 -2.16
C THR A 192 -23.16 12.75 -1.25
N PHE A 193 -22.21 12.43 -0.35
CA PHE A 193 -21.69 13.37 0.64
C PHE A 193 -20.35 13.92 0.16
N LEU A 194 -20.32 15.18 -0.21
CA LEU A 194 -19.08 15.82 -0.57
C LEU A 194 -18.29 16.07 0.68
N LEU A 195 -16.98 15.99 0.60
CA LEU A 195 -16.16 16.19 1.82
C LEU A 195 -14.75 16.56 1.45
N PHE A 196 -14.01 17.09 2.42
CA PHE A 196 -12.58 17.40 2.24
C PHE A 196 -11.80 16.11 2.46
N PRO A 197 -10.54 16.02 1.99
CA PRO A 197 -9.77 14.78 2.16
C PRO A 197 -9.46 14.54 3.65
N ARG A 198 -9.30 13.28 4.05
CA ARG A 198 -9.06 12.97 5.48
C ARG A 198 -7.78 13.68 5.90
N GLU A 199 -6.72 13.63 5.11
CA GLU A 199 -5.48 14.38 5.44
C GLU A 199 -5.82 15.88 5.49
N ILE A 200 -6.64 16.35 4.55
CA ILE A 200 -7.00 17.80 4.46
C ILE A 200 -7.76 18.25 5.70
N GLY A 201 -8.64 17.42 6.25
CA GLY A 201 -9.39 17.82 7.46
C GLY A 201 -9.61 16.64 8.38
N LEU A 202 -8.59 16.15 9.07
CA LEU A 202 -8.75 14.92 9.85
C LEU A 202 -9.76 14.99 11.00
N THR A 203 -9.75 16.02 11.81
CA THR A 203 -10.65 15.98 12.98
C THR A 203 -12.12 16.14 12.62
N LEU A 204 -12.40 17.02 11.68
CA LEU A 204 -13.80 17.28 11.27
C LEU A 204 -14.36 16.02 10.60
N TYR A 205 -13.55 15.34 9.80
CA TYR A 205 -14.00 14.18 9.01
C TYR A 205 -14.48 13.01 9.85
N ASP A 206 -13.71 12.53 10.81
CA ASP A 206 -14.14 11.30 11.55
C ASP A 206 -15.44 11.55 12.32
N SER A 207 -15.63 12.74 12.86
CA SER A 207 -16.93 13.11 13.48
C SER A 207 -17.98 13.25 12.38
N VAL A 208 -17.62 13.70 11.18
CA VAL A 208 -18.69 13.82 10.14
C VAL A 208 -19.18 12.41 9.82
N ILE A 209 -18.28 11.46 9.64
CA ILE A 209 -18.70 10.08 9.32
C ILE A 209 -19.48 9.54 10.51
N GLU A 210 -19.03 9.80 11.73
CA GLU A 210 -19.70 9.20 12.90
C GLU A 210 -21.16 9.64 13.00
N SER A 211 -21.50 10.87 12.65
CA SER A 211 -22.91 11.33 12.69
C SER A 211 -23.70 10.53 11.66
N CYS A 212 -23.16 10.37 10.48
CA CYS A 212 -23.81 9.49 9.51
C CYS A 212 -23.97 8.09 10.09
N ARG A 213 -22.88 7.54 10.62
CA ARG A 213 -22.90 6.22 11.26
C ARG A 213 -23.95 6.21 12.37
N THR A 214 -23.85 7.15 13.32
CA THR A 214 -24.90 7.33 14.32
C THR A 214 -26.28 7.44 13.70
N ALA A 215 -26.36 8.04 12.51
CA ALA A 215 -27.59 8.10 11.73
C ALA A 215 -27.89 6.78 11.00
N GLY A 216 -27.01 5.78 11.12
CA GLY A 216 -27.34 4.45 10.67
C GLY A 216 -27.01 4.14 9.22
N PHE A 217 -25.97 4.77 8.68
CA PHE A 217 -25.50 4.43 7.36
C PHE A 217 -24.04 4.87 7.20
N GLU A 218 -23.35 4.19 6.29
CA GLU A 218 -22.01 4.68 5.97
C GLU A 218 -22.17 5.66 4.84
N PRO A 219 -21.66 6.88 4.94
CA PRO A 219 -21.90 7.85 3.88
C PRO A 219 -21.12 7.45 2.65
N THR A 220 -21.76 7.64 1.51
CA THR A 220 -21.09 7.55 0.23
C THR A 220 -20.23 8.79 0.02
N ILE A 221 -18.91 8.62 -0.06
CA ILE A 221 -18.05 9.78 -0.28
C ILE A 221 -18.12 10.21 -1.75
N GLY A 222 -18.23 11.53 -1.93
CA GLY A 222 -18.30 12.15 -3.25
C GLY A 222 -16.93 12.59 -3.70
N GLN A 223 -16.89 13.54 -4.62
CA GLN A 223 -15.66 14.09 -5.20
C GLN A 223 -14.83 14.79 -4.14
N LEU A 224 -13.52 14.58 -4.12
CA LEU A 224 -12.70 15.29 -3.11
C LEU A 224 -12.66 16.75 -3.55
N ALA A 225 -12.72 17.69 -2.62
CA ALA A 225 -12.68 19.12 -3.01
C ALA A 225 -11.52 19.79 -2.28
N PRO A 226 -10.91 20.86 -2.81
CA PRO A 226 -9.76 21.45 -2.15
C PRO A 226 -9.90 22.10 -0.77
N GLN A 227 -10.91 22.95 -0.57
CA GLN A 227 -11.09 23.74 0.69
C GLN A 227 -12.56 23.72 1.08
N ILE A 228 -12.90 24.08 2.31
CA ILE A 228 -14.32 23.94 2.76
C ILE A 228 -15.25 24.77 1.89
N ALA A 229 -14.84 25.97 1.47
CA ALA A 229 -15.61 26.88 0.60
C ALA A 229 -15.82 26.27 -0.76
N SER A 230 -14.87 25.48 -1.23
CA SER A 230 -14.95 24.83 -2.55
C SER A 230 -16.12 23.88 -2.62
N VAL A 231 -16.42 23.21 -1.53
CA VAL A 231 -17.54 22.24 -1.50
C VAL A 231 -18.83 23.04 -1.48
N ILE A 232 -18.83 24.24 -0.97
CA ILE A 232 -20.12 24.94 -0.93
C ILE A 232 -20.59 25.29 -2.33
N ASN A 233 -19.71 25.84 -3.16
CA ASN A 233 -20.05 26.03 -4.57
C ASN A 233 -20.39 24.72 -5.27
N LEU A 234 -19.74 23.61 -4.90
CA LEU A 234 -20.11 22.34 -5.54
C LEU A 234 -21.49 21.90 -5.12
N VAL A 235 -21.90 22.19 -3.89
CA VAL A 235 -23.29 21.96 -3.52
C VAL A 235 -24.22 22.85 -4.35
N ALA A 236 -23.86 24.13 -4.52
CA ALA A 236 -24.64 25.02 -5.36
C ALA A 236 -24.90 24.38 -6.73
N ALA A 237 -23.85 23.80 -7.34
CA ALA A 237 -24.03 22.99 -8.54
C ALA A 237 -24.77 21.69 -8.27
N GLU A 238 -25.43 21.48 -7.12
CA GLU A 238 -26.37 20.36 -6.91
C GLU A 238 -25.66 19.01 -7.09
N MET A 239 -24.39 18.99 -6.71
CA MET A 239 -23.53 17.84 -6.81
C MET A 239 -23.58 16.93 -5.61
N GLY A 240 -23.95 17.44 -4.45
CA GLY A 240 -23.97 16.64 -3.24
C GLY A 240 -24.54 17.45 -2.09
N VAL A 241 -24.58 16.83 -0.93
CA VAL A 241 -24.77 17.54 0.33
C VAL A 241 -23.44 17.47 1.05
N SER A 242 -23.24 18.38 2.01
CA SER A 242 -22.06 18.34 2.86
C SER A 242 -22.47 18.63 4.29
N ILE A 243 -21.52 18.46 5.20
CA ILE A 243 -21.71 18.88 6.59
C ILE A 243 -20.60 19.87 6.91
N VAL A 244 -20.97 21.07 7.35
CA VAL A 244 -19.97 22.09 7.62
C VAL A 244 -20.18 22.59 9.03
N PRO A 245 -19.14 23.14 9.65
CA PRO A 245 -19.31 23.93 10.87
C PRO A 245 -20.37 24.99 10.68
N ALA A 246 -20.97 25.42 11.79
CA ALA A 246 -22.02 26.42 11.65
C ALA A 246 -21.46 27.73 11.14
N SER A 247 -20.19 28.03 11.38
CA SER A 247 -19.68 29.32 10.93
C SER A 247 -19.47 29.41 9.43
N MET A 248 -19.69 28.34 8.68
CA MET A 248 -19.64 28.41 7.23
C MET A 248 -20.95 28.90 6.63
N SER A 249 -21.95 29.05 7.43
CA SER A 249 -23.21 29.50 6.94
C SER A 249 -23.24 30.99 6.72
N GLN A 250 -22.06 31.56 6.82
CA GLN A 250 -21.84 32.93 6.39
C GLN A 250 -21.36 32.98 4.95
N VAL A 251 -21.22 31.84 4.29
CA VAL A 251 -20.90 31.80 2.84
C VAL A 251 -22.24 31.64 2.13
N LYS A 252 -22.91 32.78 1.88
CA LYS A 252 -24.29 32.81 1.36
C LYS A 252 -24.29 32.80 -0.16
N VAL A 253 -23.69 31.76 -0.73
CA VAL A 253 -23.82 31.52 -2.15
C VAL A 253 -25.30 31.36 -2.48
N ILE A 254 -25.69 31.86 -3.68
CA ILE A 254 -27.02 31.56 -4.21
C ILE A 254 -27.17 30.05 -4.35
N GLY A 255 -28.34 29.55 -4.02
CA GLY A 255 -28.66 28.22 -4.47
C GLY A 255 -28.24 27.08 -3.57
N VAL A 256 -27.61 27.35 -2.40
CA VAL A 256 -27.47 26.43 -1.26
C VAL A 256 -28.28 26.93 -0.06
N VAL A 257 -28.65 25.99 0.83
CA VAL A 257 -29.10 26.36 2.18
C VAL A 257 -28.44 25.49 3.24
N TYR A 258 -28.23 26.08 4.43
CA TYR A 258 -27.73 25.36 5.60
C TYR A 258 -28.90 25.06 6.55
N ARG A 259 -29.10 23.79 6.84
CA ARG A 259 -30.15 23.33 7.78
C ARG A 259 -29.47 22.71 9.00
N HIS A 260 -30.23 22.42 10.03
CA HIS A 260 -29.64 21.92 11.28
C HIS A 260 -30.04 20.47 11.47
N ILE A 261 -29.09 19.61 11.80
CA ILE A 261 -29.47 18.19 11.99
C ILE A 261 -30.19 18.03 13.33
N ALA A 262 -31.09 17.06 13.43
CA ALA A 262 -31.85 16.81 14.68
C ALA A 262 -31.33 15.56 15.39
N ASP A 263 -30.10 15.13 15.05
CA ASP A 263 -29.45 13.97 15.69
C ASP A 263 -28.52 14.48 16.80
N GLN A 264 -27.32 13.93 16.93
CA GLN A 264 -26.32 14.34 17.95
C GLN A 264 -25.77 15.74 17.66
N THR A 265 -25.79 16.15 16.39
CA THR A 265 -25.33 17.47 15.91
C THR A 265 -23.92 17.62 16.44
N PRO A 266 -23.03 16.66 16.17
CA PRO A 266 -21.67 16.67 16.67
C PRO A 266 -21.04 18.02 16.42
N THR A 267 -20.32 18.57 17.40
CA THR A 267 -19.99 19.94 17.16
C THR A 267 -18.63 20.02 16.44
N ALA A 268 -18.18 21.25 16.16
CA ALA A 268 -16.80 21.51 15.72
C ALA A 268 -16.04 22.25 16.83
N LYS A 269 -15.19 21.54 17.55
CA LYS A 269 -14.47 22.24 18.59
C LYS A 269 -13.29 23.05 18.02
N LEU A 270 -12.93 24.09 18.75
CA LEU A 270 -11.87 25.01 18.39
C LEU A 270 -11.15 25.36 19.68
N ALA A 271 -9.82 25.28 19.69
CA ALA A 271 -8.98 25.45 20.88
C ALA A 271 -7.78 26.33 20.56
N LEU A 272 -7.43 27.22 21.47
CA LEU A 272 -6.18 27.95 21.35
C LEU A 272 -5.06 27.10 21.93
N ALA A 273 -4.08 26.73 21.10
CA ALA A 273 -2.99 25.85 21.47
C ALA A 273 -1.64 26.57 21.37
N TYR A 274 -0.81 26.43 22.40
CA TYR A 274 0.52 27.02 22.37
C TYR A 274 1.51 26.08 23.04
N ARG A 275 2.79 26.52 23.12
CA ARG A 275 3.88 25.68 23.62
C ARG A 275 3.97 25.68 25.15
N ARG A 276 3.99 24.48 25.71
CA ARG A 276 4.15 24.29 27.15
C ARG A 276 5.50 24.83 27.61
N GLY A 277 5.48 25.81 28.52
CA GLY A 277 6.71 26.35 29.04
C GLY A 277 7.26 27.55 28.30
N ASP A 278 6.51 28.12 27.38
CA ASP A 278 6.99 29.27 26.61
C ASP A 278 6.97 30.51 27.47
N THR A 279 8.13 31.02 27.84
CA THR A 279 8.17 32.25 28.62
C THR A 279 8.26 33.49 27.74
N SER A 280 7.75 33.44 26.51
CA SER A 280 7.67 34.69 25.75
C SER A 280 6.64 35.61 26.38
N PRO A 281 6.96 36.88 26.56
CA PRO A 281 5.91 37.84 26.92
C PRO A 281 4.96 38.10 25.76
N VAL A 282 5.49 38.19 24.53
CA VAL A 282 4.64 38.44 23.37
C VAL A 282 3.53 37.41 23.31
N LEU A 283 3.88 36.13 23.60
CA LEU A 283 2.87 35.08 23.52
C LEU A 283 1.74 35.32 24.51
N ARG A 284 2.07 35.67 25.76
CA ARG A 284 0.99 35.91 26.72
C ARG A 284 0.27 37.25 26.45
N ASN A 285 0.97 38.27 25.94
CA ASN A 285 0.27 39.45 25.39
C ASN A 285 -0.81 39.04 24.40
N PHE A 286 -0.55 38.00 23.61
CA PHE A 286 -1.56 37.47 22.70
C PHE A 286 -2.55 36.56 23.42
N VAL A 287 -2.04 35.72 24.34
CA VAL A 287 -2.89 34.71 24.96
C VAL A 287 -3.87 35.37 25.94
N LEU A 288 -3.47 36.48 26.55
CA LEU A 288 -4.45 37.13 27.41
C LEU A 288 -5.41 37.97 26.59
N THR A 289 -5.02 38.39 25.40
CA THR A 289 -5.98 39.11 24.56
C THR A 289 -7.24 38.27 24.35
N VAL A 290 -7.07 36.98 24.05
CA VAL A 290 -8.22 36.10 23.90
C VAL A 290 -8.87 35.78 25.23
N PHE A 291 -8.14 35.87 26.33
CA PHE A 291 -8.64 35.54 27.67
C PHE A 291 -8.48 36.70 28.64
N PRO A 292 -9.11 37.88 28.36
CA PRO A 292 -8.79 39.03 29.25
C PRO A 292 -9.17 38.81 30.72
N GLU B 89 -25.01 12.11 -25.11
CA GLU B 89 -26.12 11.51 -24.39
C GLU B 89 -25.63 10.33 -23.56
N LEU B 90 -24.39 9.91 -23.80
CA LEU B 90 -23.80 8.82 -23.03
C LEU B 90 -22.30 9.08 -22.91
N GLY B 91 -21.74 8.72 -21.76
CA GLY B 91 -20.30 8.76 -21.58
C GLY B 91 -19.93 9.55 -20.34
N VAL B 92 -18.78 10.20 -20.40
CA VAL B 92 -18.32 11.11 -19.35
C VAL B 92 -17.84 12.39 -20.03
N LEU B 93 -18.07 13.53 -19.39
CA LEU B 93 -17.56 14.84 -19.81
C LEU B 93 -16.77 15.47 -18.69
N ARG B 94 -15.56 15.92 -19.00
CA ARG B 94 -14.67 16.45 -18.00
C ARG B 94 -14.72 17.97 -18.01
N VAL B 95 -15.32 18.54 -16.97
CA VAL B 95 -15.54 19.98 -16.84
C VAL B 95 -14.57 20.58 -15.84
N GLY B 96 -14.10 21.81 -16.09
CA GLY B 96 -13.14 22.44 -15.19
C GLY B 96 -13.39 23.92 -14.97
N PHE B 97 -12.89 24.45 -13.82
CA PHE B 97 -13.22 25.84 -13.49
C PHE B 97 -12.30 26.42 -12.40
N THR B 98 -12.13 27.75 -12.44
CA THR B 98 -11.33 28.39 -11.42
C THR B 98 -12.09 28.43 -10.10
N ALA B 99 -11.32 28.41 -9.01
CA ALA B 99 -11.93 28.43 -7.70
C ALA B 99 -12.84 29.65 -7.53
N SER B 100 -12.48 30.76 -8.19
CA SER B 100 -13.18 32.02 -8.03
C SER B 100 -14.46 32.05 -8.88
N SER B 101 -14.45 31.41 -10.06
CA SER B 101 -15.62 31.39 -10.93
C SER B 101 -16.77 30.66 -10.25
N ALA B 102 -16.47 29.64 -9.45
CA ALA B 102 -17.51 28.87 -8.78
C ALA B 102 -18.43 29.73 -7.91
N PHE B 103 -18.09 31.01 -7.68
CA PHE B 103 -18.99 31.92 -6.97
C PHE B 103 -19.93 32.64 -7.91
N ASN B 104 -19.49 32.88 -9.15
CA ASN B 104 -20.37 33.32 -10.23
C ASN B 104 -21.39 32.24 -10.58
N SER B 105 -22.67 32.55 -10.44
CA SER B 105 -23.71 31.56 -10.59
C SER B 105 -23.67 30.86 -11.96
N VAL B 106 -23.05 31.44 -12.99
CA VAL B 106 -23.17 30.80 -14.28
C VAL B 106 -22.66 29.37 -14.26
N VAL B 107 -21.71 29.05 -13.39
CA VAL B 107 -21.04 27.74 -13.38
C VAL B 107 -21.96 26.74 -12.65
N PRO B 108 -22.38 26.95 -11.39
CA PRO B 108 -23.39 26.02 -10.81
C PRO B 108 -24.63 25.89 -11.64
N THR B 109 -25.14 27.02 -12.16
CA THR B 109 -26.38 27.00 -12.94
C THR B 109 -26.24 26.19 -14.23
N ALA B 110 -25.12 26.28 -14.90
CA ALA B 110 -24.90 25.53 -16.11
C ALA B 110 -24.60 24.06 -15.84
N ILE B 111 -24.20 23.71 -14.63
CA ILE B 111 -23.89 22.34 -14.29
C ILE B 111 -25.13 21.64 -13.79
N ARG B 112 -25.70 22.16 -12.72
CA ARG B 112 -27.02 21.78 -12.27
C ARG B 112 -27.98 21.52 -13.44
N ALA B 113 -27.99 22.42 -14.44
CA ALA B 113 -28.96 22.32 -15.52
C ALA B 113 -28.61 21.17 -16.46
N PHE B 114 -27.34 21.07 -16.83
CA PHE B 114 -26.90 19.97 -17.67
C PHE B 114 -27.12 18.65 -16.93
N ARG B 115 -26.82 18.62 -15.63
CA ARG B 115 -27.01 17.37 -14.88
C ARG B 115 -28.45 16.90 -14.97
N ARG B 116 -29.39 17.84 -15.00
CA ARG B 116 -30.79 17.49 -15.11
C ARG B 116 -31.08 16.92 -16.49
N ALA B 117 -30.59 17.60 -17.52
CA ALA B 117 -30.95 17.25 -18.86
C ALA B 117 -30.24 15.99 -19.33
N TYR B 118 -29.09 15.66 -18.77
CA TYR B 118 -28.27 14.58 -19.31
C TYR B 118 -27.69 13.77 -18.18
N PRO B 119 -28.53 13.03 -17.45
CA PRO B 119 -28.02 12.32 -16.27
C PRO B 119 -27.05 11.20 -16.62
N ASP B 120 -26.94 10.85 -17.89
CA ASP B 120 -26.12 9.69 -18.24
C ASP B 120 -24.66 10.08 -18.33
N VAL B 121 -24.37 11.35 -18.63
CA VAL B 121 -22.98 11.79 -18.63
C VAL B 121 -22.48 11.90 -17.20
N ARG B 122 -21.33 11.32 -16.94
CA ARG B 122 -20.74 11.36 -15.62
C ARG B 122 -19.92 12.65 -15.63
N LEU B 123 -20.37 13.67 -14.90
CA LEU B 123 -19.57 14.89 -14.80
C LEU B 123 -18.33 14.61 -13.97
N GLN B 124 -17.20 15.13 -14.43
CA GLN B 124 -15.95 15.12 -13.67
C GLN B 124 -15.50 16.56 -13.50
N LEU B 125 -15.53 17.07 -12.27
CA LEU B 125 -15.14 18.45 -12.02
C LEU B 125 -13.70 18.51 -11.55
N GLU B 126 -12.91 19.37 -12.20
CA GLU B 126 -11.54 19.71 -11.83
C GLU B 126 -11.49 21.22 -11.60
N GLU B 127 -11.30 21.64 -10.32
CA GLU B 127 -11.16 23.04 -9.91
C GLU B 127 -9.68 23.40 -9.88
N ASP B 128 -9.29 24.33 -10.74
CA ASP B 128 -7.88 24.67 -10.87
C ASP B 128 -7.77 26.02 -11.56
N ASN B 129 -6.60 26.65 -11.46
CA ASN B 129 -6.44 27.97 -12.06
C ASN B 129 -6.23 27.89 -13.57
N THR B 130 -6.57 29.01 -14.25
CA THR B 130 -6.71 29.02 -15.71
C THR B 130 -5.55 28.36 -16.43
N THR B 131 -4.32 28.69 -16.08
CA THR B 131 -3.19 28.11 -16.80
C THR B 131 -3.20 26.57 -16.76
N ARG B 132 -3.54 25.95 -15.62
CA ARG B 132 -3.61 24.49 -15.64
C ARG B 132 -4.84 23.99 -16.38
N LEU B 133 -5.94 24.75 -16.32
CA LEU B 133 -7.15 24.45 -17.10
C LEU B 133 -6.82 24.28 -18.58
N ALA B 134 -6.20 25.29 -19.19
CA ALA B 134 -5.74 25.17 -20.56
C ALA B 134 -4.83 23.96 -20.76
N ASP B 135 -3.82 23.80 -19.91
CA ASP B 135 -2.98 22.59 -19.93
C ASP B 135 -3.83 21.33 -20.01
N GLY B 136 -4.86 21.21 -19.17
CA GLY B 136 -5.69 20.02 -19.20
C GLY B 136 -6.50 19.91 -20.48
N LEU B 137 -6.89 21.05 -21.07
CA LEU B 137 -7.52 21.02 -22.39
C LEU B 137 -6.58 20.46 -23.44
N ASN B 138 -5.32 20.89 -23.40
CA ASN B 138 -4.33 20.43 -24.36
C ASN B 138 -3.95 18.96 -24.17
N GLU B 139 -3.39 18.62 -23.00
CA GLU B 139 -2.98 17.22 -22.78
C GLU B 139 -4.19 16.29 -22.82
N GLY B 140 -5.41 16.83 -22.78
CA GLY B 140 -6.63 16.09 -23.00
C GLY B 140 -7.37 15.64 -21.76
N SER B 141 -6.99 16.10 -20.58
CA SER B 141 -7.60 15.62 -19.36
C SER B 141 -8.92 16.33 -19.04
N LEU B 142 -9.19 17.45 -19.73
CA LEU B 142 -10.35 18.31 -19.54
C LEU B 142 -11.00 18.57 -20.89
N ASP B 143 -12.34 18.51 -20.98
CA ASP B 143 -12.93 18.72 -22.32
C ASP B 143 -13.58 20.10 -22.46
N VAL B 144 -14.04 20.70 -21.35
CA VAL B 144 -14.46 22.10 -21.29
C VAL B 144 -14.00 22.78 -20.01
N ALA B 145 -13.75 24.08 -20.12
CA ALA B 145 -13.32 24.83 -18.94
C ALA B 145 -13.98 26.20 -18.88
N PHE B 146 -14.38 26.57 -17.67
CA PHE B 146 -14.76 27.94 -17.34
C PHE B 146 -13.49 28.63 -16.88
N LEU B 147 -13.10 29.71 -17.56
CA LEU B 147 -11.78 30.31 -17.33
C LEU B 147 -11.79 31.80 -17.69
N ARG B 148 -10.60 32.43 -17.61
CA ARG B 148 -10.40 33.87 -17.76
C ARG B 148 -9.70 34.14 -19.08
N PRO B 149 -10.35 34.88 -19.98
CA PRO B 149 -9.80 35.04 -21.31
C PRO B 149 -8.52 35.83 -21.30
N GLY B 150 -7.99 35.96 -22.50
CA GLY B 150 -6.83 36.76 -22.76
C GLY B 150 -5.53 36.16 -22.27
N PHE B 151 -5.51 34.88 -21.93
CA PHE B 151 -4.26 34.24 -21.62
C PHE B 151 -3.50 33.92 -22.92
N ALA B 152 -2.24 33.50 -22.75
CA ALA B 152 -1.41 33.13 -23.90
C ALA B 152 -1.66 31.67 -24.28
N GLY B 153 -1.58 31.39 -25.57
CA GLY B 153 -2.05 30.13 -26.09
C GLY B 153 -3.55 30.01 -26.18
N SER B 154 -4.29 31.13 -26.09
CA SER B 154 -5.74 31.23 -26.20
C SER B 154 -6.27 31.17 -27.62
N GLU B 155 -5.40 31.11 -28.60
CA GLU B 155 -5.78 30.99 -30.00
C GLU B 155 -5.81 29.54 -30.44
N ARG B 156 -5.43 28.61 -29.57
CA ARG B 156 -5.44 27.19 -29.86
C ARG B 156 -6.74 26.54 -29.44
N PHE B 157 -7.65 27.33 -28.89
CA PHE B 157 -8.88 26.82 -28.31
C PHE B 157 -10.07 27.59 -28.88
N HIS B 158 -11.25 27.23 -28.39
CA HIS B 158 -12.44 28.03 -28.63
C HIS B 158 -12.80 28.69 -27.31
N LEU B 159 -13.13 29.98 -27.37
CA LEU B 159 -13.49 30.72 -26.17
C LEU B 159 -14.69 31.57 -26.52
N ARG B 160 -15.78 31.41 -25.76
CA ARG B 160 -16.97 32.23 -25.95
C ARG B 160 -17.23 32.95 -24.63
N MET B 161 -17.36 34.27 -24.68
CA MET B 161 -17.49 35.03 -23.43
C MET B 161 -18.79 34.69 -22.73
N LEU B 162 -18.70 34.52 -21.41
CA LEU B 162 -19.80 34.08 -20.58
C LEU B 162 -20.30 35.17 -19.66
N SER B 163 -19.42 35.79 -18.88
CA SER B 163 -19.90 36.89 -18.06
C SER B 163 -18.76 37.83 -17.75
N GLU B 164 -19.12 38.88 -17.06
CA GLU B 164 -18.25 39.99 -16.77
C GLU B 164 -18.82 40.58 -15.50
N GLU B 165 -18.12 40.39 -14.44
CA GLU B 165 -18.70 41.04 -13.30
C GLU B 165 -17.74 42.06 -12.75
N PRO B 166 -18.26 43.12 -12.17
CA PRO B 166 -17.39 44.16 -11.67
C PRO B 166 -16.68 43.64 -10.46
N MET B 167 -15.52 44.18 -10.25
CA MET B 167 -14.80 43.85 -9.05
C MET B 167 -15.00 44.96 -8.05
N MET B 168 -15.29 44.55 -6.85
CA MET B 168 -15.56 45.42 -5.73
C MET B 168 -14.41 45.36 -4.76
N ILE B 169 -14.66 45.79 -3.55
CA ILE B 169 -13.60 45.92 -2.58
C ILE B 169 -14.14 45.42 -1.28
N VAL B 170 -13.43 44.55 -0.65
CA VAL B 170 -13.82 44.11 0.65
C VAL B 170 -12.89 44.82 1.62
N MET B 171 -13.43 45.24 2.76
CA MET B 171 -12.67 45.96 3.77
C MET B 171 -13.32 45.60 5.08
N ALA B 172 -12.58 45.81 6.16
CA ALA B 172 -13.11 45.49 7.47
C ALA B 172 -14.23 46.48 7.79
N GLU B 173 -15.15 46.09 8.66
CA GLU B 173 -16.34 46.92 8.76
C GLU B 173 -16.10 48.23 9.48
N ASN B 174 -15.08 48.30 10.32
CA ASN B 174 -14.79 49.56 10.99
C ASN B 174 -13.64 50.27 10.31
N HIS B 175 -13.58 50.21 8.97
CA HIS B 175 -12.60 50.96 8.18
C HIS B 175 -13.10 52.38 8.01
N PRO B 176 -12.22 53.39 7.93
CA PRO B 176 -12.71 54.73 7.59
C PRO B 176 -13.59 54.75 6.37
N ALA B 177 -13.22 53.98 5.32
CA ALA B 177 -13.80 53.93 3.98
C ALA B 177 -15.17 53.31 3.96
N ALA B 178 -15.51 52.52 4.96
CA ALA B 178 -16.87 52.01 5.04
C ALA B 178 -17.87 53.13 4.82
N SER B 179 -17.58 54.33 5.30
CA SER B 179 -18.65 55.32 5.49
C SER B 179 -18.95 56.08 4.21
N TYR B 180 -18.03 56.08 3.24
CA TYR B 180 -18.30 56.66 1.94
C TYR B 180 -19.30 55.80 1.15
N GLU B 181 -20.32 56.44 0.58
CA GLU B 181 -21.21 55.73 -0.34
C GLU B 181 -20.42 55.10 -1.47
N GLU B 182 -19.77 55.92 -2.29
CA GLU B 182 -18.92 55.44 -3.38
C GLU B 182 -17.47 55.78 -3.06
N ILE B 183 -16.62 54.76 -3.11
CA ILE B 183 -15.22 54.83 -2.72
C ILE B 183 -14.35 54.92 -3.96
N SER B 184 -13.20 55.56 -3.85
CA SER B 184 -12.25 55.53 -4.94
C SER B 184 -11.12 54.55 -4.64
N LEU B 185 -10.25 54.32 -5.62
CA LEU B 185 -9.02 53.57 -5.41
C LEU B 185 -7.89 54.46 -4.97
N SER B 186 -7.95 55.73 -5.33
CA SER B 186 -6.96 56.67 -4.86
C SER B 186 -6.89 56.62 -3.34
N ALA B 187 -8.05 56.57 -2.69
CA ALA B 187 -8.15 56.65 -1.25
C ALA B 187 -7.53 55.46 -0.53
N PHE B 188 -6.95 54.50 -1.25
CA PHE B 188 -6.26 53.37 -0.64
C PHE B 188 -4.76 53.33 -0.96
N ARG B 189 -4.20 54.46 -1.38
CA ARG B 189 -2.81 54.45 -1.82
C ARG B 189 -1.90 53.95 -0.72
N ASP B 190 -1.97 54.55 0.46
CA ASP B 190 -1.09 54.16 1.55
C ASP B 190 -1.62 52.93 2.29
N GLU B 191 -2.59 52.24 1.71
CA GLU B 191 -3.24 51.12 2.36
C GLU B 191 -2.50 49.82 2.05
N THR B 192 -2.80 48.79 2.84
CA THR B 192 -2.23 47.47 2.61
C THR B 192 -3.24 46.61 1.87
N PHE B 193 -2.81 46.05 0.74
CA PHE B 193 -3.67 45.23 -0.09
C PHE B 193 -3.33 43.78 0.18
N LEU B 194 -4.36 42.98 0.23
CA LEU B 194 -4.28 41.54 0.42
C LEU B 194 -4.75 40.86 -0.85
N LEU B 195 -3.80 40.58 -1.73
CA LEU B 195 -4.05 39.77 -2.91
C LEU B 195 -3.27 38.48 -2.74
N PHE B 196 -3.93 37.36 -2.98
CA PHE B 196 -3.13 36.18 -3.10
C PHE B 196 -3.37 35.62 -4.48
N PRO B 197 -2.34 35.42 -5.30
CA PRO B 197 -2.58 34.93 -6.66
C PRO B 197 -3.28 33.58 -6.69
N ARG B 198 -3.07 32.76 -5.66
CA ARG B 198 -3.71 31.46 -5.64
C ARG B 198 -5.23 31.56 -5.62
N GLU B 199 -5.79 32.44 -4.77
CA GLU B 199 -7.23 32.52 -4.60
C GLU B 199 -7.92 33.10 -5.83
N ILE B 200 -7.38 34.20 -6.34
CA ILE B 200 -8.04 34.97 -7.35
C ILE B 200 -7.56 34.59 -8.74
N GLY B 201 -6.26 34.41 -8.89
CA GLY B 201 -5.73 33.93 -10.15
C GLY B 201 -4.92 35.01 -10.82
N LEU B 202 -3.95 34.63 -11.64
CA LEU B 202 -2.99 35.59 -12.21
C LEU B 202 -3.69 36.73 -12.89
N THR B 203 -4.52 36.38 -13.88
CA THR B 203 -5.15 37.33 -14.76
C THR B 203 -5.89 38.41 -13.98
N LEU B 204 -6.66 38.02 -12.95
CA LEU B 204 -7.31 38.96 -12.05
C LEU B 204 -6.30 39.71 -11.19
N TYR B 205 -5.31 39.00 -10.65
CA TYR B 205 -4.37 39.62 -9.72
C TYR B 205 -3.62 40.75 -10.40
N ASP B 206 -3.12 40.51 -11.62
CA ASP B 206 -2.31 41.52 -12.29
C ASP B 206 -3.17 42.71 -12.71
N SER B 207 -4.44 42.47 -13.07
CA SER B 207 -5.29 43.57 -13.48
C SER B 207 -5.62 44.47 -12.29
N VAL B 208 -5.85 43.88 -11.10
CA VAL B 208 -6.07 44.68 -9.91
C VAL B 208 -4.86 45.57 -9.62
N ILE B 209 -3.64 44.99 -9.64
CA ILE B 209 -2.39 45.77 -9.60
C ILE B 209 -2.39 46.85 -10.68
N GLU B 210 -2.57 46.45 -11.95
CA GLU B 210 -2.70 47.45 -13.01
C GLU B 210 -3.68 48.55 -12.60
N SER B 211 -4.85 48.17 -12.04
CA SER B 211 -5.88 49.14 -11.67
C SER B 211 -5.39 50.14 -10.65
N CYS B 212 -4.69 49.67 -9.61
CA CYS B 212 -4.15 50.62 -8.65
C CYS B 212 -3.23 51.59 -9.34
N ARG B 213 -2.37 51.07 -10.22
CA ARG B 213 -1.41 51.92 -10.91
C ARG B 213 -2.12 52.98 -11.73
N THR B 214 -3.15 52.58 -12.47
CA THR B 214 -3.99 53.56 -13.14
C THR B 214 -4.53 54.59 -12.16
N ALA B 215 -4.76 54.23 -10.88
CA ALA B 215 -5.23 55.24 -9.95
C ALA B 215 -4.12 56.24 -9.61
N GLY B 216 -2.88 55.80 -9.58
CA GLY B 216 -1.82 56.72 -9.25
C GLY B 216 -0.99 56.22 -8.08
N PHE B 217 -0.85 54.89 -7.94
CA PHE B 217 0.09 54.40 -6.94
C PHE B 217 0.39 52.94 -7.23
N GLU B 218 1.51 52.48 -6.68
CA GLU B 218 1.88 51.08 -6.73
C GLU B 218 1.37 50.49 -5.44
N PRO B 219 0.48 49.52 -5.50
CA PRO B 219 -0.17 49.07 -4.27
C PRO B 219 0.80 48.27 -3.42
N THR B 220 0.85 48.62 -2.14
CA THR B 220 1.75 47.96 -1.20
C THR B 220 1.13 46.62 -0.85
N ILE B 221 1.68 45.52 -1.38
CA ILE B 221 1.19 44.12 -1.22
C ILE B 221 1.49 43.59 0.17
N GLY B 222 0.41 43.22 0.83
CA GLY B 222 0.33 42.74 2.22
C GLY B 222 1.09 41.48 2.55
N GLN B 223 0.62 40.30 2.19
CA GLN B 223 1.42 39.17 2.67
C GLN B 223 1.83 38.27 1.55
N LEU B 224 3.10 38.32 1.20
CA LEU B 224 3.67 37.45 0.16
C LEU B 224 3.80 36.00 0.66
N ALA B 225 4.19 35.84 1.94
CA ALA B 225 4.57 34.59 2.65
C ALA B 225 3.43 33.64 2.97
N PRO B 226 3.56 32.33 2.71
CA PRO B 226 2.51 31.37 3.01
C PRO B 226 1.12 31.77 2.51
N GLN B 227 0.99 32.11 1.24
CA GLN B 227 -0.31 32.51 0.65
C GLN B 227 -1.41 31.53 1.06
N ILE B 228 -2.54 32.04 1.52
CA ILE B 228 -3.66 31.21 2.00
C ILE B 228 -4.89 31.63 1.22
N ALA B 229 -5.72 30.69 0.81
CA ALA B 229 -6.97 31.08 0.13
C ALA B 229 -7.88 31.66 1.18
N SER B 230 -8.69 32.61 0.76
CA SER B 230 -9.65 33.46 1.47
C SER B 230 -8.97 34.56 2.27
N VAL B 231 -8.82 35.70 1.59
CA VAL B 231 -8.49 36.97 2.20
C VAL B 231 -9.58 37.54 3.07
N ILE B 232 -10.84 37.19 2.83
CA ILE B 232 -11.86 37.97 3.51
C ILE B 232 -11.66 37.81 4.99
N ASN B 233 -10.95 36.74 5.37
CA ASN B 233 -10.91 36.42 6.76
C ASN B 233 -9.77 37.22 7.39
N LEU B 234 -8.71 37.47 6.62
CA LEU B 234 -7.69 38.42 7.07
C LEU B 234 -8.17 39.87 6.98
N VAL B 235 -9.15 40.18 6.11
CA VAL B 235 -9.73 41.51 6.09
C VAL B 235 -10.62 41.71 7.29
N ALA B 236 -11.34 40.68 7.72
CA ALA B 236 -12.12 40.80 8.94
C ALA B 236 -11.24 41.09 10.12
N ALA B 237 -9.99 40.65 10.07
CA ALA B 237 -8.97 40.84 11.08
C ALA B 237 -8.16 42.11 10.86
N GLU B 238 -8.69 43.05 10.10
CA GLU B 238 -8.13 44.39 9.99
C GLU B 238 -6.71 44.39 9.47
N MET B 239 -6.28 43.33 8.78
CA MET B 239 -4.96 43.30 8.18
C MET B 239 -4.86 43.90 6.78
N GLY B 240 -5.95 44.32 6.19
CA GLY B 240 -5.82 44.95 4.91
C GLY B 240 -7.14 45.19 4.26
N VAL B 241 -7.06 45.32 2.94
CA VAL B 241 -8.20 45.51 2.08
C VAL B 241 -7.91 44.68 0.84
N SER B 242 -8.92 44.03 0.31
CA SER B 242 -8.73 43.29 -0.92
C SER B 242 -9.81 43.66 -1.94
N ILE B 243 -9.52 43.31 -3.19
CA ILE B 243 -10.38 43.57 -4.31
C ILE B 243 -10.83 42.22 -4.86
N VAL B 244 -12.14 41.98 -4.86
CA VAL B 244 -12.61 40.65 -5.24
C VAL B 244 -13.75 40.79 -6.26
N PRO B 245 -13.93 39.80 -7.12
CA PRO B 245 -15.09 39.76 -8.02
C PRO B 245 -16.41 39.98 -7.31
N ALA B 246 -17.30 40.75 -7.95
CA ALA B 246 -18.61 40.96 -7.37
C ALA B 246 -19.22 39.65 -6.85
N SER B 247 -18.95 38.48 -7.48
CA SER B 247 -19.50 37.22 -6.97
C SER B 247 -19.14 37.00 -5.51
N MET B 248 -17.94 37.41 -5.10
CA MET B 248 -17.44 37.04 -3.79
C MET B 248 -18.17 37.72 -2.66
N SER B 249 -19.07 38.63 -2.95
CA SER B 249 -19.73 39.33 -1.86
C SER B 249 -20.77 38.48 -1.17
N GLN B 250 -21.01 37.24 -1.63
CA GLN B 250 -21.85 36.28 -0.92
C GLN B 250 -21.13 35.63 0.28
N VAL B 251 -19.82 35.86 0.39
CA VAL B 251 -19.03 35.49 1.54
C VAL B 251 -19.24 36.60 2.57
N LYS B 252 -20.35 36.51 3.32
CA LYS B 252 -20.74 37.49 4.35
C LYS B 252 -20.11 37.14 5.69
N VAL B 253 -18.78 37.17 5.68
CA VAL B 253 -18.00 37.03 6.89
C VAL B 253 -18.25 38.25 7.76
N ILE B 254 -18.62 37.98 9.02
CA ILE B 254 -18.91 39.06 9.94
C ILE B 254 -17.70 39.96 10.11
N GLY B 255 -17.92 41.25 10.00
CA GLY B 255 -16.85 42.22 10.17
C GLY B 255 -16.25 42.71 8.88
N VAL B 256 -16.75 42.28 7.74
CA VAL B 256 -16.35 42.88 6.47
C VAL B 256 -17.57 43.50 5.80
N VAL B 257 -17.30 44.39 4.85
CA VAL B 257 -18.31 45.08 4.05
C VAL B 257 -17.75 45.18 2.65
N TYR B 258 -18.60 45.38 1.65
CA TYR B 258 -18.12 45.41 0.27
C TYR B 258 -18.66 46.68 -0.39
N ARG B 259 -17.82 47.39 -1.14
CA ARG B 259 -18.26 48.61 -1.80
C ARG B 259 -17.77 48.65 -3.24
N HIS B 260 -18.56 49.29 -4.09
CA HIS B 260 -18.31 49.41 -5.51
C HIS B 260 -17.22 50.45 -5.75
N ILE B 261 -16.58 50.37 -6.92
CA ILE B 261 -15.38 51.17 -7.19
C ILE B 261 -15.73 52.27 -8.18
N ALA B 262 -15.66 53.54 -7.74
CA ALA B 262 -16.01 54.66 -8.61
C ALA B 262 -14.98 54.83 -9.73
N ASP B 263 -13.70 54.56 -9.46
CA ASP B 263 -12.70 54.56 -10.52
C ASP B 263 -13.08 53.50 -11.54
N GLN B 264 -13.04 53.84 -12.83
CA GLN B 264 -13.41 52.85 -13.85
C GLN B 264 -12.37 51.74 -13.87
N THR B 265 -12.74 50.54 -13.46
CA THR B 265 -11.73 49.49 -13.39
C THR B 265 -11.92 48.50 -14.53
N PRO B 266 -10.99 47.55 -14.73
CA PRO B 266 -11.32 46.35 -15.50
C PRO B 266 -12.13 45.39 -14.64
N THR B 267 -12.97 44.64 -15.31
CA THR B 267 -13.88 43.81 -14.59
C THR B 267 -13.35 42.40 -14.62
N ALA B 268 -14.01 41.51 -13.90
CA ALA B 268 -13.61 40.12 -13.84
C ALA B 268 -14.35 39.34 -14.91
N LYS B 269 -13.61 38.79 -15.87
CA LYS B 269 -14.14 38.16 -17.08
C LYS B 269 -14.17 36.66 -16.92
N LEU B 270 -15.08 36.04 -17.67
CA LEU B 270 -15.09 34.59 -17.64
C LEU B 270 -15.51 34.10 -19.01
N ALA B 271 -14.70 33.22 -19.60
CA ALA B 271 -15.05 32.61 -20.86
C ALA B 271 -15.43 31.15 -20.59
N LEU B 272 -15.81 30.45 -21.67
CA LEU B 272 -16.05 29.02 -21.62
C LEU B 272 -15.32 28.43 -22.82
N ALA B 273 -14.45 27.41 -22.59
CA ALA B 273 -13.46 26.97 -23.56
C ALA B 273 -13.44 25.46 -23.78
N TYR B 274 -13.27 25.07 -25.04
CA TYR B 274 -13.12 23.70 -25.48
C TYR B 274 -12.13 23.71 -26.62
N ARG B 275 -11.63 22.54 -26.97
CA ARG B 275 -10.64 22.46 -28.04
C ARG B 275 -11.25 22.83 -29.37
N ARG B 276 -10.41 23.39 -30.25
CA ARG B 276 -10.87 23.64 -31.60
C ARG B 276 -11.05 22.28 -32.27
N GLY B 277 -12.20 22.09 -32.90
CA GLY B 277 -12.49 20.87 -33.59
C GLY B 277 -12.80 19.64 -32.74
N ASP B 278 -13.03 19.78 -31.44
CA ASP B 278 -13.63 18.69 -30.70
C ASP B 278 -14.99 18.35 -31.27
N THR B 279 -15.14 17.13 -31.77
CA THR B 279 -16.36 16.75 -32.48
C THR B 279 -17.24 15.79 -31.68
N SER B 280 -17.26 15.97 -30.33
CA SER B 280 -18.15 15.23 -29.43
C SER B 280 -19.58 15.80 -29.51
N PRO B 281 -20.61 14.95 -29.56
CA PRO B 281 -21.95 15.43 -29.24
C PRO B 281 -22.18 15.59 -27.75
N VAL B 282 -21.36 15.00 -26.90
CA VAL B 282 -21.59 15.20 -25.49
C VAL B 282 -21.07 16.57 -25.09
N LEU B 283 -19.95 16.96 -25.69
CA LEU B 283 -19.32 18.26 -25.47
C LEU B 283 -20.24 19.37 -25.95
N ARG B 284 -20.86 19.15 -27.11
CA ARG B 284 -21.75 20.16 -27.65
C ARG B 284 -23.00 20.31 -26.80
N ASN B 285 -23.38 19.28 -26.06
CA ASN B 285 -24.53 19.48 -25.23
C ASN B 285 -24.20 20.38 -24.05
N PHE B 286 -22.92 20.39 -23.63
CA PHE B 286 -22.54 21.27 -22.55
C PHE B 286 -22.51 22.71 -23.03
N VAL B 287 -21.93 22.95 -24.19
CA VAL B 287 -21.83 24.32 -24.68
C VAL B 287 -23.24 24.89 -24.90
N LEU B 288 -24.12 24.12 -25.57
CA LEU B 288 -25.46 24.60 -25.85
C LEU B 288 -26.24 24.87 -24.58
N THR B 289 -25.93 24.14 -23.51
CA THR B 289 -26.61 24.36 -22.24
C THR B 289 -26.16 25.66 -21.60
N VAL B 290 -24.91 26.07 -21.87
CA VAL B 290 -24.42 27.34 -21.36
C VAL B 290 -24.91 28.48 -22.24
N PHE B 291 -24.91 28.27 -23.53
CA PHE B 291 -25.28 29.29 -24.50
C PHE B 291 -26.50 28.81 -25.29
N PRO B 292 -27.70 28.80 -24.70
CA PRO B 292 -28.97 28.42 -25.35
C PRO B 292 -29.72 29.54 -26.09
N VAL C 86 13.43 53.77 -11.51
CA VAL C 86 13.43 53.13 -12.80
C VAL C 86 11.99 52.75 -13.18
N ARG C 87 11.79 52.41 -14.46
CA ARG C 87 10.54 51.81 -14.92
C ARG C 87 10.58 50.35 -14.52
N GLY C 88 10.10 50.05 -13.32
CA GLY C 88 10.21 48.73 -12.73
C GLY C 88 11.04 48.68 -11.45
N GLU C 89 11.38 49.83 -10.89
CA GLU C 89 12.22 49.87 -9.71
C GLU C 89 11.41 49.69 -8.45
N LEU C 90 10.10 49.50 -8.55
CA LEU C 90 9.23 49.40 -7.38
C LEU C 90 8.29 48.20 -7.48
N GLY C 91 8.16 47.48 -6.39
CA GLY C 91 7.18 46.43 -6.32
C GLY C 91 7.75 45.24 -5.58
N VAL C 92 7.15 44.08 -5.86
CA VAL C 92 7.54 42.81 -5.25
C VAL C 92 7.89 41.85 -6.38
N LEU C 93 8.83 40.95 -6.09
CA LEU C 93 9.34 39.98 -7.04
C LEU C 93 9.50 38.65 -6.34
N ARG C 94 8.80 37.63 -6.84
CA ARG C 94 8.75 36.33 -6.17
C ARG C 94 9.72 35.36 -6.81
N VAL C 95 10.71 34.90 -6.06
CA VAL C 95 11.81 34.11 -6.62
C VAL C 95 11.90 32.76 -5.96
N GLY C 96 12.30 31.75 -6.74
CA GLY C 96 12.45 30.40 -6.22
C GLY C 96 13.69 29.69 -6.73
N PHE C 97 14.15 28.71 -5.95
CA PHE C 97 15.29 27.88 -6.35
C PHE C 97 15.07 26.51 -5.73
N THR C 98 15.76 25.48 -6.27
CA THR C 98 15.77 24.18 -5.61
C THR C 98 16.70 24.23 -4.40
N ALA C 99 16.44 23.34 -3.43
CA ALA C 99 17.23 23.33 -2.20
C ALA C 99 18.72 23.30 -2.49
N SER C 100 19.12 22.58 -3.53
CA SER C 100 20.51 22.39 -3.90
C SER C 100 20.99 23.36 -4.96
N SER C 101 20.14 24.21 -5.50
CA SER C 101 20.56 25.23 -6.46
C SER C 101 21.09 26.46 -5.76
N ALA C 102 20.65 26.71 -4.53
CA ALA C 102 21.22 27.80 -3.78
C ALA C 102 22.71 27.59 -3.61
N PHE C 103 23.16 26.32 -3.58
CA PHE C 103 24.57 25.99 -3.48
C PHE C 103 25.32 26.19 -4.80
N ASN C 104 24.63 26.24 -5.94
CA ASN C 104 25.21 26.83 -7.15
C ASN C 104 25.53 28.30 -6.97
N SER C 105 26.78 28.67 -7.22
CA SER C 105 27.20 30.04 -6.97
C SER C 105 26.38 31.06 -7.75
N VAL C 106 25.80 30.66 -8.88
CA VAL C 106 25.01 31.59 -9.69
C VAL C 106 23.84 32.16 -8.88
N VAL C 107 23.09 31.32 -8.17
CA VAL C 107 21.84 31.75 -7.53
C VAL C 107 22.10 32.84 -6.50
N PRO C 108 23.01 32.68 -5.53
CA PRO C 108 23.21 33.81 -4.60
C PRO C 108 23.76 35.03 -5.29
N THR C 109 24.60 34.85 -6.33
CA THR C 109 25.22 35.99 -6.98
C THR C 109 24.19 36.83 -7.74
N ALA C 110 23.23 36.18 -8.42
CA ALA C 110 22.18 36.90 -9.13
C ALA C 110 21.21 37.57 -8.16
N ILE C 111 20.90 36.92 -7.05
CA ILE C 111 20.08 37.54 -6.02
C ILE C 111 20.77 38.78 -5.49
N ARG C 112 22.01 38.59 -5.00
CA ARG C 112 22.90 39.65 -4.55
C ARG C 112 23.03 40.79 -5.55
N ALA C 113 23.46 40.49 -6.79
CA ALA C 113 23.67 41.56 -7.75
C ALA C 113 22.40 42.34 -8.00
N PHE C 114 21.26 41.65 -8.04
CA PHE C 114 20.01 42.36 -8.32
C PHE C 114 19.63 43.29 -7.20
N ARG C 115 20.08 42.99 -5.97
CA ARG C 115 19.77 43.87 -4.85
C ARG C 115 20.60 45.17 -4.91
N ARG C 116 21.80 45.15 -5.52
CA ARG C 116 22.45 46.42 -5.80
C ARG C 116 21.54 47.25 -6.71
N ALA C 117 21.16 46.67 -7.86
CA ALA C 117 20.51 47.40 -8.94
C ALA C 117 19.13 47.90 -8.56
N TYR C 118 18.31 47.05 -7.95
CA TYR C 118 16.96 47.46 -7.57
C TYR C 118 16.86 47.27 -6.07
N PRO C 119 17.44 48.16 -5.29
CA PRO C 119 17.30 48.01 -3.84
C PRO C 119 15.88 48.17 -3.38
N ASP C 120 15.03 48.85 -4.17
CA ASP C 120 13.68 49.16 -3.74
C ASP C 120 12.75 47.95 -3.93
N VAL C 121 12.98 47.13 -4.96
CA VAL C 121 12.12 45.98 -5.18
C VAL C 121 12.18 45.08 -3.96
N ARG C 122 11.02 44.78 -3.37
CA ARG C 122 10.94 43.91 -2.22
C ARG C 122 10.98 42.46 -2.69
N LEU C 123 11.76 41.62 -2.01
CA LEU C 123 12.07 40.28 -2.50
C LEU C 123 11.32 39.24 -1.68
N GLN C 124 10.78 38.22 -2.36
CA GLN C 124 10.28 37.05 -1.68
C GLN C 124 10.87 35.80 -2.27
N LEU C 125 11.66 35.12 -1.46
CA LEU C 125 12.41 33.96 -1.86
C LEU C 125 11.64 32.75 -1.38
N GLU C 126 11.58 31.70 -2.21
CA GLU C 126 10.98 30.45 -1.79
C GLU C 126 11.74 29.30 -2.43
N GLU C 127 12.13 28.32 -1.62
CA GLU C 127 12.99 27.21 -2.00
C GLU C 127 12.22 25.91 -2.04
N ASP C 128 12.10 25.32 -3.23
CA ASP C 128 11.25 24.16 -3.43
C ASP C 128 11.63 23.42 -4.70
N ASN C 129 11.05 22.21 -4.84
CA ASN C 129 11.41 21.28 -5.90
C ASN C 129 11.03 21.85 -7.27
N THR C 130 11.71 21.36 -8.32
CA THR C 130 11.51 21.94 -9.65
C THR C 130 10.07 21.79 -10.11
N THR C 131 9.43 20.68 -9.78
CA THR C 131 8.02 20.54 -10.07
C THR C 131 7.21 21.61 -9.33
N ARG C 132 7.54 21.87 -8.05
CA ARG C 132 6.76 22.85 -7.28
C ARG C 132 7.00 24.26 -7.81
N LEU C 133 8.25 24.56 -8.17
CA LEU C 133 8.58 25.84 -8.76
C LEU C 133 7.74 26.06 -10.01
N ALA C 134 7.74 25.06 -10.92
CA ALA C 134 6.90 25.08 -12.11
C ALA C 134 5.44 25.28 -11.78
N ASP C 135 4.92 24.46 -10.85
CA ASP C 135 3.57 24.67 -10.34
C ASP C 135 3.39 26.11 -9.87
N GLY C 136 4.40 26.69 -9.21
CA GLY C 136 4.27 28.04 -8.72
C GLY C 136 4.39 29.09 -9.82
N LEU C 137 5.22 28.81 -10.84
CA LEU C 137 5.33 29.75 -11.95
C LEU C 137 4.05 29.76 -12.76
N ASN C 138 3.42 28.59 -12.90
CA ASN C 138 2.04 28.52 -13.38
C ASN C 138 1.09 29.32 -12.47
N GLU C 139 1.01 28.92 -11.19
CA GLU C 139 0.04 29.48 -10.25
C GLU C 139 0.24 30.97 -10.01
N GLY C 140 1.37 31.54 -10.44
CA GLY C 140 1.65 32.94 -10.23
C GLY C 140 2.00 33.30 -8.81
N SER C 141 2.29 32.31 -7.98
CA SER C 141 2.86 32.46 -6.66
C SER C 141 4.38 32.63 -6.69
N LEU C 142 4.94 32.70 -7.90
CA LEU C 142 6.34 32.94 -8.21
C LEU C 142 6.40 33.65 -9.56
N ASP C 143 7.37 34.54 -9.73
CA ASP C 143 7.54 35.29 -10.96
C ASP C 143 8.77 34.89 -11.73
N VAL C 144 9.84 34.55 -11.04
CA VAL C 144 11.08 34.08 -11.64
C VAL C 144 11.59 32.96 -10.76
N ALA C 145 12.33 32.03 -11.36
CA ALA C 145 12.70 30.81 -10.67
C ALA C 145 14.10 30.40 -11.08
N PHE C 146 14.69 29.55 -10.27
CA PHE C 146 15.91 28.85 -10.65
C PHE C 146 15.56 27.36 -10.65
N LEU C 147 15.45 26.75 -11.82
CA LEU C 147 15.01 25.38 -11.88
C LEU C 147 15.79 24.59 -12.92
N ARG C 148 15.62 23.26 -12.82
CA ARG C 148 16.42 22.31 -13.57
C ARG C 148 15.69 21.93 -14.86
N PRO C 149 16.19 22.31 -16.02
CA PRO C 149 15.44 22.09 -17.24
C PRO C 149 15.23 20.62 -17.55
N GLY C 150 14.26 20.37 -18.42
CA GLY C 150 13.88 19.02 -18.76
C GLY C 150 12.66 18.48 -18.06
N PHE C 151 11.92 19.30 -17.34
CA PHE C 151 10.72 18.76 -16.74
C PHE C 151 9.59 18.68 -17.76
N ALA C 152 8.62 17.83 -17.41
CA ALA C 152 7.44 17.57 -18.25
C ALA C 152 6.56 18.81 -18.28
N GLY C 153 6.57 19.54 -19.38
CA GLY C 153 5.87 20.80 -19.52
C GLY C 153 6.72 22.07 -19.72
N SER C 154 8.01 21.93 -20.01
CA SER C 154 8.95 23.04 -20.13
C SER C 154 8.61 24.03 -21.23
N GLU C 155 7.69 23.66 -22.13
CA GLU C 155 7.33 24.56 -23.23
C GLU C 155 6.63 25.81 -22.71
N ARG C 156 5.88 25.68 -21.60
CA ARG C 156 5.01 26.78 -21.18
C ARG C 156 5.78 28.05 -20.85
N PHE C 157 7.09 27.94 -20.60
CA PHE C 157 7.89 28.98 -19.98
C PHE C 157 9.06 29.35 -20.86
N HIS C 158 9.52 30.59 -20.73
CA HIS C 158 10.85 30.95 -21.20
C HIS C 158 11.82 30.23 -20.29
N LEU C 159 12.88 29.67 -20.87
CA LEU C 159 13.77 28.79 -20.10
C LEU C 159 15.22 29.09 -20.51
N ARG C 160 15.76 30.22 -20.04
CA ARG C 160 17.16 30.52 -20.26
C ARG C 160 18.02 29.68 -19.31
N MET C 161 19.27 29.47 -19.72
CA MET C 161 20.11 28.44 -19.15
C MET C 161 21.30 29.06 -18.43
N LEU C 162 21.59 28.57 -17.24
CA LEU C 162 22.51 29.28 -16.38
C LEU C 162 23.77 28.49 -16.09
N SER C 163 23.68 27.30 -15.51
CA SER C 163 24.89 26.64 -15.05
C SER C 163 24.75 25.14 -15.24
N GLU C 164 25.80 24.53 -15.80
CA GLU C 164 25.78 23.12 -16.17
C GLU C 164 27.00 22.56 -15.46
N GLU C 165 26.83 21.59 -14.57
CA GLU C 165 27.92 21.13 -13.71
C GLU C 165 27.89 19.62 -13.63
N PRO C 166 28.98 18.99 -13.18
CA PRO C 166 29.02 17.52 -13.14
C PRO C 166 28.37 16.97 -11.89
N MET C 167 28.05 15.69 -11.93
CA MET C 167 27.56 15.05 -10.72
C MET C 167 28.72 14.31 -10.09
N MET C 168 29.14 14.76 -8.92
CA MET C 168 30.19 14.04 -8.23
C MET C 168 29.57 13.10 -7.21
N ILE C 169 30.40 12.16 -6.76
CA ILE C 169 30.02 11.18 -5.73
C ILE C 169 30.60 11.65 -4.40
N VAL C 170 29.86 11.51 -3.33
CA VAL C 170 30.38 11.79 -2.01
C VAL C 170 30.48 10.49 -1.20
N MET C 171 31.58 10.34 -0.49
CA MET C 171 31.84 9.09 0.17
C MET C 171 32.81 9.35 1.30
N ALA C 172 32.90 8.39 2.20
CA ALA C 172 33.66 8.56 3.42
C ALA C 172 35.16 8.54 3.14
N GLU C 173 35.92 9.33 3.92
CA GLU C 173 37.33 9.53 3.62
C GLU C 173 38.09 8.21 3.71
N ASN C 174 37.76 7.38 4.68
CA ASN C 174 38.43 6.10 4.81
C ASN C 174 37.83 5.02 3.90
N HIS C 175 37.14 5.41 2.84
CA HIS C 175 36.56 4.43 1.92
C HIS C 175 37.65 3.81 1.05
N PRO C 176 37.53 2.53 0.69
CA PRO C 176 38.57 1.90 -0.15
C PRO C 176 38.94 2.77 -1.34
N ALA C 177 37.94 3.33 -1.98
CA ALA C 177 38.03 3.98 -3.28
C ALA C 177 38.29 5.47 -3.19
N ALA C 178 38.46 6.02 -2.01
CA ALA C 178 38.54 7.45 -1.89
C ALA C 178 39.90 7.97 -2.25
N SER C 179 40.84 7.08 -2.53
CA SER C 179 42.19 7.44 -2.91
C SER C 179 42.30 7.69 -4.40
N TYR C 180 41.17 7.74 -5.10
CA TYR C 180 41.04 7.70 -6.56
C TYR C 180 40.67 9.09 -7.06
N GLU C 181 41.30 9.58 -8.14
CA GLU C 181 40.84 10.87 -8.68
C GLU C 181 39.48 10.70 -9.34
N GLU C 182 39.20 9.49 -9.80
CA GLU C 182 38.02 9.12 -10.57
C GLU C 182 37.32 7.92 -9.96
N ILE C 183 36.05 7.80 -10.33
CA ILE C 183 35.17 6.79 -9.78
C ILE C 183 34.30 6.16 -10.86
N SER C 184 34.04 4.88 -10.68
CA SER C 184 33.15 4.08 -11.49
C SER C 184 32.11 3.49 -10.58
N LEU C 185 30.82 3.73 -10.88
CA LEU C 185 29.77 3.38 -9.94
C LEU C 185 29.56 1.88 -9.88
N SER C 186 30.08 1.16 -10.88
CA SER C 186 30.03 -0.29 -10.87
C SER C 186 30.60 -0.84 -9.58
N ALA C 187 31.75 -0.33 -9.15
CA ALA C 187 32.41 -0.69 -7.90
C ALA C 187 31.62 -0.28 -6.66
N PHE C 188 30.50 0.41 -6.81
CA PHE C 188 29.69 0.86 -5.69
C PHE C 188 28.39 0.12 -5.57
N ARG C 189 28.24 -0.97 -6.33
CA ARG C 189 26.96 -1.66 -6.42
C ARG C 189 26.49 -2.17 -5.06
N ASP C 190 27.40 -2.70 -4.26
CA ASP C 190 26.92 -3.29 -3.04
C ASP C 190 26.84 -2.28 -1.90
N GLU C 191 27.25 -1.03 -2.15
CA GLU C 191 27.15 0.02 -1.18
C GLU C 191 25.70 0.48 -1.12
N THR C 192 25.29 1.03 0.04
CA THR C 192 23.97 1.65 0.17
C THR C 192 24.01 3.07 -0.36
N PHE C 193 22.96 3.47 -1.07
CA PHE C 193 22.90 4.78 -1.72
C PHE C 193 21.85 5.64 -1.04
N LEU C 194 22.29 6.53 -0.15
CA LEU C 194 21.46 7.60 0.40
C LEU C 194 20.97 8.51 -0.72
N LEU C 195 19.68 8.89 -0.67
CA LEU C 195 19.11 9.77 -1.70
C LEU C 195 18.23 10.81 -1.00
N PHE C 196 17.66 11.71 -1.78
CA PHE C 196 16.67 12.64 -1.28
C PHE C 196 15.35 12.38 -1.99
N PRO C 197 14.23 12.71 -1.35
CA PRO C 197 12.93 12.20 -1.82
C PRO C 197 12.51 12.80 -3.16
N ARG C 198 11.98 11.94 -4.04
CA ARG C 198 11.67 12.28 -5.44
C ARG C 198 10.21 12.67 -5.68
N GLY C 201 12.47 15.47 -5.91
CA GLY C 201 13.21 16.06 -7.01
C GLY C 201 13.41 15.10 -8.17
N LEU C 202 12.44 15.07 -9.09
CA LEU C 202 12.44 14.07 -10.17
C LEU C 202 13.70 14.18 -11.04
N THR C 203 14.24 15.39 -11.23
CA THR C 203 15.27 15.65 -12.24
C THR C 203 16.62 15.02 -11.88
N LEU C 204 17.19 15.44 -10.73
CA LEU C 204 18.40 14.81 -10.21
C LEU C 204 18.17 13.33 -9.90
N TYR C 205 17.10 13.01 -9.17
CA TYR C 205 16.85 11.65 -8.70
C TYR C 205 16.77 10.63 -9.84
N ASP C 206 15.98 10.93 -10.89
CA ASP C 206 15.86 9.99 -12.01
C ASP C 206 17.19 9.83 -12.74
N SER C 207 17.91 10.93 -12.95
CA SER C 207 19.25 10.86 -13.52
C SER C 207 20.16 9.95 -12.71
N VAL C 208 20.19 10.14 -11.39
CA VAL C 208 21.00 9.31 -10.50
C VAL C 208 20.74 7.84 -10.75
N ILE C 209 19.46 7.46 -10.71
CA ILE C 209 19.09 6.05 -10.88
C ILE C 209 19.54 5.55 -12.24
N GLU C 210 19.40 6.40 -13.27
CA GLU C 210 19.92 6.06 -14.60
C GLU C 210 21.40 5.74 -14.54
N SER C 211 22.17 6.57 -13.86
CA SER C 211 23.57 6.25 -13.56
C SER C 211 23.71 4.84 -12.97
N CYS C 212 22.85 4.50 -11.99
CA CYS C 212 22.93 3.19 -11.34
C CYS C 212 22.27 2.12 -12.20
N ARG C 213 21.19 2.46 -12.89
CA ARG C 213 20.69 1.59 -13.95
C ARG C 213 21.77 1.37 -15.00
N THR C 214 22.43 2.45 -15.46
CA THR C 214 23.55 2.31 -16.40
C THR C 214 24.55 1.27 -15.92
N ALA C 215 25.03 1.42 -14.70
CA ALA C 215 26.05 0.52 -14.18
C ALA C 215 25.55 -0.90 -13.94
N GLY C 216 24.29 -1.20 -14.21
CA GLY C 216 23.80 -2.55 -14.03
C GLY C 216 23.54 -2.98 -12.61
N PHE C 217 23.00 -2.09 -11.78
CA PHE C 217 22.49 -2.45 -10.46
C PHE C 217 21.35 -1.52 -10.08
N GLU C 218 20.36 -2.09 -9.36
CA GLU C 218 19.39 -1.29 -8.63
C GLU C 218 20.10 -0.71 -7.42
N PRO C 219 20.33 0.60 -7.38
CA PRO C 219 21.07 1.17 -6.24
C PRO C 219 20.29 0.88 -4.98
N THR C 220 20.92 0.20 -4.03
CA THR C 220 20.14 -0.05 -2.81
C THR C 220 19.88 1.28 -2.15
N ILE C 221 18.71 1.87 -2.42
CA ILE C 221 18.38 3.19 -1.92
C ILE C 221 17.81 3.03 -0.52
N GLY C 222 18.58 3.43 0.48
CA GLY C 222 18.10 3.38 1.85
C GLY C 222 17.37 4.64 2.28
N LEU C 224 15.78 8.08 3.92
CA LEU C 224 16.16 9.17 2.99
C LEU C 224 16.23 10.47 3.77
N ALA C 225 17.42 11.10 3.82
CA ALA C 225 17.66 12.28 4.67
C ALA C 225 16.80 13.47 4.28
N PRO C 226 16.45 14.35 5.22
CA PRO C 226 15.52 15.39 4.84
C PRO C 226 16.02 16.35 3.75
N GLN C 227 17.24 16.88 3.90
CA GLN C 227 17.78 17.91 2.98
C GLN C 227 19.14 17.45 2.48
N ILE C 228 19.62 17.99 1.37
CA ILE C 228 20.89 17.42 0.82
C ILE C 228 22.03 17.59 1.80
N ALA C 229 22.12 18.69 2.53
CA ALA C 229 23.26 18.87 3.47
C ALA C 229 23.30 17.80 4.56
N SER C 230 22.14 17.31 4.99
CA SER C 230 21.90 16.27 6.02
C SER C 230 22.45 14.93 5.61
N VAL C 231 22.53 14.67 4.31
CA VAL C 231 23.02 13.40 3.70
C VAL C 231 24.52 13.38 3.77
N ILE C 232 25.16 14.50 3.50
CA ILE C 232 26.61 14.62 3.56
C ILE C 232 27.11 14.29 4.94
N ASN C 233 26.25 14.48 5.95
CA ASN C 233 26.67 14.21 7.32
C ASN C 233 26.54 12.72 7.60
N LEU C 234 25.50 12.13 7.01
CA LEU C 234 25.32 10.68 7.02
C LEU C 234 26.51 9.99 6.37
N VAL C 235 26.91 10.47 5.18
CA VAL C 235 28.11 9.93 4.58
C VAL C 235 29.27 10.06 5.52
N ALA C 236 29.29 11.09 6.34
CA ALA C 236 30.43 11.24 7.21
C ALA C 236 30.40 10.21 8.31
N ALA C 237 29.21 9.74 8.65
CA ALA C 237 29.02 8.63 9.58
C ALA C 237 29.25 7.26 8.93
N GLU C 238 29.65 7.22 7.65
CA GLU C 238 29.81 6.00 6.83
C GLU C 238 28.51 5.21 6.67
N MET C 239 27.40 5.91 6.62
CA MET C 239 26.13 5.24 6.42
C MET C 239 25.84 4.98 4.94
N GLY C 240 26.71 5.41 4.04
CA GLY C 240 26.46 5.16 2.64
C GLY C 240 27.28 6.09 1.79
N VAL C 241 26.92 6.14 0.52
CA VAL C 241 27.46 7.10 -0.42
C VAL C 241 26.28 7.81 -1.07
N SER C 242 26.58 8.72 -1.99
CA SER C 242 25.57 9.63 -2.54
C SER C 242 26.09 10.22 -3.86
N ILE C 243 25.21 10.94 -4.55
CA ILE C 243 25.56 11.59 -5.80
C ILE C 243 24.97 12.99 -5.79
N VAL C 244 25.83 14.00 -5.86
CA VAL C 244 25.45 15.39 -5.65
C VAL C 244 25.92 16.19 -6.87
N PRO C 245 25.47 17.42 -7.00
CA PRO C 245 26.11 18.32 -7.96
C PRO C 245 27.43 18.86 -7.41
N ALA C 246 28.35 19.15 -8.36
CA ALA C 246 29.67 19.63 -7.96
C ALA C 246 29.51 20.81 -7.03
N SER C 247 28.44 21.58 -7.16
CA SER C 247 28.30 22.71 -6.25
C SER C 247 28.24 22.25 -4.79
N MET C 248 27.84 20.99 -4.52
CA MET C 248 27.77 20.53 -3.14
C MET C 248 29.15 20.31 -2.52
N SER C 249 30.20 20.26 -3.32
CA SER C 249 31.48 19.96 -2.74
C SER C 249 32.00 21.10 -1.88
N GLN C 250 31.21 22.16 -1.71
CA GLN C 250 31.46 23.24 -0.77
C GLN C 250 31.09 22.86 0.65
N VAL C 251 30.31 21.81 0.83
CA VAL C 251 30.01 21.27 2.14
C VAL C 251 31.22 20.47 2.65
N LYS C 252 32.27 21.18 3.02
CA LYS C 252 33.53 20.57 3.45
C LYS C 252 33.39 19.95 4.84
N VAL C 253 32.41 19.04 4.96
CA VAL C 253 32.25 18.29 6.19
C VAL C 253 33.49 17.42 6.43
N ILE C 254 34.02 17.46 7.66
CA ILE C 254 35.12 16.58 8.01
C ILE C 254 34.70 15.12 7.85
N GLY C 255 35.54 14.35 7.18
CA GLY C 255 35.36 12.92 7.09
C GLY C 255 34.67 12.45 5.86
N VAL C 256 34.39 13.35 4.89
CA VAL C 256 33.85 12.98 3.59
C VAL C 256 34.85 13.45 2.56
N VAL C 257 34.67 12.99 1.34
CA VAL C 257 35.46 13.42 0.19
C VAL C 257 34.54 13.38 -1.01
N TYR C 258 34.81 14.22 -1.99
CA TYR C 258 34.00 14.29 -3.19
C TYR C 258 34.93 13.93 -4.34
N ARG C 259 34.45 13.08 -5.23
CA ARG C 259 35.30 12.62 -6.33
C ARG C 259 34.48 12.58 -7.60
N HIS C 260 35.20 12.55 -8.71
CA HIS C 260 34.55 12.70 -9.99
C HIS C 260 34.09 11.34 -10.48
N ILE C 261 33.21 11.36 -11.46
CA ILE C 261 32.50 10.17 -11.87
C ILE C 261 32.68 10.06 -13.38
N ALA C 262 33.67 9.30 -13.83
CA ALA C 262 33.67 9.00 -15.27
C ALA C 262 32.95 7.70 -15.52
N ASP C 263 31.71 7.69 -15.06
CA ASP C 263 30.77 6.67 -15.43
C ASP C 263 29.89 7.17 -16.56
N GLN C 264 30.30 8.26 -17.19
CA GLN C 264 29.59 8.89 -18.31
C GLN C 264 28.09 8.94 -18.08
N THR C 265 27.67 9.63 -17.05
CA THR C 265 26.23 9.71 -16.83
C THR C 265 25.88 11.18 -16.97
N PRO C 266 24.66 11.66 -16.70
CA PRO C 266 24.40 13.05 -17.09
C PRO C 266 24.77 13.99 -15.96
N THR C 267 24.60 15.24 -16.28
CA THR C 267 25.09 16.32 -15.45
C THR C 267 23.88 17.08 -14.99
N ALA C 268 24.13 17.94 -14.02
CA ALA C 268 23.10 18.74 -13.39
C ALA C 268 23.03 20.09 -14.10
N LYS C 269 22.07 20.24 -14.99
CA LYS C 269 21.71 21.52 -15.58
C LYS C 269 20.96 22.40 -14.57
N LEU C 270 21.18 23.71 -14.63
CA LEU C 270 20.38 24.65 -13.86
C LEU C 270 19.98 25.78 -14.78
N ALA C 271 18.74 26.23 -14.68
CA ALA C 271 18.21 27.17 -15.64
C ALA C 271 17.34 28.21 -14.95
N LEU C 272 17.22 29.36 -15.60
CA LEU C 272 16.40 30.47 -15.14
C LEU C 272 15.04 30.35 -15.82
N ALA C 273 13.97 30.32 -15.05
CA ALA C 273 12.65 30.14 -15.64
C ALA C 273 11.74 31.27 -15.20
N TYR C 274 11.10 31.91 -16.19
CA TYR C 274 10.04 32.90 -16.04
C TYR C 274 8.98 32.61 -17.09
N ARG C 275 7.84 33.30 -16.99
CA ARG C 275 6.64 32.99 -17.77
C ARG C 275 6.69 33.54 -19.19
N ARG C 276 6.11 32.77 -20.11
CA ARG C 276 5.96 33.23 -21.47
C ARG C 276 4.92 34.34 -21.47
N GLY C 277 5.36 35.53 -21.86
CA GLY C 277 4.45 36.65 -21.92
C GLY C 277 4.23 37.31 -20.60
N ASP C 278 5.28 37.42 -19.79
CA ASP C 278 5.26 38.27 -18.62
C ASP C 278 5.92 39.58 -19.03
N THR C 279 5.11 40.63 -19.11
CA THR C 279 5.57 41.91 -19.63
C THR C 279 6.03 42.88 -18.55
N SER C 280 6.13 42.38 -17.29
CA SER C 280 6.52 43.21 -16.15
C SER C 280 7.96 43.66 -16.23
N PRO C 281 8.23 44.94 -15.99
CA PRO C 281 9.62 45.41 -15.97
C PRO C 281 10.44 44.71 -14.92
N VAL C 282 9.87 44.54 -13.71
CA VAL C 282 10.60 43.96 -12.59
C VAL C 282 11.21 42.63 -13.00
N LEU C 283 10.40 41.79 -13.66
CA LEU C 283 10.91 40.52 -14.18
C LEU C 283 12.00 40.79 -15.19
N ARG C 284 11.71 41.61 -16.21
CA ARG C 284 12.72 42.03 -17.17
C ARG C 284 13.94 42.57 -16.48
N ASN C 285 13.74 43.47 -15.53
CA ASN C 285 14.84 43.97 -14.71
C ASN C 285 15.67 42.83 -14.11
N PHE C 286 15.02 41.91 -13.39
CA PHE C 286 15.75 40.80 -12.78
C PHE C 286 16.38 39.89 -13.83
N VAL C 287 15.69 39.64 -14.94
CA VAL C 287 16.25 38.72 -15.91
C VAL C 287 17.49 39.33 -16.55
N LEU C 288 17.45 40.65 -16.75
CA LEU C 288 18.55 41.35 -17.42
C LEU C 288 19.80 41.39 -16.58
N THR C 289 19.67 41.45 -15.24
CA THR C 289 20.83 41.53 -14.37
C THR C 289 21.63 40.25 -14.42
N VAL C 290 20.94 39.12 -14.55
CA VAL C 290 21.59 37.84 -14.71
C VAL C 290 22.30 37.77 -16.05
N PHE C 291 21.59 38.12 -17.12
CA PHE C 291 22.10 38.04 -18.48
C PHE C 291 22.24 39.47 -19.03
N PRO C 292 23.32 40.19 -18.70
CA PRO C 292 23.27 41.61 -19.14
C PRO C 292 23.58 41.76 -20.63
N GLY D 91 18.07 -6.22 19.01
CA GLY D 91 18.78 -6.52 17.76
C GLY D 91 18.94 -5.38 16.75
N VAL D 92 18.17 -4.32 16.94
CA VAL D 92 18.24 -3.12 16.12
C VAL D 92 18.43 -1.94 17.07
N LEU D 93 19.03 -0.87 16.56
CA LEU D 93 19.28 0.33 17.35
C LEU D 93 18.80 1.57 16.59
N ARG D 94 17.77 2.21 17.11
CA ARG D 94 17.16 3.35 16.46
C ARG D 94 17.75 4.59 17.09
N VAL D 95 18.54 5.33 16.32
CA VAL D 95 19.36 6.42 16.83
C VAL D 95 18.91 7.72 16.19
N GLY D 96 18.76 8.76 17.00
CA GLY D 96 18.15 10.00 16.55
C GLY D 96 19.04 11.20 16.82
N PHE D 97 18.99 12.19 15.92
CA PHE D 97 19.74 13.42 16.10
C PHE D 97 18.94 14.61 15.58
N THR D 98 19.47 15.81 15.82
CA THR D 98 18.93 16.98 15.14
C THR D 98 19.81 17.32 13.95
N ALA D 99 19.20 18.01 12.99
CA ALA D 99 19.91 18.37 11.77
C ALA D 99 21.25 19.01 12.09
N SER D 100 21.22 20.10 12.88
CA SER D 100 22.40 20.90 13.14
C SER D 100 23.50 20.15 13.89
N SER D 101 23.19 19.07 14.60
CA SER D 101 24.09 18.31 15.44
C SER D 101 25.02 17.38 14.68
N ALA D 102 24.55 16.76 13.59
CA ALA D 102 25.37 15.92 12.73
C ALA D 102 26.60 16.62 12.18
N PHE D 103 26.52 17.94 11.99
CA PHE D 103 27.65 18.78 11.64
C PHE D 103 28.69 18.88 12.77
N ASN D 104 28.28 18.59 14.00
CA ASN D 104 29.20 18.34 15.08
C ASN D 104 29.76 16.94 14.91
N SER D 105 31.07 16.84 14.94
CA SER D 105 31.67 15.58 14.56
C SER D 105 31.47 14.50 15.62
N VAL D 106 31.13 14.87 16.86
CA VAL D 106 30.91 13.87 17.89
C VAL D 106 29.87 12.86 17.48
N VAL D 107 28.94 13.22 16.59
CA VAL D 107 27.81 12.35 16.22
C VAL D 107 28.21 11.46 15.05
N PRO D 108 28.78 11.98 13.95
CA PRO D 108 29.20 11.04 12.90
C PRO D 108 30.28 10.11 13.42
N THR D 109 31.17 10.63 14.26
CA THR D 109 32.25 9.83 14.82
C THR D 109 31.71 8.69 15.66
N ALA D 110 30.66 8.97 16.42
CA ALA D 110 30.16 7.95 17.31
C ALA D 110 29.50 6.85 16.50
N ILE D 111 28.65 7.23 15.55
CA ILE D 111 27.99 6.25 14.72
C ILE D 111 29.02 5.42 13.98
N ARG D 112 29.94 6.08 13.28
CA ARG D 112 31.07 5.41 12.65
C ARG D 112 31.69 4.37 13.58
N ALA D 113 31.90 4.74 14.82
CA ALA D 113 32.67 3.88 15.72
C ALA D 113 31.88 2.63 16.08
N PHE D 114 30.61 2.80 16.43
CA PHE D 114 29.72 1.68 16.67
C PHE D 114 29.68 0.78 15.45
N ARG D 115 29.40 1.36 14.28
CA ARG D 115 29.32 0.61 13.03
C ARG D 115 30.56 -0.22 12.79
N ARG D 116 31.75 0.35 13.01
CA ARG D 116 32.96 -0.43 12.79
C ARG D 116 33.12 -1.49 13.85
N ALA D 117 32.67 -1.23 15.07
CA ALA D 117 32.94 -2.14 16.16
C ALA D 117 31.84 -3.16 16.38
N TYR D 118 30.63 -2.91 15.89
CA TYR D 118 29.51 -3.82 16.06
C TYR D 118 28.86 -3.87 14.69
N PRO D 119 29.50 -4.54 13.73
CA PRO D 119 29.03 -4.51 12.36
C PRO D 119 27.64 -5.00 12.18
N ASP D 120 27.13 -5.86 13.09
CA ASP D 120 25.94 -6.62 12.83
C ASP D 120 24.70 -6.00 13.44
N VAL D 121 24.86 -4.99 14.31
CA VAL D 121 23.73 -4.16 14.72
C VAL D 121 23.21 -3.39 13.52
N ARG D 122 21.88 -3.31 13.38
CA ARG D 122 21.29 -2.53 12.30
C ARG D 122 20.81 -1.22 12.90
N LEU D 123 21.36 -0.12 12.42
CA LEU D 123 21.05 1.22 12.93
C LEU D 123 19.88 1.77 12.15
N GLN D 124 18.95 2.42 12.83
CA GLN D 124 17.91 3.10 12.10
C GLN D 124 18.12 4.57 12.45
N LEU D 125 18.85 5.29 11.61
CA LEU D 125 19.00 6.72 11.83
C LEU D 125 17.69 7.47 11.62
N GLU D 126 17.44 8.43 12.48
CA GLU D 126 16.27 9.26 12.37
C GLU D 126 16.65 10.68 12.78
N GLU D 127 16.32 11.65 11.92
CA GLU D 127 16.68 13.05 12.05
C GLU D 127 15.40 13.85 12.24
N ASP D 128 15.37 14.65 13.30
CA ASP D 128 14.13 15.33 13.70
C ASP D 128 14.44 16.28 14.85
N ASN D 129 13.47 17.13 15.19
CA ASN D 129 13.68 18.12 16.23
C ASN D 129 13.94 17.50 17.59
N THR D 130 14.37 18.36 18.50
CA THR D 130 14.54 17.91 19.86
C THR D 130 13.19 17.56 20.46
N THR D 131 12.12 18.24 20.03
CA THR D 131 10.82 17.95 20.60
C THR D 131 10.42 16.53 20.27
N ARG D 132 10.56 16.15 18.99
CA ARG D 132 10.08 14.86 18.50
C ARG D 132 11.04 13.73 18.82
N LEU D 133 12.31 14.03 19.13
CA LEU D 133 13.22 12.97 19.55
C LEU D 133 12.89 12.49 20.94
N ALA D 134 12.69 13.41 21.87
CA ALA D 134 12.18 13.03 23.18
C ALA D 134 10.81 12.41 23.04
N ASP D 135 9.92 13.05 22.26
CA ASP D 135 8.70 12.41 21.81
C ASP D 135 8.94 10.97 21.40
N GLY D 136 9.89 10.70 20.49
CA GLY D 136 10.09 9.33 20.03
C GLY D 136 10.68 8.43 21.10
N LEU D 137 11.50 8.99 22.00
CA LEU D 137 12.05 8.22 23.11
C LEU D 137 11.03 7.94 24.20
N ASN D 138 9.83 8.53 24.11
CA ASN D 138 8.69 8.15 24.93
C ASN D 138 7.76 7.21 24.22
N GLU D 139 7.34 7.59 23.01
CA GLU D 139 6.60 6.68 22.15
C GLU D 139 7.40 5.39 21.96
N GLY D 140 8.72 5.50 21.92
CA GLY D 140 9.58 4.34 21.83
C GLY D 140 10.02 3.92 20.43
N SER D 141 9.94 4.81 19.44
CA SER D 141 10.50 4.55 18.11
C SER D 141 11.95 4.99 18.03
N LEU D 142 12.52 5.47 19.14
CA LEU D 142 13.93 5.82 19.28
C LEU D 142 14.44 5.24 20.57
N ASP D 143 15.59 4.61 20.50
CA ASP D 143 16.20 4.11 21.70
C ASP D 143 17.18 5.13 22.26
N VAL D 144 17.73 6.00 21.40
CA VAL D 144 18.79 6.90 21.82
C VAL D 144 18.83 8.09 20.90
N ALA D 145 19.11 9.27 21.45
CA ALA D 145 19.12 10.46 20.62
C ALA D 145 20.18 11.47 21.04
N PHE D 146 20.80 12.12 20.04
CA PHE D 146 21.77 13.21 20.25
C PHE D 146 20.96 14.52 20.19
N LEU D 147 20.57 15.12 21.32
CA LEU D 147 19.59 16.22 21.31
C LEU D 147 20.01 17.41 22.15
N ARG D 148 19.35 18.56 21.89
CA ARG D 148 19.64 19.77 22.66
C ARG D 148 19.05 19.67 24.07
N PRO D 149 19.87 19.79 25.13
CA PRO D 149 19.36 19.59 26.48
C PRO D 149 18.76 20.87 27.02
N GLY D 150 18.17 20.79 28.20
CA GLY D 150 17.41 21.89 28.76
C GLY D 150 15.99 22.01 28.26
N PHE D 151 15.46 21.00 27.60
CA PHE D 151 14.09 21.05 27.15
C PHE D 151 13.16 20.59 28.27
N ALA D 152 11.89 20.93 28.12
CA ALA D 152 10.92 20.67 29.17
C ALA D 152 10.42 19.23 29.11
N GLY D 153 10.38 18.58 30.28
CA GLY D 153 10.12 17.14 30.35
C GLY D 153 11.37 16.29 30.33
N SER D 154 12.54 16.89 30.50
CA SER D 154 13.79 16.17 30.42
C SER D 154 14.08 15.39 31.68
N GLU D 155 13.23 15.47 32.70
CA GLU D 155 13.44 14.65 33.89
C GLU D 155 13.28 13.17 33.55
N ARG D 156 12.44 12.86 32.57
CA ARG D 156 12.01 11.48 32.34
C ARG D 156 13.12 10.60 31.78
N PHE D 157 14.22 11.19 31.31
CA PHE D 157 15.29 10.40 30.73
C PHE D 157 16.64 10.73 31.36
N HIS D 158 17.65 9.98 30.90
CA HIS D 158 19.06 10.21 31.24
C HIS D 158 19.58 11.17 30.19
N LEU D 159 20.16 12.28 30.60
CA LEU D 159 20.75 13.23 29.65
C LEU D 159 22.20 13.42 30.05
N ARG D 160 23.11 12.97 29.20
CA ARG D 160 24.54 13.11 29.49
C ARG D 160 25.12 14.14 28.53
N MET D 161 25.79 15.18 29.05
CA MET D 161 26.42 16.20 28.20
C MET D 161 27.48 15.63 27.30
N LEU D 162 27.43 16.03 26.05
CA LEU D 162 28.32 15.54 25.02
C LEU D 162 29.39 16.57 24.68
N SER D 163 28.96 17.81 24.46
CA SER D 163 29.85 18.84 23.97
C SER D 163 29.22 20.18 24.26
N GLU D 164 29.93 21.21 23.86
CA GLU D 164 29.50 22.60 23.89
C GLU D 164 30.46 23.27 22.93
N GLU D 165 29.91 23.78 21.88
CA GLU D 165 30.71 24.45 20.90
C GLU D 165 30.17 25.85 20.79
N PRO D 166 31.02 26.84 20.65
CA PRO D 166 30.52 28.21 20.62
C PRO D 166 29.70 28.40 19.38
N MET D 167 28.87 29.42 19.40
CA MET D 167 28.20 29.76 18.16
C MET D 167 28.84 30.96 17.51
N MET D 168 28.84 30.92 16.18
CA MET D 168 29.56 31.81 15.30
C MET D 168 28.59 32.58 14.45
N ILE D 169 29.03 33.72 13.99
CA ILE D 169 28.20 34.56 13.16
C ILE D 169 28.74 34.52 11.75
N VAL D 170 27.87 34.16 10.80
CA VAL D 170 28.19 34.05 9.40
C VAL D 170 27.68 35.32 8.73
N MET D 171 28.40 35.78 7.70
CA MET D 171 28.10 37.03 7.05
C MET D 171 28.73 37.01 5.68
N ALA D 172 28.36 37.98 4.85
CA ALA D 172 28.91 37.98 3.52
C ALA D 172 30.37 38.37 3.58
N GLU D 173 31.18 37.73 2.74
CA GLU D 173 32.59 38.07 2.67
C GLU D 173 32.78 39.59 2.60
N ASN D 174 31.87 40.31 1.94
CA ASN D 174 32.07 41.72 1.65
C ASN D 174 31.57 42.66 2.77
N HIS D 175 31.26 42.13 3.97
CA HIS D 175 30.68 42.94 5.05
C HIS D 175 31.76 43.73 5.76
N PRO D 176 31.50 44.98 6.14
CA PRO D 176 32.54 45.77 6.82
C PRO D 176 33.10 45.12 8.10
N ALA D 177 32.37 44.23 8.74
CA ALA D 177 32.83 43.53 9.95
C ALA D 177 33.60 42.25 9.66
N ALA D 178 33.96 41.99 8.41
CA ALA D 178 34.58 40.72 8.08
C ALA D 178 36.07 40.68 8.38
N SER D 179 36.67 41.80 8.76
CA SER D 179 38.10 41.89 8.96
C SER D 179 38.51 41.56 10.38
N TYR D 180 37.54 41.35 11.25
CA TYR D 180 37.74 41.22 12.68
C TYR D 180 37.45 39.78 13.10
N GLU D 181 38.49 39.08 13.55
CA GLU D 181 38.28 37.69 13.90
C GLU D 181 37.25 37.54 15.00
N GLU D 182 37.37 38.30 16.08
CA GLU D 182 36.34 38.28 17.11
C GLU D 182 35.54 39.54 16.97
N ILE D 183 34.23 39.38 16.96
CA ILE D 183 33.28 40.40 16.55
C ILE D 183 32.33 40.58 17.72
N SER D 184 31.77 41.77 17.88
CA SER D 184 30.89 42.05 18.99
C SER D 184 29.45 42.08 18.51
N LEU D 185 28.52 41.48 19.29
CA LEU D 185 27.15 41.30 18.81
C LEU D 185 26.49 42.64 18.53
N SER D 186 26.91 43.69 19.24
CA SER D 186 26.28 44.98 19.03
C SER D 186 26.66 45.61 17.69
N ALA D 187 27.62 45.06 16.95
CA ALA D 187 27.92 45.54 15.60
C ALA D 187 26.80 45.24 14.62
N PHE D 188 25.92 44.31 14.98
CA PHE D 188 24.83 43.87 14.14
C PHE D 188 23.47 44.30 14.68
N ARG D 189 23.42 45.31 15.55
CA ARG D 189 22.14 45.76 16.08
C ARG D 189 21.19 46.17 14.98
N ASP D 190 21.60 47.05 14.07
CA ASP D 190 20.71 47.48 13.02
C ASP D 190 20.61 46.45 11.89
N GLU D 191 21.32 45.33 11.99
CA GLU D 191 21.40 44.32 10.95
C GLU D 191 20.10 43.54 10.86
N THR D 192 19.89 42.89 9.72
CA THR D 192 18.80 41.92 9.63
C THR D 192 19.35 40.56 9.99
N PHE D 193 18.58 39.78 10.76
CA PHE D 193 19.00 38.44 11.16
C PHE D 193 18.19 37.36 10.43
N LEU D 194 18.91 36.43 9.78
CA LEU D 194 18.32 35.32 9.03
C LEU D 194 18.35 34.08 9.90
N LEU D 195 17.35 33.93 10.77
CA LEU D 195 17.24 32.78 11.69
C LEU D 195 16.03 31.94 11.31
N PHE D 196 16.19 30.65 11.06
CA PHE D 196 14.96 29.87 10.84
C PHE D 196 15.05 28.64 11.73
N PRO D 197 14.04 28.30 12.54
CA PRO D 197 14.07 27.14 13.42
C PRO D 197 13.94 25.76 12.77
N ARG D 198 13.66 25.65 11.49
CA ARG D 198 13.49 24.29 10.97
C ARG D 198 14.79 23.54 11.12
N GLU D 199 15.92 24.15 10.78
CA GLU D 199 17.15 23.33 10.84
C GLU D 199 18.08 23.77 11.97
N ILE D 200 18.11 25.04 12.31
CA ILE D 200 18.95 25.50 13.46
C ILE D 200 18.40 24.96 14.78
N GLY D 201 17.09 24.96 14.96
CA GLY D 201 16.47 24.41 16.17
C GLY D 201 15.71 25.46 16.93
N LEU D 202 14.77 25.05 17.77
CA LEU D 202 14.02 26.03 18.56
C LEU D 202 14.85 26.31 19.78
N THR D 203 15.36 25.29 20.44
CA THR D 203 16.18 25.54 21.62
C THR D 203 17.34 26.45 21.29
N LEU D 204 17.94 26.25 20.13
CA LEU D 204 19.09 27.02 19.69
C LEU D 204 18.65 28.37 19.18
N TYR D 205 17.43 28.45 18.61
CA TYR D 205 16.85 29.73 18.22
C TYR D 205 16.80 30.67 19.40
N ASP D 206 16.18 30.23 20.50
CA ASP D 206 15.84 31.16 21.55
C ASP D 206 17.09 31.65 22.28
N SER D 207 18.11 30.81 22.50
CA SER D 207 19.36 31.34 23.04
C SER D 207 20.01 32.35 22.08
N VAL D 208 19.73 32.28 20.78
CA VAL D 208 20.28 33.28 19.88
C VAL D 208 19.67 34.66 20.14
N ILE D 209 18.33 34.73 20.22
CA ILE D 209 17.63 35.97 20.57
C ILE D 209 18.00 36.44 21.97
N GLU D 210 18.11 35.52 22.94
CA GLU D 210 18.54 35.93 24.26
C GLU D 210 19.87 36.66 24.18
N SER D 211 20.81 36.10 23.41
CA SER D 211 22.13 36.71 23.22
C SER D 211 22.02 38.09 22.64
N CYS D 212 21.13 38.27 21.67
CA CYS D 212 20.96 39.58 21.07
C CYS D 212 20.37 40.56 22.05
N ARG D 213 19.35 40.14 22.83
CA ARG D 213 18.80 41.00 23.87
C ARG D 213 19.86 41.35 24.87
N THR D 214 20.55 40.32 25.40
CA THR D 214 21.68 40.55 26.27
C THR D 214 22.63 41.57 25.69
N ALA D 215 22.82 41.59 24.36
CA ALA D 215 23.76 42.55 23.78
C ALA D 215 23.15 43.95 23.70
N GLY D 216 21.86 44.10 23.94
CA GLY D 216 21.20 45.39 23.94
C GLY D 216 20.22 45.67 22.80
N PHE D 217 19.82 44.72 21.96
CA PHE D 217 18.89 45.04 20.89
C PHE D 217 17.92 43.89 20.65
N GLU D 218 16.80 44.21 20.01
CA GLU D 218 15.82 43.21 19.68
C GLU D 218 16.09 42.81 18.23
N PRO D 219 16.59 41.59 17.96
CA PRO D 219 17.01 41.24 16.61
C PRO D 219 15.93 41.48 15.57
N THR D 220 16.25 42.20 14.52
CA THR D 220 15.31 42.38 13.42
C THR D 220 15.39 41.20 12.48
N ILE D 221 14.37 40.34 12.55
CA ILE D 221 14.39 39.06 11.83
C ILE D 221 13.70 39.23 10.50
N GLY D 222 14.41 38.93 9.43
CA GLY D 222 13.75 38.95 8.12
C GLY D 222 13.39 37.54 7.69
N GLN D 223 12.65 37.40 6.61
CA GLN D 223 12.31 36.07 6.06
C GLN D 223 11.74 35.18 7.15
N LEU D 224 10.74 35.63 7.87
CA LEU D 224 10.20 34.74 8.92
C LEU D 224 9.07 33.86 8.37
N ALA D 225 8.74 34.04 7.10
CA ALA D 225 7.66 33.29 6.43
C ALA D 225 8.21 32.56 5.22
N PRO D 226 7.68 31.39 4.83
CA PRO D 226 8.22 30.57 3.73
C PRO D 226 9.65 30.21 4.15
N GLN D 227 9.69 29.31 5.11
CA GLN D 227 10.86 28.70 5.77
C GLN D 227 11.83 28.20 4.74
N ILE D 228 13.08 28.58 4.85
CA ILE D 228 14.11 28.14 3.87
C ILE D 228 15.13 27.42 4.70
N ALA D 229 15.46 26.21 4.33
CA ALA D 229 16.38 25.38 5.12
C ALA D 229 17.79 25.52 4.58
N SER D 230 18.22 26.75 4.36
CA SER D 230 19.58 26.99 3.86
C SER D 230 20.02 28.43 4.13
N VAL D 231 20.05 28.79 5.41
CA VAL D 231 20.32 30.16 5.82
C VAL D 231 21.61 30.69 5.20
N ILE D 232 22.65 29.86 5.15
CA ILE D 232 24.00 30.27 4.74
C ILE D 232 23.99 30.75 3.31
N ASN D 233 23.07 30.24 2.49
CA ASN D 233 23.02 30.69 1.11
C ASN D 233 22.43 32.11 1.04
N LEU D 234 21.34 32.35 1.78
CA LEU D 234 20.79 33.70 1.86
C LEU D 234 21.79 34.69 2.45
N VAL D 235 22.66 34.26 3.36
CA VAL D 235 23.69 35.16 3.86
C VAL D 235 24.61 35.54 2.71
N ALA D 236 25.01 34.57 1.89
CA ALA D 236 25.86 34.85 0.73
C ALA D 236 25.23 35.83 -0.26
N ALA D 237 23.92 35.98 -0.27
CA ALA D 237 23.22 36.95 -1.10
C ALA D 237 23.02 38.30 -0.41
N GLU D 238 23.77 38.57 0.67
CA GLU D 238 23.66 39.77 1.52
C GLU D 238 22.24 40.05 2.05
N MET D 239 21.44 39.02 2.24
CA MET D 239 20.12 39.27 2.78
C MET D 239 20.07 39.25 4.28
N GLY D 240 21.22 39.18 4.94
CA GLY D 240 21.22 39.27 6.39
C GLY D 240 22.46 38.59 6.94
N VAL D 241 22.43 38.38 8.24
CA VAL D 241 23.46 37.62 8.88
C VAL D 241 22.76 36.54 9.67
N SER D 242 23.55 35.59 10.16
CA SER D 242 22.99 34.53 10.98
C SER D 242 24.02 34.09 12.01
N ILE D 243 23.54 33.28 12.94
CA ILE D 243 24.31 32.77 14.03
C ILE D 243 24.14 31.27 13.98
N VAL D 244 25.26 30.56 13.84
CA VAL D 244 25.18 29.11 13.65
C VAL D 244 26.12 28.43 14.63
N PRO D 245 25.92 27.15 14.90
CA PRO D 245 26.90 26.44 15.72
C PRO D 245 28.21 26.35 14.98
N ALA D 246 29.32 26.49 15.71
CA ALA D 246 30.61 26.53 15.05
C ALA D 246 30.77 25.36 14.09
N SER D 247 30.21 24.20 14.43
CA SER D 247 30.47 23.03 13.59
C SER D 247 29.98 23.24 12.20
N MET D 248 29.00 24.11 12.02
CA MET D 248 28.36 24.35 10.75
C MET D 248 29.15 25.29 9.88
N SER D 249 30.28 25.79 10.37
CA SER D 249 31.16 26.63 9.59
C SER D 249 31.92 25.81 8.57
N GLN D 250 31.74 24.49 8.57
CA GLN D 250 32.21 23.61 7.51
C GLN D 250 31.48 23.78 6.19
N VAL D 251 30.45 24.60 6.13
CA VAL D 251 29.75 24.80 4.88
C VAL D 251 30.45 25.99 4.23
N LYS D 252 31.68 25.73 3.77
CA LYS D 252 32.54 26.79 3.26
C LYS D 252 32.01 27.24 1.91
N VAL D 253 30.78 27.76 1.96
CA VAL D 253 30.07 28.27 0.79
C VAL D 253 30.76 29.50 0.25
N ILE D 254 30.88 29.59 -1.07
CA ILE D 254 31.58 30.72 -1.64
C ILE D 254 30.90 32.01 -1.22
N GLY D 255 31.69 32.90 -0.64
CA GLY D 255 31.28 34.26 -0.35
C GLY D 255 30.66 34.49 1.01
N VAL D 256 30.86 33.60 1.98
CA VAL D 256 30.53 33.81 3.38
C VAL D 256 31.78 33.63 4.21
N VAL D 257 31.82 34.29 5.36
CA VAL D 257 32.86 34.05 6.36
C VAL D 257 32.17 33.84 7.71
N TYR D 258 32.90 33.23 8.65
CA TYR D 258 32.36 32.93 9.97
C TYR D 258 33.31 33.51 11.01
N ARG D 259 32.79 34.33 11.91
CA ARG D 259 33.60 34.99 12.92
C ARG D 259 33.00 34.70 14.31
N HIS D 260 33.84 34.71 15.34
CA HIS D 260 33.41 34.42 16.70
C HIS D 260 32.73 35.62 17.33
N ILE D 261 31.90 35.41 18.35
CA ILE D 261 31.27 36.53 19.04
C ILE D 261 32.03 36.86 20.33
N ALA D 262 32.41 38.14 20.47
CA ALA D 262 33.22 38.68 21.55
C ALA D 262 32.45 38.86 22.87
N ASP D 263 31.17 38.55 22.89
CA ASP D 263 30.34 38.71 24.09
C ASP D 263 30.36 37.41 24.90
N GLN D 264 29.40 37.27 25.81
CA GLN D 264 29.30 36.11 26.70
C GLN D 264 28.31 35.08 26.17
N THR D 265 28.24 34.97 24.84
CA THR D 265 27.21 34.20 24.16
C THR D 265 27.18 32.76 24.64
N PRO D 266 25.98 32.18 24.90
CA PRO D 266 25.94 30.78 25.29
C PRO D 266 26.48 29.89 24.18
N THR D 267 26.70 28.63 24.53
CA THR D 267 27.17 27.66 23.58
C THR D 267 25.98 26.90 22.99
N ALA D 268 26.23 26.14 21.94
CA ALA D 268 25.24 25.22 21.38
C ALA D 268 25.38 23.89 22.09
N LYS D 269 24.55 23.68 23.11
CA LYS D 269 24.70 22.51 23.97
C LYS D 269 24.22 21.25 23.27
N LEU D 270 24.89 20.15 23.52
CA LEU D 270 24.48 18.88 22.95
C LEU D 270 24.57 17.77 23.98
N ALA D 271 23.46 17.02 24.12
CA ALA D 271 23.33 15.93 25.07
C ALA D 271 22.82 14.67 24.40
N LEU D 272 23.22 13.54 24.97
CA LEU D 272 22.84 12.22 24.51
C LEU D 272 21.84 11.64 25.50
N ALA D 273 20.63 11.30 25.01
CA ALA D 273 19.51 10.90 25.84
C ALA D 273 19.04 9.49 25.49
N TYR D 274 18.60 8.80 26.54
CA TYR D 274 18.00 7.49 26.47
C TYR D 274 17.07 7.31 27.66
N ARG D 275 16.17 6.32 27.52
CA ARG D 275 15.14 6.07 28.49
C ARG D 275 15.70 5.62 29.84
N ARG D 276 14.93 5.93 30.88
CA ARG D 276 15.30 5.49 32.20
C ARG D 276 14.97 4.02 32.30
N GLY D 277 15.88 3.27 32.91
CA GLY D 277 15.70 1.84 33.07
C GLY D 277 15.56 1.02 31.80
N ASP D 278 15.97 1.54 30.65
CA ASP D 278 16.03 0.75 29.42
C ASP D 278 17.07 -0.36 29.56
N THR D 279 16.58 -1.58 29.47
CA THR D 279 17.37 -2.74 29.85
C THR D 279 18.42 -3.10 28.81
N SER D 280 18.37 -2.47 27.62
CA SER D 280 19.05 -2.99 26.45
C SER D 280 20.57 -3.03 26.64
N PRO D 281 21.20 -3.99 26.04
CA PRO D 281 22.66 -4.06 26.01
C PRO D 281 23.18 -3.39 24.76
N VAL D 282 22.36 -3.40 23.73
CA VAL D 282 22.71 -2.70 22.51
C VAL D 282 22.81 -1.21 22.80
N LEU D 283 21.88 -0.68 23.59
CA LEU D 283 21.99 0.71 24.01
C LEU D 283 23.16 0.89 24.97
N ARG D 284 23.40 -0.09 25.84
CA ARG D 284 24.50 0.06 26.77
C ARG D 284 25.83 0.17 26.06
N ASN D 285 25.99 -0.47 24.91
CA ASN D 285 27.23 -0.32 24.18
C ASN D 285 27.24 0.88 23.26
N PHE D 286 26.07 1.34 22.82
CA PHE D 286 26.12 2.58 22.08
C PHE D 286 26.51 3.72 22.99
N VAL D 287 26.07 3.68 24.25
CA VAL D 287 26.43 4.77 25.13
C VAL D 287 27.89 4.62 25.56
N LEU D 288 28.34 3.38 25.76
CA LEU D 288 29.74 3.12 26.07
C LEU D 288 30.62 3.51 24.89
N THR D 289 30.04 3.54 23.68
CA THR D 289 30.81 3.97 22.52
C THR D 289 30.89 5.49 22.45
N VAL D 290 29.87 6.20 22.91
CA VAL D 290 29.94 7.66 22.98
C VAL D 290 30.85 8.12 24.12
N PHE D 291 30.68 7.52 25.30
CA PHE D 291 31.37 7.94 26.53
C PHE D 291 32.21 6.74 26.97
N PRO D 292 33.39 6.53 26.38
CA PRO D 292 34.29 5.46 26.83
C PRO D 292 35.29 5.86 27.94
N VAL E 86 14.12 -46.11 -24.00
CA VAL E 86 13.13 -46.87 -23.26
C VAL E 86 12.84 -46.23 -21.89
N ARG E 87 13.58 -45.17 -21.56
CA ARG E 87 13.50 -44.59 -20.23
C ARG E 87 12.19 -43.82 -20.04
N GLY E 88 11.74 -43.74 -18.79
CA GLY E 88 10.81 -42.68 -18.40
C GLY E 88 9.38 -42.92 -18.78
N GLU E 89 8.93 -44.16 -18.77
CA GLU E 89 7.60 -44.47 -19.24
C GLU E 89 6.69 -44.77 -18.08
N LEU E 90 7.22 -44.67 -16.87
CA LEU E 90 6.52 -44.93 -15.61
C LEU E 90 6.79 -43.80 -14.64
N GLY E 91 5.81 -43.48 -13.83
CA GLY E 91 6.09 -42.52 -12.79
C GLY E 91 5.00 -41.48 -12.68
N VAL E 92 5.38 -40.29 -12.22
CA VAL E 92 4.43 -39.24 -11.91
C VAL E 92 4.98 -37.91 -12.38
N LEU E 93 4.09 -37.08 -12.89
CA LEU E 93 4.49 -35.81 -13.45
C LEU E 93 3.42 -34.79 -13.12
N ARG E 94 3.85 -33.65 -12.62
CA ARG E 94 2.98 -32.59 -12.14
C ARG E 94 3.05 -31.39 -13.06
N VAL E 95 2.00 -31.18 -13.82
CA VAL E 95 1.94 -30.12 -14.81
C VAL E 95 1.19 -28.93 -14.20
N GLY E 96 1.76 -27.74 -14.24
CA GLY E 96 1.04 -26.54 -13.83
C GLY E 96 0.76 -25.66 -15.03
N PHE E 97 -0.44 -25.04 -15.05
CA PHE E 97 -0.79 -24.04 -16.08
C PHE E 97 -1.58 -22.91 -15.42
N THR E 98 -1.62 -21.74 -16.06
CA THR E 98 -2.37 -20.58 -15.56
C THR E 98 -3.80 -20.64 -16.10
N ALA E 99 -4.70 -19.84 -15.53
CA ALA E 99 -6.07 -19.97 -15.98
C ALA E 99 -6.23 -19.45 -17.40
N SER E 100 -5.56 -18.35 -17.74
CA SER E 100 -5.67 -17.74 -19.06
C SER E 100 -5.03 -18.57 -20.17
N SER E 101 -4.11 -19.48 -19.80
CA SER E 101 -3.31 -20.22 -20.77
C SER E 101 -3.95 -21.54 -21.16
N ALA E 102 -4.80 -22.13 -20.32
CA ALA E 102 -5.45 -23.35 -20.75
C ALA E 102 -6.30 -23.11 -21.98
N PHE E 103 -6.68 -21.86 -22.22
CA PHE E 103 -7.45 -21.57 -23.42
C PHE E 103 -6.56 -21.45 -24.66
N ASN E 104 -5.27 -21.10 -24.50
CA ASN E 104 -4.27 -21.29 -25.55
C ASN E 104 -4.13 -22.75 -25.92
N SER E 105 -4.25 -23.04 -27.21
CA SER E 105 -4.35 -24.41 -27.66
C SER E 105 -3.14 -25.27 -27.23
N VAL E 106 -1.95 -24.67 -27.06
CA VAL E 106 -0.72 -25.45 -26.91
C VAL E 106 -0.80 -26.30 -25.66
N VAL E 107 -1.39 -25.78 -24.59
CA VAL E 107 -1.53 -26.49 -23.32
C VAL E 107 -2.36 -27.77 -23.47
N PRO E 108 -3.62 -27.77 -23.97
CA PRO E 108 -4.35 -29.06 -24.07
C PRO E 108 -3.64 -29.97 -25.07
N THR E 109 -3.17 -29.36 -26.16
CA THR E 109 -2.75 -30.17 -27.29
C THR E 109 -1.40 -30.78 -26.98
N ALA E 110 -0.69 -30.23 -26.01
CA ALA E 110 0.57 -30.83 -25.60
C ALA E 110 0.42 -31.71 -24.39
N ILE E 111 -0.56 -31.45 -23.51
CA ILE E 111 -0.90 -32.46 -22.54
C ILE E 111 -1.44 -33.68 -23.27
N ARG E 112 -2.25 -33.46 -24.31
CA ARG E 112 -2.90 -34.56 -25.00
C ARG E 112 -1.87 -35.46 -25.68
N ALA E 113 -0.82 -34.87 -26.24
CA ALA E 113 0.16 -35.70 -26.94
C ALA E 113 0.82 -36.67 -25.97
N PHE E 114 1.23 -36.16 -24.82
CA PHE E 114 1.96 -36.93 -23.83
C PHE E 114 1.12 -38.09 -23.30
N ARG E 115 -0.17 -37.87 -23.00
CA ARG E 115 -0.95 -39.00 -22.51
C ARG E 115 -0.99 -40.14 -23.52
N ARG E 116 -1.22 -39.84 -24.79
CA ARG E 116 -1.35 -40.92 -25.77
C ARG E 116 0.01 -41.51 -26.08
N ALA E 117 1.07 -40.74 -25.88
CA ALA E 117 2.40 -41.33 -25.98
C ALA E 117 2.73 -42.11 -24.73
N TYR E 118 2.41 -41.59 -23.56
CA TYR E 118 2.85 -42.19 -22.30
C TYR E 118 1.66 -42.42 -21.38
N PRO E 119 0.80 -43.41 -21.68
CA PRO E 119 -0.42 -43.60 -20.89
C PRO E 119 -0.11 -44.20 -19.53
N ASP E 120 1.11 -44.68 -19.30
CA ASP E 120 1.40 -45.34 -18.03
C ASP E 120 1.72 -44.29 -16.97
N VAL E 121 2.33 -43.16 -17.38
CA VAL E 121 2.61 -42.06 -16.47
C VAL E 121 1.33 -41.48 -15.93
N ARG E 122 1.31 -41.14 -14.65
CA ARG E 122 0.11 -40.55 -14.11
C ARG E 122 0.32 -39.04 -14.00
N LEU E 123 -0.56 -38.29 -14.66
CA LEU E 123 -0.49 -36.83 -14.68
C LEU E 123 -1.18 -36.28 -13.46
N GLN E 124 -0.68 -35.15 -12.96
CA GLN E 124 -1.34 -34.39 -11.90
C GLN E 124 -1.33 -32.90 -12.24
N LEU E 125 -2.51 -32.32 -12.44
CA LEU E 125 -2.55 -30.95 -12.91
C LEU E 125 -2.90 -29.99 -11.80
N GLU E 126 -2.10 -28.93 -11.69
CA GLU E 126 -2.39 -27.78 -10.87
C GLU E 126 -2.54 -26.59 -11.80
N GLU E 127 -3.46 -25.69 -11.47
CA GLU E 127 -3.78 -24.54 -12.31
C GLU E 127 -3.75 -23.27 -11.46
N ASP E 128 -2.66 -22.47 -11.52
CA ASP E 128 -2.51 -21.38 -10.55
C ASP E 128 -1.89 -20.14 -11.20
N ASN E 129 -1.48 -19.14 -10.43
CA ASN E 129 -0.67 -18.01 -10.90
C ASN E 129 0.56 -18.44 -11.67
N THR E 130 1.06 -17.50 -12.44
CA THR E 130 2.43 -17.63 -12.84
C THR E 130 3.34 -17.60 -11.63
N THR E 131 3.03 -16.78 -10.63
CA THR E 131 3.85 -16.68 -9.43
C THR E 131 3.92 -17.99 -8.67
N ARG E 132 2.76 -18.58 -8.35
CA ARG E 132 2.68 -19.80 -7.55
C ARG E 132 3.14 -21.03 -8.34
N LEU E 133 3.02 -21.01 -9.67
CA LEU E 133 3.58 -22.09 -10.46
C LEU E 133 5.08 -22.21 -10.20
N ALA E 134 5.79 -21.07 -10.25
CA ALA E 134 7.22 -21.04 -9.95
C ALA E 134 7.49 -21.32 -8.48
N ASP E 135 6.70 -20.77 -7.58
CA ASP E 135 6.96 -21.05 -6.18
C ASP E 135 6.92 -22.55 -5.92
N GLY E 136 6.06 -23.25 -6.64
CA GLY E 136 5.93 -24.68 -6.48
C GLY E 136 6.72 -25.52 -7.42
N LEU E 137 7.29 -24.90 -8.46
CA LEU E 137 8.33 -25.58 -9.20
C LEU E 137 9.56 -25.73 -8.33
N ASN E 138 9.82 -24.71 -7.49
CA ASN E 138 10.88 -24.79 -6.50
C ASN E 138 10.66 -25.94 -5.57
N GLU E 139 9.46 -26.03 -5.02
CA GLU E 139 9.16 -26.98 -3.98
C GLU E 139 9.48 -28.40 -4.40
N GLY E 140 9.01 -28.79 -5.58
CA GLY E 140 8.77 -30.18 -5.91
C GLY E 140 7.32 -30.53 -6.14
N SER E 141 6.33 -29.72 -5.74
CA SER E 141 4.92 -29.95 -6.02
C SER E 141 4.55 -29.73 -7.48
N LEU E 142 5.49 -29.25 -8.30
CA LEU E 142 5.31 -29.02 -9.72
C LEU E 142 6.61 -29.33 -10.44
N ASP E 143 6.50 -30.00 -11.60
CA ASP E 143 7.66 -30.44 -12.35
C ASP E 143 7.86 -29.61 -13.60
N VAL E 144 6.81 -29.39 -14.34
CA VAL E 144 6.89 -28.52 -15.49
C VAL E 144 5.70 -27.59 -15.38
N ALA E 145 5.79 -26.44 -16.03
CA ALA E 145 4.70 -25.48 -15.90
C ALA E 145 4.62 -24.61 -17.14
N PHE E 146 3.38 -24.25 -17.50
CA PHE E 146 3.12 -23.28 -18.56
C PHE E 146 2.87 -21.97 -17.85
N LEU E 147 3.82 -21.05 -17.94
CA LEU E 147 3.70 -19.84 -17.16
C LEU E 147 4.14 -18.66 -18.00
N ARG E 148 3.73 -17.48 -17.57
CA ARG E 148 4.09 -16.32 -18.37
C ARG E 148 5.43 -15.76 -17.94
N PRO E 149 6.28 -15.44 -18.87
CA PRO E 149 7.65 -15.15 -18.50
C PRO E 149 7.80 -13.83 -17.77
N GLY E 150 9.05 -13.42 -17.64
CA GLY E 150 9.42 -12.14 -17.08
C GLY E 150 8.98 -11.97 -15.65
N PHE E 151 9.43 -12.87 -14.78
CA PHE E 151 9.15 -12.78 -13.36
C PHE E 151 10.44 -12.89 -12.58
N ALA E 152 10.32 -12.62 -11.29
CA ALA E 152 11.50 -12.59 -10.42
C ALA E 152 12.13 -13.96 -10.36
N GLY E 153 13.43 -14.02 -10.67
CA GLY E 153 14.20 -15.23 -10.54
C GLY E 153 13.91 -16.27 -11.59
N SER E 154 13.46 -15.85 -12.77
CA SER E 154 13.26 -16.80 -13.86
C SER E 154 14.56 -17.38 -14.38
N GLU E 155 15.71 -16.89 -13.91
CA GLU E 155 16.96 -17.51 -14.30
C GLU E 155 17.11 -18.88 -13.67
N ARG E 156 16.51 -19.08 -12.47
CA ARG E 156 16.62 -20.36 -11.78
C ARG E 156 15.97 -21.50 -12.58
N PHE E 157 15.17 -21.17 -13.60
CA PHE E 157 14.40 -22.11 -14.39
C PHE E 157 14.72 -22.01 -15.87
N HIS E 158 14.47 -23.11 -16.58
CA HIS E 158 14.66 -23.19 -18.02
C HIS E 158 13.43 -22.62 -18.74
N LEU E 159 13.23 -21.30 -18.63
CA LEU E 159 12.18 -20.64 -19.40
C LEU E 159 12.36 -20.88 -20.91
N ARG E 160 11.54 -21.77 -21.51
CA ARG E 160 11.67 -22.14 -22.94
C ARG E 160 10.41 -21.70 -23.69
N MET E 161 10.56 -20.66 -24.52
CA MET E 161 9.44 -19.90 -25.04
C MET E 161 8.51 -20.75 -25.87
N LEU E 162 7.22 -20.59 -25.66
CA LEU E 162 6.21 -21.43 -26.28
C LEU E 162 5.46 -20.72 -27.39
N SER E 163 4.82 -19.58 -27.10
CA SER E 163 4.09 -18.83 -28.11
C SER E 163 3.83 -17.40 -27.64
N GLU E 164 3.65 -16.48 -28.61
CA GLU E 164 3.33 -15.05 -28.39
C GLU E 164 2.02 -14.69 -29.08
N GLU E 165 1.01 -14.29 -28.29
CA GLU E 165 -0.32 -14.12 -28.89
C GLU E 165 -0.87 -12.73 -28.64
N PRO E 166 -1.48 -12.08 -29.64
CA PRO E 166 -1.89 -10.69 -29.48
C PRO E 166 -2.97 -10.59 -28.43
N MET E 167 -3.10 -9.40 -27.88
CA MET E 167 -4.12 -9.17 -26.87
C MET E 167 -5.23 -8.32 -27.44
N MET E 168 -6.44 -8.85 -27.33
CA MET E 168 -7.64 -8.23 -27.84
C MET E 168 -8.38 -7.52 -26.72
N ILE E 169 -9.46 -6.86 -27.09
CA ILE E 169 -10.30 -6.17 -26.12
C ILE E 169 -11.72 -6.72 -26.23
N VAL E 170 -12.31 -7.06 -25.09
CA VAL E 170 -13.63 -7.70 -25.04
C VAL E 170 -14.61 -6.66 -24.53
N MET E 171 -15.71 -6.46 -25.26
CA MET E 171 -16.66 -5.43 -24.90
C MET E 171 -18.06 -5.88 -25.28
N ALA E 172 -19.01 -5.16 -24.69
CA ALA E 172 -20.42 -5.41 -24.88
C ALA E 172 -20.83 -5.24 -26.34
N GLU E 173 -21.78 -6.08 -26.78
CA GLU E 173 -22.22 -6.12 -28.18
C GLU E 173 -22.88 -4.81 -28.64
N ASN E 174 -23.50 -4.04 -27.75
CA ASN E 174 -24.02 -2.76 -28.22
C ASN E 174 -23.08 -1.61 -27.90
N HIS E 175 -21.78 -1.89 -27.71
CA HIS E 175 -20.85 -0.79 -27.49
C HIS E 175 -20.75 0.08 -28.74
N PRO E 176 -20.51 1.39 -28.55
CA PRO E 176 -20.40 2.28 -29.71
C PRO E 176 -19.28 1.85 -30.62
N ALA E 177 -18.15 1.46 -30.04
CA ALA E 177 -16.94 1.11 -30.77
C ALA E 177 -17.03 -0.23 -31.49
N ALA E 178 -18.15 -0.95 -31.34
CA ALA E 178 -18.22 -2.29 -31.90
C ALA E 178 -17.98 -2.27 -33.41
N SER E 179 -18.60 -1.33 -34.12
CA SER E 179 -18.72 -1.47 -35.57
C SER E 179 -17.36 -1.45 -36.26
N TYR E 180 -16.39 -0.69 -35.74
CA TYR E 180 -15.06 -0.69 -36.35
C TYR E 180 -14.40 -2.03 -36.01
N GLU E 181 -13.90 -2.72 -37.05
CA GLU E 181 -13.42 -4.08 -36.85
C GLU E 181 -12.09 -4.10 -36.09
N GLU E 182 -11.41 -2.96 -35.99
CA GLU E 182 -10.27 -2.78 -35.10
C GLU E 182 -10.38 -1.41 -34.45
N ILE E 183 -9.98 -1.31 -33.20
CA ILE E 183 -10.22 -0.10 -32.42
C ILE E 183 -8.93 0.37 -31.79
N SER E 184 -8.93 1.64 -31.39
CA SER E 184 -7.80 2.23 -30.72
C SER E 184 -8.16 2.46 -29.27
N LEU E 185 -7.24 2.07 -28.38
CA LEU E 185 -7.46 2.12 -26.94
C LEU E 185 -7.71 3.53 -26.41
N SER E 186 -7.65 4.56 -27.26
CA SER E 186 -8.14 5.85 -26.79
C SER E 186 -9.65 5.87 -26.74
N ALA E 187 -10.30 4.98 -27.50
CA ALA E 187 -11.76 4.98 -27.55
C ALA E 187 -12.37 4.69 -26.19
N PHE E 188 -11.67 3.90 -25.38
CA PHE E 188 -12.16 3.47 -24.08
C PHE E 188 -11.56 4.24 -22.92
N ARG E 189 -11.01 5.45 -23.14
CA ARG E 189 -10.39 6.16 -22.02
C ARG E 189 -11.40 6.36 -20.90
N ASP E 190 -12.68 6.46 -21.25
CA ASP E 190 -13.76 6.69 -20.29
C ASP E 190 -14.59 5.42 -20.18
N GLU E 191 -13.89 4.38 -19.78
CA GLU E 191 -14.52 3.10 -19.60
C GLU E 191 -13.87 2.51 -18.37
N THR E 192 -14.63 1.93 -17.48
CA THR E 192 -14.00 1.18 -16.42
C THR E 192 -13.36 -0.04 -17.05
N PHE E 193 -12.09 -0.30 -16.73
CA PHE E 193 -11.35 -1.42 -17.27
C PHE E 193 -11.30 -2.57 -16.27
N LEU E 194 -11.77 -3.75 -16.71
CA LEU E 194 -11.96 -4.91 -15.83
C LEU E 194 -10.72 -5.78 -15.84
N LEU E 195 -10.01 -5.81 -14.71
CA LEU E 195 -8.76 -6.53 -14.60
C LEU E 195 -8.78 -7.37 -13.33
N PHE E 196 -7.82 -8.26 -13.25
CA PHE E 196 -7.53 -9.16 -12.15
C PHE E 196 -6.41 -8.57 -11.30
N PRO E 197 -6.27 -8.99 -10.04
CA PRO E 197 -5.28 -8.33 -9.17
C PRO E 197 -3.84 -8.55 -9.63
N ARG E 198 -3.00 -7.52 -9.45
CA ARG E 198 -1.62 -7.62 -9.92
C ARG E 198 -0.86 -8.62 -9.10
N GLU E 199 -1.32 -8.91 -7.88
CA GLU E 199 -0.69 -9.95 -7.10
C GLU E 199 -0.87 -11.32 -7.75
N ILE E 200 -1.92 -11.49 -8.57
CA ILE E 200 -2.19 -12.79 -9.18
C ILE E 200 -1.09 -13.13 -10.20
N GLY E 201 -0.86 -12.24 -11.14
CA GLY E 201 0.29 -12.36 -12.02
C GLY E 201 0.46 -10.99 -12.58
N LEU E 202 1.69 -10.54 -12.78
CA LEU E 202 1.91 -9.14 -13.10
C LEU E 202 2.59 -8.90 -14.45
N THR E 203 3.02 -9.95 -15.16
CA THR E 203 3.42 -9.76 -16.55
C THR E 203 2.23 -9.32 -17.40
N LEU E 204 1.06 -9.95 -17.17
CA LEU E 204 -0.16 -9.63 -17.91
C LEU E 204 -0.66 -8.23 -17.58
N TYR E 205 -0.78 -7.92 -16.29
CA TYR E 205 -1.32 -6.64 -15.85
C TYR E 205 -0.47 -5.45 -16.30
N ASP E 206 0.87 -5.57 -16.28
CA ASP E 206 1.70 -4.45 -16.70
C ASP E 206 1.51 -4.15 -18.18
N SER E 207 1.54 -5.19 -19.02
CA SER E 207 1.26 -5.03 -20.43
C SER E 207 -0.06 -4.29 -20.66
N VAL E 208 -1.06 -4.58 -19.83
CA VAL E 208 -2.38 -3.96 -19.98
C VAL E 208 -2.31 -2.46 -19.67
N ILE E 209 -1.70 -2.08 -18.56
CA ILE E 209 -1.62 -0.66 -18.23
C ILE E 209 -0.71 0.08 -19.21
N GLU E 210 0.38 -0.57 -19.63
CA GLU E 210 1.29 0.06 -20.56
C GLU E 210 0.61 0.32 -21.89
N SER E 211 -0.20 -0.62 -22.37
CA SER E 211 -0.84 -0.40 -23.67
C SER E 211 -1.84 0.75 -23.62
N CYS E 212 -2.54 0.94 -22.49
CA CYS E 212 -3.36 2.15 -22.30
C CYS E 212 -2.51 3.41 -22.31
N ARG E 213 -1.48 3.43 -21.44
CA ARG E 213 -0.59 4.59 -21.32
C ARG E 213 0.02 4.92 -22.68
N THR E 214 0.11 3.92 -23.56
CA THR E 214 0.56 4.15 -24.93
C THR E 214 -0.47 4.96 -25.71
N ALA E 215 -1.73 4.88 -25.32
CA ALA E 215 -2.80 5.61 -25.98
C ALA E 215 -3.17 6.88 -25.22
N GLY E 216 -2.50 7.18 -24.13
CA GLY E 216 -2.55 8.51 -23.56
C GLY E 216 -3.41 8.69 -22.33
N PHE E 217 -3.72 7.62 -21.60
CA PHE E 217 -4.47 7.75 -20.35
C PHE E 217 -3.97 6.70 -19.35
N GLU E 218 -4.32 6.91 -18.08
CA GLU E 218 -4.15 5.88 -17.07
C GLU E 218 -5.53 5.30 -16.85
N PRO E 219 -5.73 4.01 -17.09
CA PRO E 219 -7.10 3.48 -17.12
C PRO E 219 -7.78 3.48 -15.75
N THR E 220 -9.09 3.73 -15.79
CA THR E 220 -9.91 3.51 -14.61
C THR E 220 -9.99 2.01 -14.37
N ILE E 221 -9.94 1.58 -13.12
CA ILE E 221 -9.88 0.15 -12.84
C ILE E 221 -11.00 -0.22 -11.90
N GLY E 222 -11.63 -1.36 -12.15
CA GLY E 222 -12.76 -1.76 -11.34
C GLY E 222 -12.51 -2.97 -10.48
N GLN E 223 -13.56 -3.36 -9.75
CA GLN E 223 -13.54 -4.55 -8.92
C GLN E 223 -12.90 -5.71 -9.68
N LEU E 224 -11.93 -6.38 -9.06
CA LEU E 224 -11.11 -7.38 -9.73
C LEU E 224 -11.79 -8.75 -9.68
N ALA E 225 -12.14 -9.31 -10.85
CA ALA E 225 -12.89 -10.57 -10.91
C ALA E 225 -12.00 -11.79 -10.69
N PRO E 226 -12.56 -12.95 -10.30
CA PRO E 226 -11.70 -14.08 -9.87
C PRO E 226 -10.85 -14.69 -10.97
N GLN E 227 -11.45 -15.01 -12.11
CA GLN E 227 -10.76 -15.72 -13.19
C GLN E 227 -11.12 -15.04 -14.50
N ILE E 228 -10.17 -14.96 -15.46
CA ILE E 228 -10.45 -14.29 -16.73
C ILE E 228 -11.80 -14.75 -17.27
N ALA E 229 -12.12 -16.05 -17.14
CA ALA E 229 -13.44 -16.48 -17.58
C ALA E 229 -14.54 -15.67 -16.91
N SER E 230 -14.37 -15.34 -15.62
CA SER E 230 -15.44 -14.64 -14.91
C SER E 230 -15.64 -13.21 -15.43
N VAL E 231 -14.59 -12.60 -16.03
CA VAL E 231 -14.65 -11.20 -16.44
C VAL E 231 -15.59 -11.03 -17.63
N ILE E 232 -15.55 -11.99 -18.57
CA ILE E 232 -16.33 -11.94 -19.80
C ILE E 232 -17.81 -11.81 -19.47
N ASN E 233 -18.28 -12.57 -18.49
CA ASN E 233 -19.67 -12.51 -18.09
C ASN E 233 -20.00 -11.10 -17.60
N LEU E 234 -19.05 -10.46 -16.89
CA LEU E 234 -19.29 -9.10 -16.42
C LEU E 234 -19.23 -8.12 -17.55
N VAL E 235 -18.35 -8.34 -18.53
CA VAL E 235 -18.35 -7.45 -19.67
C VAL E 235 -19.70 -7.51 -20.35
N ALA E 236 -20.25 -8.73 -20.47
CA ALA E 236 -21.60 -8.95 -21.01
C ALA E 236 -22.64 -8.16 -20.26
N ALA E 237 -22.49 -8.02 -18.94
CA ALA E 237 -23.35 -7.19 -18.09
C ALA E 237 -23.03 -5.70 -18.19
N GLU E 238 -22.25 -5.27 -19.18
CA GLU E 238 -21.91 -3.85 -19.39
C GLU E 238 -21.43 -3.19 -18.09
N MET E 239 -20.52 -3.87 -17.40
CA MET E 239 -19.88 -3.32 -16.23
C MET E 239 -18.50 -2.77 -16.56
N GLY E 240 -18.13 -2.79 -17.83
CA GLY E 240 -16.86 -2.27 -18.25
C GLY E 240 -16.34 -3.07 -19.42
N VAL E 241 -15.07 -2.85 -19.75
CA VAL E 241 -14.40 -3.57 -20.83
C VAL E 241 -13.09 -4.13 -20.31
N SER E 242 -12.44 -4.97 -21.12
CA SER E 242 -11.22 -5.64 -20.69
C SER E 242 -10.33 -5.97 -21.87
N ILE E 243 -9.08 -6.25 -21.54
CA ILE E 243 -8.06 -6.65 -22.49
C ILE E 243 -7.65 -8.05 -22.10
N VAL E 244 -7.74 -9.00 -23.04
CA VAL E 244 -7.49 -10.43 -22.78
C VAL E 244 -6.61 -11.02 -23.85
N PRO E 245 -5.96 -12.15 -23.58
CA PRO E 245 -5.23 -12.84 -24.65
C PRO E 245 -6.15 -13.20 -25.78
N ALA E 246 -5.56 -13.26 -26.97
CA ALA E 246 -6.30 -13.76 -28.12
C ALA E 246 -6.98 -15.07 -27.78
N SER E 247 -6.25 -15.97 -27.14
CA SER E 247 -6.78 -17.28 -26.83
C SER E 247 -8.14 -17.21 -26.13
N MET E 248 -8.37 -16.22 -25.25
CA MET E 248 -9.62 -16.14 -24.49
C MET E 248 -10.88 -15.88 -25.31
N SER E 249 -10.77 -15.55 -26.59
CA SER E 249 -11.96 -15.36 -27.42
C SER E 249 -12.67 -16.67 -27.73
N GLN E 250 -12.23 -17.79 -27.14
CA GLN E 250 -12.93 -19.05 -27.25
C GLN E 250 -14.25 -19.02 -26.48
N VAL E 251 -14.31 -18.25 -25.40
CA VAL E 251 -15.52 -18.03 -24.64
C VAL E 251 -16.45 -17.14 -25.46
N LYS E 252 -17.32 -17.74 -26.27
CA LYS E 252 -18.21 -16.92 -27.09
C LYS E 252 -19.56 -16.77 -26.40
N VAL E 253 -19.49 -16.21 -25.20
CA VAL E 253 -20.67 -15.74 -24.47
C VAL E 253 -21.41 -14.72 -25.31
N ILE E 254 -22.74 -14.85 -25.37
CA ILE E 254 -23.56 -13.80 -25.97
C ILE E 254 -23.33 -12.49 -25.26
N GLY E 255 -23.30 -11.43 -26.05
CA GLY E 255 -23.31 -10.08 -25.52
C GLY E 255 -21.95 -9.45 -25.45
N VAL E 256 -20.89 -10.20 -25.69
CA VAL E 256 -19.58 -9.62 -25.84
C VAL E 256 -19.12 -9.83 -27.25
N VAL E 257 -18.20 -8.98 -27.68
CA VAL E 257 -17.49 -9.18 -28.94
C VAL E 257 -16.02 -8.96 -28.65
N TYR E 258 -15.17 -9.56 -29.46
CA TYR E 258 -13.73 -9.42 -29.33
C TYR E 258 -13.26 -8.62 -30.53
N ARG E 259 -12.42 -7.60 -30.31
CA ARG E 259 -11.94 -6.76 -31.40
C ARG E 259 -10.45 -6.59 -31.27
N HIS E 260 -9.80 -6.29 -32.38
CA HIS E 260 -8.36 -6.21 -32.39
C HIS E 260 -7.89 -4.78 -32.17
N ILE E 261 -6.95 -4.63 -31.22
CA ILE E 261 -6.39 -3.32 -30.92
C ILE E 261 -5.50 -2.89 -32.07
N ALA E 262 -5.65 -1.65 -32.50
CA ALA E 262 -4.84 -1.13 -33.59
C ALA E 262 -3.53 -0.58 -33.10
N ASP E 263 -3.23 -0.74 -31.82
CA ASP E 263 -2.00 -0.23 -31.23
C ASP E 263 -0.94 -1.33 -31.29
N GLN E 264 0.26 -0.99 -30.84
CA GLN E 264 1.32 -1.99 -30.78
C GLN E 264 1.32 -2.62 -29.41
N THR E 265 0.21 -3.30 -29.11
CA THR E 265 0.09 -3.92 -27.80
C THR E 265 1.12 -5.03 -27.65
N PRO E 266 1.85 -5.06 -26.53
CA PRO E 266 2.60 -6.27 -26.20
C PRO E 266 1.66 -7.46 -26.26
N THR E 267 2.07 -8.42 -27.06
CA THR E 267 1.44 -9.72 -27.08
C THR E 267 1.61 -10.37 -25.73
N ALA E 268 0.58 -11.06 -25.29
CA ALA E 268 0.71 -11.97 -24.18
C ALA E 268 1.59 -13.13 -24.61
N LYS E 269 2.53 -13.51 -23.77
CA LYS E 269 3.48 -14.58 -24.05
C LYS E 269 3.30 -15.72 -23.06
N LEU E 270 3.55 -16.94 -23.55
CA LEU E 270 3.47 -18.16 -22.75
C LEU E 270 4.75 -18.96 -22.89
N ALA E 271 5.35 -19.33 -21.77
CA ALA E 271 6.54 -20.17 -21.79
C ALA E 271 6.27 -21.43 -20.98
N LEU E 272 7.03 -22.46 -21.32
CA LEU E 272 7.03 -23.73 -20.62
C LEU E 272 8.31 -23.76 -19.79
N ALA E 273 8.16 -23.64 -18.47
CA ALA E 273 9.27 -23.64 -17.52
C ALA E 273 9.43 -25.01 -16.87
N TYR E 274 10.65 -25.26 -16.46
CA TYR E 274 11.02 -26.44 -15.69
C TYR E 274 12.30 -26.13 -14.94
N ARG E 275 12.78 -27.09 -14.16
CA ARG E 275 13.86 -26.74 -13.27
C ARG E 275 15.19 -26.68 -14.01
N ARG E 276 16.16 -26.06 -13.34
CA ARG E 276 17.53 -26.05 -13.82
C ARG E 276 18.24 -27.25 -13.20
N GLY E 277 18.60 -28.20 -14.05
CA GLY E 277 19.22 -29.41 -13.59
C GLY E 277 18.30 -30.54 -13.18
N ASP E 278 17.17 -30.70 -13.84
CA ASP E 278 16.34 -31.87 -13.60
C ASP E 278 16.70 -32.93 -14.62
N THR E 279 17.16 -34.08 -14.13
CA THR E 279 17.58 -35.20 -14.95
C THR E 279 16.49 -36.24 -15.11
N SER E 280 15.24 -35.86 -14.81
CA SER E 280 14.18 -36.83 -14.73
C SER E 280 13.86 -37.36 -16.12
N PRO E 281 13.71 -38.68 -16.30
CA PRO E 281 13.38 -39.19 -17.63
C PRO E 281 11.98 -38.81 -18.05
N VAL E 282 11.03 -38.79 -17.09
CA VAL E 282 9.65 -38.45 -17.39
C VAL E 282 9.53 -36.97 -17.76
N LEU E 283 10.22 -36.08 -17.04
CA LEU E 283 10.25 -34.68 -17.45
C LEU E 283 11.00 -34.52 -18.76
N ARG E 284 12.12 -35.22 -18.94
CA ARG E 284 12.79 -35.21 -20.25
C ARG E 284 11.79 -35.53 -21.36
N ASN E 285 11.05 -36.62 -21.18
CA ASN E 285 10.21 -37.13 -22.23
C ASN E 285 9.06 -36.19 -22.53
N PHE E 286 8.63 -35.42 -21.52
CA PHE E 286 7.60 -34.41 -21.75
C PHE E 286 8.17 -33.22 -22.50
N VAL E 287 9.39 -32.77 -22.16
CA VAL E 287 9.85 -31.53 -22.77
C VAL E 287 10.15 -31.76 -24.24
N LEU E 288 10.57 -32.96 -24.61
CA LEU E 288 10.75 -33.27 -26.02
C LEU E 288 9.44 -33.62 -26.74
N THR E 289 8.33 -33.61 -26.05
CA THR E 289 7.06 -33.77 -26.74
C THR E 289 6.52 -32.42 -27.19
N VAL E 290 6.95 -31.36 -26.53
CA VAL E 290 6.62 -29.99 -26.89
C VAL E 290 7.63 -29.38 -27.85
N PHE E 291 8.81 -29.97 -27.99
CA PHE E 291 9.86 -29.48 -28.88
C PHE E 291 10.51 -30.64 -29.65
N PRO E 292 9.77 -31.25 -30.58
CA PRO E 292 10.16 -32.48 -31.30
C PRO E 292 10.42 -32.34 -32.81
N GLY F 88 -33.47 9.00 -12.46
CA GLY F 88 -33.30 9.94 -11.36
C GLY F 88 -33.51 9.43 -9.93
N GLU F 89 -33.48 8.12 -9.75
CA GLU F 89 -33.86 7.49 -8.50
C GLU F 89 -32.66 6.78 -7.92
N LEU F 90 -32.55 6.74 -6.62
CA LEU F 90 -31.28 6.35 -6.06
C LEU F 90 -31.36 5.50 -4.80
N GLY F 91 -30.26 4.77 -4.61
CA GLY F 91 -30.02 3.82 -3.54
C GLY F 91 -28.65 3.20 -3.72
N VAL F 92 -28.36 2.12 -2.98
CA VAL F 92 -27.33 1.15 -3.36
C VAL F 92 -27.84 -0.25 -3.02
N LEU F 93 -27.64 -1.20 -3.96
CA LEU F 93 -28.24 -2.53 -3.95
C LEU F 93 -27.21 -3.59 -4.24
N ARG F 94 -27.16 -4.62 -3.40
CA ARG F 94 -26.11 -5.60 -3.48
C ARG F 94 -26.63 -6.85 -4.14
N VAL F 95 -25.99 -7.23 -5.24
CA VAL F 95 -26.46 -8.29 -6.13
C VAL F 95 -25.41 -9.39 -6.20
N GLY F 96 -25.84 -10.63 -6.05
CA GLY F 96 -24.93 -11.76 -6.10
C GLY F 96 -25.33 -12.77 -7.15
N PHE F 97 -24.33 -13.57 -7.55
CA PHE F 97 -24.56 -14.63 -8.51
C PHE F 97 -23.51 -15.74 -8.37
N THR F 98 -23.78 -16.89 -9.00
CA THR F 98 -22.78 -17.93 -9.01
C THR F 98 -21.97 -17.80 -10.28
N ALA F 99 -20.82 -18.43 -10.27
CA ALA F 99 -19.94 -18.31 -11.42
C ALA F 99 -20.59 -18.94 -12.64
N SER F 100 -21.26 -20.07 -12.48
CA SER F 100 -21.93 -20.73 -13.60
C SER F 100 -23.25 -20.06 -13.97
N SER F 101 -23.76 -19.15 -13.17
CA SER F 101 -25.02 -18.53 -13.54
C SER F 101 -24.82 -17.31 -14.41
N ALA F 102 -23.65 -16.69 -14.36
CA ALA F 102 -23.37 -15.55 -15.22
C ALA F 102 -23.22 -15.97 -16.68
N PHE F 103 -23.17 -17.27 -16.95
CA PHE F 103 -23.17 -17.76 -18.30
C PHE F 103 -24.57 -17.88 -18.82
N ASN F 104 -25.55 -17.98 -17.93
CA ASN F 104 -26.94 -17.89 -18.31
C ASN F 104 -27.24 -16.42 -18.54
N SER F 105 -27.75 -16.08 -19.72
CA SER F 105 -27.93 -14.69 -20.11
C SER F 105 -28.91 -13.93 -19.22
N VAL F 106 -29.59 -14.61 -18.28
CA VAL F 106 -30.55 -13.92 -17.43
C VAL F 106 -29.85 -13.01 -16.42
N VAL F 107 -28.66 -13.41 -15.93
CA VAL F 107 -27.87 -12.59 -15.00
C VAL F 107 -27.34 -11.33 -15.70
N PRO F 108 -26.72 -11.40 -16.88
CA PRO F 108 -26.26 -10.16 -17.50
C PRO F 108 -27.38 -9.22 -17.91
N THR F 109 -28.43 -9.74 -18.54
CA THR F 109 -29.50 -8.90 -19.04
C THR F 109 -30.21 -8.18 -17.91
N ALA F 110 -30.46 -8.88 -16.80
CA ALA F 110 -31.06 -8.24 -15.62
C ALA F 110 -30.18 -7.12 -15.10
N ILE F 111 -28.86 -7.32 -15.03
CA ILE F 111 -27.98 -6.22 -14.64
C ILE F 111 -27.96 -5.14 -15.73
N ARG F 112 -27.78 -5.55 -16.99
CA ARG F 112 -27.80 -4.61 -18.09
C ARG F 112 -29.07 -3.78 -18.02
N ALA F 113 -30.22 -4.43 -17.79
CA ALA F 113 -31.50 -3.76 -17.90
C ALA F 113 -31.69 -2.79 -16.76
N PHE F 114 -31.45 -3.26 -15.53
CA PHE F 114 -31.60 -2.43 -14.35
C PHE F 114 -30.54 -1.33 -14.28
N ARG F 115 -29.29 -1.60 -14.68
CA ARG F 115 -28.30 -0.54 -14.66
C ARG F 115 -28.74 0.60 -15.58
N ARG F 116 -29.32 0.28 -16.75
CA ARG F 116 -29.79 1.31 -17.67
C ARG F 116 -30.96 2.09 -17.08
N ALA F 117 -31.92 1.39 -16.48
CA ALA F 117 -33.16 2.04 -16.09
C ALA F 117 -32.97 2.87 -14.83
N TYR F 118 -32.10 2.44 -13.92
CA TYR F 118 -31.82 3.17 -12.68
C TYR F 118 -30.35 3.54 -12.64
N PRO F 119 -29.95 4.57 -13.37
CA PRO F 119 -28.52 4.86 -13.46
C PRO F 119 -27.95 5.23 -12.11
N ASP F 120 -28.78 5.85 -11.26
CA ASP F 120 -28.29 6.43 -10.04
C ASP F 120 -28.23 5.44 -8.90
N VAL F 121 -28.70 4.24 -9.11
CA VAL F 121 -28.53 3.19 -8.12
C VAL F 121 -27.15 2.58 -8.33
N ARG F 122 -26.43 2.36 -7.24
CA ARG F 122 -25.16 1.64 -7.35
C ARG F 122 -25.45 0.18 -7.07
N LEU F 123 -24.71 -0.69 -7.74
CA LEU F 123 -24.92 -2.12 -7.71
C LEU F 123 -23.63 -2.72 -7.17
N GLN F 124 -23.69 -3.46 -6.07
CA GLN F 124 -22.52 -4.24 -5.69
C GLN F 124 -22.75 -5.66 -6.17
N LEU F 125 -21.77 -6.19 -6.90
CA LEU F 125 -21.84 -7.52 -7.50
C LEU F 125 -20.90 -8.46 -6.76
N GLU F 126 -21.40 -9.64 -6.41
CA GLU F 126 -20.64 -10.62 -5.67
C GLU F 126 -20.80 -11.97 -6.33
N GLU F 127 -19.68 -12.60 -6.67
CA GLU F 127 -19.64 -13.91 -7.30
C GLU F 127 -19.31 -14.93 -6.20
N ASP F 128 -20.25 -15.81 -5.90
CA ASP F 128 -19.97 -16.78 -4.85
C ASP F 128 -20.98 -17.91 -4.94
N ASN F 129 -20.61 -19.04 -4.34
CA ASN F 129 -21.49 -20.19 -4.42
C ASN F 129 -22.71 -19.99 -3.52
N THR F 130 -23.80 -20.67 -3.91
CA THR F 130 -25.12 -20.47 -3.33
C THR F 130 -25.11 -20.40 -1.79
N THR F 131 -24.25 -21.19 -1.12
CA THR F 131 -24.24 -21.20 0.34
C THR F 131 -23.80 -19.85 0.90
N ARG F 132 -22.81 -19.23 0.26
CA ARG F 132 -22.32 -17.93 0.68
C ARG F 132 -23.23 -16.80 0.21
N LEU F 133 -24.07 -17.07 -0.82
CA LEU F 133 -25.08 -16.10 -1.26
C LEU F 133 -26.23 -16.01 -0.26
N ALA F 134 -26.83 -17.14 0.12
CA ALA F 134 -27.78 -17.11 1.23
C ALA F 134 -27.14 -16.53 2.47
N ASP F 135 -25.94 -17.02 2.79
CA ASP F 135 -25.16 -16.43 3.88
C ASP F 135 -25.17 -14.91 3.80
N GLY F 136 -24.89 -14.35 2.61
CA GLY F 136 -24.98 -12.91 2.43
C GLY F 136 -26.33 -12.33 2.78
N LEU F 137 -27.42 -12.99 2.35
CA LEU F 137 -28.77 -12.49 2.62
C LEU F 137 -29.10 -12.55 4.10
N ASN F 138 -28.99 -13.74 4.72
CA ASN F 138 -29.07 -13.85 6.17
C ASN F 138 -28.24 -12.80 6.89
N GLU F 139 -26.94 -12.70 6.55
CA GLU F 139 -26.02 -11.77 7.20
C GLU F 139 -26.42 -10.32 7.00
N GLY F 140 -27.03 -10.01 5.86
CA GLY F 140 -27.32 -8.65 5.46
C GLY F 140 -26.32 -7.98 4.53
N SER F 141 -25.25 -8.65 4.13
CA SER F 141 -24.30 -8.04 3.20
C SER F 141 -24.68 -8.23 1.73
N LEU F 142 -25.90 -8.68 1.44
CA LEU F 142 -26.46 -8.84 0.11
C LEU F 142 -27.95 -8.52 0.19
N ASP F 143 -28.52 -7.96 -0.88
CA ASP F 143 -29.96 -7.73 -0.88
C ASP F 143 -30.70 -8.69 -1.78
N VAL F 144 -30.08 -9.15 -2.86
CA VAL F 144 -30.68 -10.11 -3.78
C VAL F 144 -29.59 -11.02 -4.31
N ALA F 145 -29.97 -12.18 -4.84
CA ALA F 145 -28.95 -13.11 -5.25
C ALA F 145 -29.49 -14.08 -6.29
N PHE F 146 -28.65 -14.40 -7.27
CA PHE F 146 -28.97 -15.40 -8.28
C PHE F 146 -28.38 -16.71 -7.79
N LEU F 147 -29.20 -17.62 -7.29
CA LEU F 147 -28.64 -18.86 -6.78
C LEU F 147 -29.43 -20.07 -7.27
N ARG F 148 -28.86 -21.28 -7.01
CA ARG F 148 -29.46 -22.57 -7.37
C ARG F 148 -30.42 -22.97 -6.27
N PRO F 149 -31.64 -23.32 -6.56
CA PRO F 149 -32.59 -23.55 -5.48
C PRO F 149 -32.33 -24.85 -4.72
N GLY F 150 -33.24 -25.11 -3.78
CA GLY F 150 -33.25 -26.30 -2.96
C GLY F 150 -32.13 -26.49 -1.95
N PHE F 151 -31.65 -25.42 -1.31
CA PHE F 151 -30.60 -25.55 -0.31
C PHE F 151 -31.17 -25.60 1.11
N ALA F 152 -30.25 -25.58 2.10
CA ALA F 152 -30.61 -25.68 3.51
C ALA F 152 -31.00 -24.32 4.06
N GLY F 153 -32.29 -24.15 4.35
CA GLY F 153 -32.84 -22.87 4.76
C GLY F 153 -33.49 -22.03 3.68
N SER F 154 -33.78 -22.62 2.51
CA SER F 154 -34.48 -21.99 1.39
C SER F 154 -35.97 -21.75 1.67
N GLU F 155 -36.43 -22.03 2.89
CA GLU F 155 -37.76 -21.73 3.38
C GLU F 155 -37.81 -20.37 4.08
N ARG F 156 -36.64 -19.85 4.46
CA ARG F 156 -36.45 -18.57 5.13
C ARG F 156 -36.41 -17.43 4.14
N PHE F 157 -36.53 -17.73 2.85
CA PHE F 157 -36.31 -16.75 1.81
C PHE F 157 -37.39 -16.86 0.76
N HIS F 158 -37.58 -15.79 -0.02
CA HIS F 158 -38.40 -15.85 -1.22
C HIS F 158 -37.51 -16.35 -2.33
N LEU F 159 -37.91 -17.40 -3.02
CA LEU F 159 -37.13 -17.93 -4.13
C LEU F 159 -38.06 -18.02 -5.31
N ARG F 160 -37.73 -17.35 -6.41
CA ARG F 160 -38.54 -17.39 -7.61
C ARG F 160 -37.75 -17.99 -8.75
N MET F 161 -38.31 -19.07 -9.32
CA MET F 161 -37.66 -19.79 -10.39
C MET F 161 -37.55 -18.90 -11.62
N LEU F 162 -36.33 -18.85 -12.17
CA LEU F 162 -35.94 -18.00 -13.27
C LEU F 162 -35.70 -18.74 -14.57
N SER F 163 -35.34 -20.01 -14.47
CA SER F 163 -34.77 -20.74 -15.57
C SER F 163 -34.99 -22.22 -15.26
N GLU F 164 -34.59 -23.06 -16.19
CA GLU F 164 -34.43 -24.48 -16.00
C GLU F 164 -33.72 -24.93 -17.26
N GLU F 165 -32.47 -24.49 -17.41
CA GLU F 165 -31.67 -24.89 -18.57
C GLU F 165 -31.29 -26.36 -18.50
N PRO F 166 -31.32 -27.05 -19.63
CA PRO F 166 -30.86 -28.43 -19.69
C PRO F 166 -29.37 -28.48 -19.47
N MET F 167 -28.89 -29.67 -19.14
CA MET F 167 -27.45 -29.87 -19.01
C MET F 167 -26.93 -30.71 -20.14
N MET F 168 -25.96 -30.16 -20.81
CA MET F 168 -25.39 -30.90 -21.88
C MET F 168 -24.22 -31.68 -21.33
N ILE F 169 -23.56 -32.35 -22.22
CA ILE F 169 -22.37 -33.09 -21.88
C ILE F 169 -21.26 -32.65 -22.80
N VAL F 170 -20.11 -32.37 -22.23
CA VAL F 170 -18.96 -31.96 -23.02
C VAL F 170 -17.97 -33.11 -23.06
N MET F 171 -17.39 -33.32 -24.25
CA MET F 171 -16.53 -34.43 -24.58
C MET F 171 -15.65 -34.03 -25.74
N ALA F 172 -14.61 -34.81 -25.94
CA ALA F 172 -13.60 -34.44 -26.91
C ALA F 172 -14.12 -34.71 -28.31
N GLU F 173 -13.66 -33.89 -29.26
CA GLU F 173 -14.24 -33.97 -30.60
C GLU F 173 -13.99 -35.33 -31.25
N ASN F 174 -12.89 -35.98 -30.93
CA ASN F 174 -12.65 -37.32 -31.45
C ASN F 174 -13.34 -38.42 -30.62
N HIS F 175 -14.39 -38.12 -29.84
CA HIS F 175 -15.06 -39.18 -29.08
C HIS F 175 -16.09 -39.95 -29.91
N PRO F 176 -16.20 -41.27 -29.71
CA PRO F 176 -17.20 -42.06 -30.44
C PRO F 176 -18.59 -41.49 -30.36
N ALA F 177 -18.99 -40.92 -29.24
CA ALA F 177 -20.34 -40.42 -29.12
C ALA F 177 -20.54 -39.09 -29.82
N ALA F 178 -19.46 -38.44 -30.24
CA ALA F 178 -19.58 -37.12 -30.83
C ALA F 178 -20.51 -37.13 -32.03
N SER F 179 -20.47 -38.21 -32.81
CA SER F 179 -21.23 -38.27 -34.06
C SER F 179 -22.73 -38.21 -33.82
N TYR F 180 -23.24 -38.98 -32.87
CA TYR F 180 -24.68 -38.92 -32.61
C TYR F 180 -25.14 -37.58 -32.04
N GLU F 181 -26.36 -37.22 -32.44
CA GLU F 181 -26.94 -35.92 -32.22
C GLU F 181 -27.24 -35.70 -30.74
N GLU F 182 -27.77 -36.73 -30.09
CA GLU F 182 -28.26 -36.72 -28.72
C GLU F 182 -28.03 -38.12 -28.18
N ILE F 183 -27.39 -38.24 -27.01
CA ILE F 183 -26.89 -39.52 -26.52
C ILE F 183 -27.58 -39.90 -25.21
N SER F 184 -27.18 -41.05 -24.65
CA SER F 184 -27.55 -41.59 -23.35
C SER F 184 -26.41 -41.41 -22.38
N LEU F 185 -26.69 -41.52 -21.08
CA LEU F 185 -25.56 -41.35 -20.16
C LEU F 185 -24.80 -42.65 -19.94
N SER F 186 -25.29 -43.79 -20.44
CA SER F 186 -24.60 -45.06 -20.26
C SER F 186 -23.36 -45.16 -21.13
N ALA F 187 -23.31 -44.40 -22.24
CA ALA F 187 -22.17 -44.43 -23.13
C ALA F 187 -20.89 -43.97 -22.48
N PHE F 188 -20.99 -43.26 -21.35
CA PHE F 188 -19.85 -42.75 -20.59
C PHE F 188 -19.61 -43.53 -19.32
N ARG F 189 -20.31 -44.66 -19.10
CA ARG F 189 -20.13 -45.46 -17.89
C ARG F 189 -18.71 -45.93 -17.69
N ASP F 190 -17.99 -46.17 -18.77
CA ASP F 190 -16.59 -46.54 -18.69
C ASP F 190 -15.70 -45.35 -19.02
N GLU F 191 -16.06 -44.20 -18.51
N GLU F 191 -16.09 -44.18 -18.55
CA GLU F 191 -15.37 -42.96 -18.82
CA GLU F 191 -15.36 -42.95 -18.82
C GLU F 191 -14.99 -42.27 -17.52
C GLU F 191 -14.95 -42.30 -17.50
N THR F 192 -13.98 -41.41 -17.59
CA THR F 192 -13.55 -40.61 -16.44
C THR F 192 -14.28 -39.28 -16.43
N PHE F 193 -14.93 -38.95 -15.32
CA PHE F 193 -15.74 -37.75 -15.28
C PHE F 193 -14.93 -36.65 -14.63
N LEU F 194 -14.80 -35.50 -15.27
CA LEU F 194 -14.09 -34.40 -14.64
C LEU F 194 -15.12 -33.48 -14.03
N LEU F 195 -15.48 -33.71 -12.78
CA LEU F 195 -16.52 -32.91 -12.13
C LEU F 195 -15.91 -32.15 -10.99
N PHE F 196 -15.86 -30.84 -11.02
CA PHE F 196 -15.25 -30.14 -9.88
C PHE F 196 -16.32 -29.34 -9.15
N PRO F 197 -16.50 -29.51 -7.83
CA PRO F 197 -17.52 -28.81 -7.10
C PRO F 197 -17.24 -27.31 -7.12
N ARG F 198 -16.01 -26.87 -7.07
CA ARG F 198 -15.83 -25.42 -7.04
C ARG F 198 -16.39 -24.79 -8.31
N GLU F 199 -16.06 -25.30 -9.50
CA GLU F 199 -16.54 -24.69 -10.77
C GLU F 199 -18.04 -24.81 -11.02
N ILE F 200 -18.61 -25.99 -10.79
CA ILE F 200 -20.01 -26.30 -11.14
C ILE F 200 -20.92 -26.07 -9.95
N GLY F 201 -20.38 -26.10 -8.77
CA GLY F 201 -21.19 -25.79 -7.58
C GLY F 201 -21.52 -27.03 -6.81
N LEU F 202 -21.87 -26.91 -5.55
CA LEU F 202 -22.22 -28.15 -4.84
C LEU F 202 -23.55 -28.66 -5.38
N THR F 203 -24.48 -27.75 -5.56
CA THR F 203 -25.86 -28.12 -5.93
C THR F 203 -25.91 -28.85 -7.26
N LEU F 204 -25.06 -28.49 -8.20
CA LEU F 204 -25.12 -29.02 -9.55
C LEU F 204 -24.36 -30.33 -9.65
N TYR F 205 -23.18 -30.40 -9.05
CA TYR F 205 -22.35 -31.62 -9.06
C TYR F 205 -23.13 -32.83 -8.59
N ASP F 206 -23.87 -32.71 -7.49
CA ASP F 206 -24.59 -33.87 -7.00
C ASP F 206 -25.65 -34.31 -7.99
N SER F 207 -26.35 -33.35 -8.60
CA SER F 207 -27.37 -33.77 -9.56
C SER F 207 -26.71 -34.40 -10.78
N VAL F 208 -25.45 -34.04 -11.06
CA VAL F 208 -24.74 -34.73 -12.12
C VAL F 208 -24.45 -36.18 -11.72
N ILE F 209 -24.15 -36.40 -10.44
CA ILE F 209 -23.83 -37.74 -9.95
C ILE F 209 -25.08 -38.59 -9.92
N GLU F 210 -26.10 -38.14 -9.15
CA GLU F 210 -27.36 -38.85 -9.06
C GLU F 210 -27.93 -39.20 -10.43
N SER F 211 -27.64 -38.42 -11.48
CA SER F 211 -28.10 -38.81 -12.80
C SER F 211 -27.29 -39.94 -13.37
N CYS F 212 -25.97 -39.95 -13.16
CA CYS F 212 -25.13 -41.07 -13.58
C CYS F 212 -25.53 -42.35 -12.87
N ARG F 213 -25.92 -42.23 -11.60
CA ARG F 213 -26.44 -43.36 -10.87
C ARG F 213 -27.79 -43.78 -11.43
N THR F 214 -28.61 -42.81 -11.86
CA THR F 214 -29.87 -43.15 -12.51
C THR F 214 -29.62 -43.81 -13.86
N ALA F 215 -28.57 -43.42 -14.58
CA ALA F 215 -28.31 -44.10 -15.85
C ALA F 215 -27.91 -45.54 -15.63
N GLY F 216 -27.45 -45.89 -14.41
CA GLY F 216 -27.02 -47.23 -14.10
C GLY F 216 -25.52 -47.47 -13.96
N PHE F 217 -24.79 -46.61 -13.27
CA PHE F 217 -23.38 -46.84 -12.96
C PHE F 217 -22.92 -45.71 -12.06
N GLU F 218 -21.83 -45.93 -11.37
CA GLU F 218 -21.28 -44.92 -10.48
C GLU F 218 -20.22 -44.17 -11.26
N PRO F 219 -20.16 -42.84 -11.20
CA PRO F 219 -19.27 -42.12 -12.08
C PRO F 219 -17.84 -42.33 -11.59
N THR F 220 -16.94 -42.63 -12.51
CA THR F 220 -15.52 -42.57 -12.18
C THR F 220 -15.06 -41.12 -12.23
N ILE F 221 -14.86 -40.51 -11.07
CA ILE F 221 -14.45 -39.08 -11.00
C ILE F 221 -12.96 -38.99 -11.36
N GLY F 222 -12.52 -37.86 -11.89
CA GLY F 222 -11.14 -37.75 -12.37
C GLY F 222 -10.19 -37.28 -11.31
N GLN F 223 -9.49 -36.18 -11.57
CA GLN F 223 -8.55 -35.61 -10.59
C GLN F 223 -9.38 -35.07 -9.45
N LEU F 224 -8.89 -35.13 -8.22
CA LEU F 224 -9.82 -34.75 -7.16
C LEU F 224 -9.47 -33.45 -6.47
N ALA F 225 -8.73 -33.51 -5.39
CA ALA F 225 -8.65 -32.31 -4.54
C ALA F 225 -8.04 -31.07 -5.20
N PRO F 226 -6.98 -31.10 -6.02
CA PRO F 226 -6.45 -29.81 -6.48
C PRO F 226 -7.40 -29.27 -7.53
N GLN F 227 -8.38 -28.48 -7.11
CA GLN F 227 -9.48 -27.94 -7.95
C GLN F 227 -8.96 -27.03 -9.04
N ILE F 228 -9.47 -27.19 -10.26
CA ILE F 228 -9.06 -26.35 -11.41
C ILE F 228 -10.34 -25.85 -12.08
N ALA F 229 -10.40 -24.54 -12.32
CA ALA F 229 -11.57 -23.75 -12.76
C ALA F 229 -11.97 -23.99 -14.21
N SER F 230 -11.06 -24.36 -15.09
CA SER F 230 -11.51 -24.56 -16.45
C SER F 230 -11.53 -26.07 -16.76
N VAL F 231 -12.65 -26.74 -16.46
CA VAL F 231 -12.66 -28.18 -16.65
C VAL F 231 -12.93 -28.52 -18.12
N ILE F 232 -13.36 -27.53 -18.90
CA ILE F 232 -13.63 -27.74 -20.31
C ILE F 232 -12.35 -27.88 -21.08
N ASN F 233 -11.30 -27.15 -20.68
CA ASN F 233 -10.07 -27.22 -21.44
C ASN F 233 -9.48 -28.61 -21.29
N LEU F 234 -9.70 -29.23 -20.13
CA LEU F 234 -9.19 -30.57 -19.86
C LEU F 234 -9.85 -31.60 -20.74
N VAL F 235 -11.17 -31.50 -20.89
CA VAL F 235 -11.86 -32.36 -21.82
C VAL F 235 -11.17 -32.29 -23.16
N ALA F 236 -10.79 -31.09 -23.59
CA ALA F 236 -10.02 -30.95 -24.83
C ALA F 236 -8.64 -31.57 -24.71
N ALA F 237 -8.24 -31.94 -23.52
CA ALA F 237 -6.98 -32.62 -23.42
C ALA F 237 -7.15 -34.10 -23.41
N GLU F 238 -8.35 -34.61 -23.73
CA GLU F 238 -8.60 -36.04 -23.68
C GLU F 238 -8.59 -36.60 -22.26
N MET F 239 -8.54 -35.76 -21.23
CA MET F 239 -8.46 -36.31 -19.89
C MET F 239 -9.80 -36.76 -19.31
N GLY F 240 -10.87 -36.81 -20.09
CA GLY F 240 -12.15 -37.10 -19.49
C GLY F 240 -13.26 -36.35 -20.21
N VAL F 241 -14.47 -36.47 -19.65
CA VAL F 241 -15.67 -35.77 -20.11
C VAL F 241 -16.29 -35.05 -18.93
N SER F 242 -17.37 -34.32 -19.18
CA SER F 242 -17.97 -33.54 -18.12
C SER F 242 -19.38 -33.18 -18.54
N ILE F 243 -20.21 -32.96 -17.54
CA ILE F 243 -21.57 -32.53 -17.77
C ILE F 243 -21.69 -31.10 -17.27
N VAL F 244 -22.08 -30.19 -18.14
CA VAL F 244 -22.16 -28.80 -17.71
C VAL F 244 -23.57 -28.27 -17.97
N PRO F 245 -23.92 -27.07 -17.56
CA PRO F 245 -25.18 -26.47 -18.00
C PRO F 245 -25.17 -26.07 -19.47
N ALA F 246 -26.35 -25.97 -20.07
CA ALA F 246 -26.37 -25.60 -21.48
C ALA F 246 -25.81 -24.18 -21.70
N SER F 247 -25.79 -23.34 -20.67
CA SER F 247 -25.23 -22.00 -20.84
C SER F 247 -23.74 -22.06 -21.15
N MET F 248 -23.00 -22.99 -20.51
CA MET F 248 -21.56 -23.27 -20.70
C MET F 248 -21.21 -23.79 -22.09
N SER F 249 -22.17 -24.28 -22.86
CA SER F 249 -21.86 -24.66 -24.23
C SER F 249 -21.53 -23.44 -25.06
N GLN F 250 -21.41 -22.29 -24.43
CA GLN F 250 -20.98 -21.11 -25.12
C GLN F 250 -19.49 -21.01 -25.17
N VAL F 251 -18.79 -21.81 -24.38
CA VAL F 251 -17.34 -21.79 -24.29
C VAL F 251 -16.85 -22.66 -25.44
N LYS F 252 -16.90 -22.17 -26.68
CA LYS F 252 -16.47 -22.96 -27.83
C LYS F 252 -14.96 -23.13 -27.87
N VAL F 253 -14.45 -23.86 -26.86
CA VAL F 253 -13.05 -24.26 -26.82
C VAL F 253 -12.74 -25.21 -27.97
N ILE F 254 -11.62 -24.95 -28.67
CA ILE F 254 -11.26 -25.82 -29.78
C ILE F 254 -11.00 -27.23 -29.30
N GLY F 255 -11.60 -28.20 -29.99
CA GLY F 255 -11.40 -29.61 -29.77
C GLY F 255 -12.43 -30.30 -28.90
N VAL F 256 -13.50 -29.62 -28.50
CA VAL F 256 -14.60 -30.24 -27.77
C VAL F 256 -15.92 -29.89 -28.43
N VAL F 257 -16.94 -30.71 -28.12
CA VAL F 257 -18.31 -30.57 -28.60
C VAL F 257 -19.27 -30.65 -27.42
N TYR F 258 -20.40 -29.96 -27.50
CA TYR F 258 -21.38 -29.98 -26.43
C TYR F 258 -22.58 -30.71 -27.00
N ARG F 259 -23.06 -31.74 -26.31
CA ARG F 259 -24.05 -32.62 -26.91
C ARG F 259 -25.17 -32.86 -25.90
N HIS F 260 -26.30 -33.39 -26.35
CA HIS F 260 -27.46 -33.51 -25.49
C HIS F 260 -27.52 -34.87 -24.82
N ILE F 261 -28.49 -35.06 -23.91
CA ILE F 261 -28.62 -36.31 -23.15
C ILE F 261 -30.05 -36.85 -23.26
N ALA F 262 -30.23 -38.05 -23.85
CA ALA F 262 -31.58 -38.54 -24.08
C ALA F 262 -32.13 -39.27 -22.85
N ASP F 263 -31.26 -39.88 -22.06
CA ASP F 263 -31.69 -40.30 -20.74
C ASP F 263 -32.19 -39.06 -19.99
N GLN F 264 -33.46 -39.08 -19.55
CA GLN F 264 -34.12 -37.89 -19.03
C GLN F 264 -33.33 -37.32 -17.85
N THR F 265 -32.65 -36.15 -18.02
CA THR F 265 -31.60 -35.67 -17.09
C THR F 265 -32.03 -34.65 -16.06
N PRO F 266 -31.18 -34.21 -15.11
CA PRO F 266 -31.60 -33.07 -14.35
C PRO F 266 -31.21 -31.86 -15.15
N THR F 267 -31.54 -30.75 -14.57
CA THR F 267 -31.48 -29.47 -15.20
C THR F 267 -30.84 -28.55 -14.21
N ALA F 268 -30.15 -27.57 -14.73
CA ALA F 268 -29.58 -26.54 -13.91
C ALA F 268 -30.67 -25.54 -13.62
N LYS F 269 -31.17 -25.54 -12.40
CA LYS F 269 -32.22 -24.63 -11.98
C LYS F 269 -31.62 -23.33 -11.45
N LEU F 270 -32.17 -22.21 -11.91
CA LEU F 270 -31.75 -20.91 -11.42
C LEU F 270 -32.95 -20.24 -10.76
N ALA F 271 -32.74 -19.75 -9.55
CA ALA F 271 -33.77 -19.01 -8.81
C ALA F 271 -33.22 -17.66 -8.38
N LEU F 272 -34.11 -16.71 -8.15
CA LEU F 272 -33.74 -15.37 -7.70
C LEU F 272 -34.19 -15.21 -6.25
N ALA F 273 -33.25 -15.09 -5.34
CA ALA F 273 -33.58 -15.13 -3.94
C ALA F 273 -33.47 -13.73 -3.33
N TYR F 274 -34.38 -13.45 -2.41
CA TYR F 274 -34.31 -12.22 -1.64
C TYR F 274 -35.05 -12.41 -0.32
N ARG F 275 -34.71 -11.52 0.61
CA ARG F 275 -35.17 -11.64 1.97
C ARG F 275 -36.68 -11.49 2.07
N ARG F 276 -37.26 -12.25 2.98
CA ARG F 276 -38.68 -12.20 3.26
C ARG F 276 -38.98 -10.91 3.99
N GLY F 277 -40.02 -10.20 3.58
CA GLY F 277 -40.34 -8.94 4.21
C GLY F 277 -39.35 -7.79 4.04
N ASP F 278 -38.38 -7.88 3.14
CA ASP F 278 -37.44 -6.77 2.94
C ASP F 278 -38.22 -5.58 2.39
N THR F 279 -38.14 -4.44 3.07
CA THR F 279 -39.00 -3.29 2.76
C THR F 279 -38.42 -2.32 1.74
N SER F 280 -37.28 -2.64 1.13
CA SER F 280 -36.64 -1.75 0.18
C SER F 280 -37.46 -1.61 -1.10
N PRO F 281 -37.70 -0.40 -1.59
CA PRO F 281 -38.30 -0.25 -2.91
C PRO F 281 -37.28 -0.47 -4.00
N VAL F 282 -35.99 -0.49 -3.65
CA VAL F 282 -34.95 -0.65 -4.64
C VAL F 282 -34.82 -2.11 -5.04
N LEU F 283 -34.94 -3.02 -4.09
CA LEU F 283 -35.04 -4.40 -4.49
C LEU F 283 -36.37 -4.67 -5.19
N ARG F 284 -37.43 -3.95 -4.82
CA ARG F 284 -38.71 -4.11 -5.50
C ARG F 284 -38.55 -3.83 -6.97
N ASN F 285 -37.65 -2.90 -7.33
CA ASN F 285 -37.52 -2.52 -8.72
C ASN F 285 -36.59 -3.48 -9.43
N PHE F 286 -35.67 -4.11 -8.69
CA PHE F 286 -34.82 -5.13 -9.30
C PHE F 286 -35.62 -6.38 -9.64
N VAL F 287 -36.32 -6.94 -8.66
CA VAL F 287 -37.10 -8.15 -8.90
C VAL F 287 -38.09 -7.93 -10.05
N LEU F 288 -38.70 -6.73 -10.13
CA LEU F 288 -39.64 -6.45 -11.23
C LEU F 288 -38.93 -6.28 -12.58
N THR F 289 -37.62 -5.99 -12.57
CA THR F 289 -36.87 -5.94 -13.82
C THR F 289 -36.59 -7.35 -14.31
N VAL F 290 -36.42 -8.27 -13.38
CA VAL F 290 -36.20 -9.66 -13.70
C VAL F 290 -37.51 -10.37 -14.02
N PHE F 291 -38.55 -10.12 -13.21
CA PHE F 291 -39.87 -10.71 -13.42
C PHE F 291 -40.79 -9.53 -13.68
N PRO F 292 -40.74 -8.91 -14.86
CA PRO F 292 -41.81 -7.92 -15.06
C PRO F 292 -43.16 -8.49 -15.50
N VAL G 86 -25.04 -51.37 0.85
CA VAL G 86 -24.99 -51.29 -0.59
C VAL G 86 -25.20 -49.84 -0.96
N ARG G 87 -25.22 -48.99 0.06
CA ARG G 87 -25.31 -47.55 -0.10
C ARG G 87 -24.04 -46.96 0.46
N GLY G 88 -23.30 -46.25 -0.38
CA GLY G 88 -22.01 -45.67 -0.03
C GLY G 88 -20.84 -46.62 0.06
N GLU G 89 -20.96 -47.83 -0.46
CA GLU G 89 -19.82 -48.74 -0.51
C GLU G 89 -18.87 -48.37 -1.63
N LEU G 90 -19.22 -47.36 -2.38
CA LEU G 90 -18.49 -46.88 -3.54
C LEU G 90 -18.68 -45.39 -3.61
N GLY G 91 -17.64 -44.71 -3.99
CA GLY G 91 -17.76 -43.29 -4.17
C GLY G 91 -16.46 -42.63 -3.83
N VAL G 92 -16.51 -41.34 -3.56
CA VAL G 92 -15.33 -40.58 -3.17
C VAL G 92 -15.68 -39.72 -1.97
N LEU G 93 -14.85 -39.78 -0.95
CA LEU G 93 -15.09 -39.05 0.29
C LEU G 93 -13.89 -38.15 0.57
N ARG G 94 -14.14 -36.83 0.69
CA ARG G 94 -13.09 -35.85 0.90
C ARG G 94 -13.02 -35.47 2.36
N VAL G 95 -11.88 -35.75 3.00
CA VAL G 95 -11.71 -35.65 4.46
C VAL G 95 -10.64 -34.63 4.82
N GLY G 96 -11.01 -33.64 5.61
CA GLY G 96 -10.08 -32.63 6.06
C GLY G 96 -9.87 -32.68 7.56
N PHE G 97 -8.63 -32.36 7.98
CA PHE G 97 -8.22 -32.23 9.38
C PHE G 97 -7.22 -31.07 9.55
N THR G 98 -6.96 -30.67 10.82
CA THR G 98 -5.96 -29.65 11.11
C THR G 98 -4.61 -30.30 11.31
N ALA G 99 -3.57 -29.46 11.22
CA ALA G 99 -2.23 -29.94 11.47
C ALA G 99 -2.10 -30.52 12.88
N SER G 100 -2.59 -29.81 13.89
CA SER G 100 -2.42 -30.28 15.25
C SER G 100 -3.25 -31.53 15.53
N SER G 101 -4.46 -31.63 14.97
CA SER G 101 -5.41 -32.69 15.33
C SER G 101 -5.03 -34.03 14.74
N ALA G 102 -4.34 -34.04 13.60
CA ALA G 102 -3.80 -35.28 13.08
C ALA G 102 -3.01 -36.06 14.14
N PHE G 103 -2.45 -35.38 15.15
CA PHE G 103 -1.75 -36.12 16.19
C PHE G 103 -2.70 -36.74 17.19
N ASN G 104 -3.87 -36.15 17.38
CA ASN G 104 -4.88 -36.83 18.17
C ASN G 104 -5.27 -38.13 17.47
N SER G 105 -5.40 -39.22 18.23
CA SER G 105 -5.52 -40.54 17.59
C SER G 105 -6.95 -40.87 17.18
N VAL G 106 -7.91 -39.98 17.38
CA VAL G 106 -9.24 -40.21 16.84
C VAL G 106 -9.30 -39.89 15.37
N VAL G 107 -8.29 -39.22 14.83
CA VAL G 107 -8.36 -38.97 13.42
C VAL G 107 -7.75 -40.17 12.69
N PRO G 108 -6.52 -40.61 12.95
CA PRO G 108 -6.01 -41.73 12.12
C PRO G 108 -6.87 -42.95 12.28
N THR G 109 -7.49 -43.08 13.47
CA THR G 109 -8.28 -44.26 13.81
C THR G 109 -9.50 -44.36 12.92
N ALA G 110 -10.31 -43.29 12.90
CA ALA G 110 -11.46 -43.21 12.02
C ALA G 110 -11.09 -43.61 10.61
N ILE G 111 -10.08 -42.96 10.03
CA ILE G 111 -9.62 -43.29 8.70
C ILE G 111 -9.14 -44.74 8.62
N ARG G 112 -8.39 -45.16 9.64
CA ARG G 112 -7.99 -46.55 9.70
C ARG G 112 -9.21 -47.44 9.65
N ALA G 113 -10.14 -47.24 10.59
CA ALA G 113 -11.36 -48.03 10.65
C ALA G 113 -12.09 -48.03 9.31
N PHE G 114 -12.19 -46.85 8.69
CA PHE G 114 -13.10 -46.65 7.56
C PHE G 114 -12.63 -47.30 6.25
N ARG G 115 -11.32 -47.31 5.96
CA ARG G 115 -10.90 -47.92 4.69
C ARG G 115 -10.77 -49.44 4.84
N ARG G 116 -10.79 -49.96 6.07
CA ARG G 116 -10.97 -51.39 6.22
C ARG G 116 -12.41 -51.76 5.88
N ALA G 117 -13.38 -50.98 6.38
CA ALA G 117 -14.79 -51.32 6.25
C ALA G 117 -15.34 -51.01 4.86
N TYR G 118 -14.87 -49.93 4.21
CA TYR G 118 -15.38 -49.51 2.92
C TYR G 118 -14.16 -49.32 2.03
N PRO G 119 -13.51 -50.40 1.62
CA PRO G 119 -12.29 -50.24 0.82
C PRO G 119 -12.50 -49.52 -0.48
N ASP G 120 -13.65 -49.66 -1.15
CA ASP G 120 -13.70 -49.14 -2.52
C ASP G 120 -14.04 -47.65 -2.56
N VAL G 121 -14.32 -47.04 -1.42
CA VAL G 121 -14.42 -45.60 -1.37
C VAL G 121 -13.03 -45.02 -1.59
N ARG G 122 -12.94 -43.98 -2.42
CA ARG G 122 -11.69 -43.30 -2.73
C ARG G 122 -11.53 -42.13 -1.76
N LEU G 123 -10.70 -42.30 -0.72
CA LEU G 123 -10.42 -41.24 0.26
C LEU G 123 -9.34 -40.30 -0.26
N GLN G 124 -9.65 -39.01 -0.30
CA GLN G 124 -8.68 -37.94 -0.51
C GLN G 124 -8.56 -37.07 0.73
N LEU G 125 -7.34 -36.92 1.26
CA LEU G 125 -7.20 -36.13 2.47
C LEU G 125 -6.71 -34.72 2.18
N GLU G 126 -7.14 -33.78 3.01
CA GLU G 126 -6.73 -32.39 2.95
C GLU G 126 -6.40 -31.97 4.37
N GLU G 127 -5.31 -31.23 4.58
CA GLU G 127 -4.95 -30.82 5.93
C GLU G 127 -4.76 -29.31 5.97
N ASP G 128 -5.62 -28.62 6.69
CA ASP G 128 -5.57 -27.17 6.69
C ASP G 128 -6.22 -26.68 7.99
N ASN G 129 -6.14 -25.37 8.24
CA ASN G 129 -6.68 -24.82 9.47
C ASN G 129 -8.21 -24.84 9.46
N THR G 130 -8.79 -24.80 10.67
CA THR G 130 -10.24 -24.89 10.84
C THR G 130 -10.97 -23.91 9.94
N THR G 131 -10.59 -22.62 9.98
CA THR G 131 -11.19 -21.59 9.15
C THR G 131 -11.40 -22.07 7.70
N ARG G 132 -10.31 -22.51 7.05
CA ARG G 132 -10.23 -22.96 5.66
C ARG G 132 -10.82 -24.34 5.48
N LEU G 133 -10.78 -25.18 6.52
CA LEU G 133 -11.59 -26.39 6.49
C LEU G 133 -13.05 -26.06 6.34
N ALA G 134 -13.57 -25.14 7.15
CA ALA G 134 -14.99 -24.89 7.08
C ALA G 134 -15.36 -24.30 5.74
N ASP G 135 -14.47 -23.48 5.15
CA ASP G 135 -14.80 -22.88 3.88
C ASP G 135 -14.80 -23.89 2.75
N GLY G 136 -13.92 -24.90 2.84
CA GLY G 136 -13.98 -26.00 1.88
C GLY G 136 -15.27 -26.81 1.97
N LEU G 137 -15.86 -26.90 3.16
CA LEU G 137 -17.15 -27.58 3.28
C LEU G 137 -18.24 -26.75 2.63
N ASN G 138 -18.12 -25.42 2.71
CA ASN G 138 -19.01 -24.54 1.98
C ASN G 138 -18.91 -24.83 0.50
N GLU G 139 -17.69 -24.74 -0.05
CA GLU G 139 -17.43 -24.98 -1.46
C GLU G 139 -18.01 -26.30 -1.93
N GLY G 140 -17.80 -27.37 -1.14
CA GLY G 140 -18.10 -28.73 -1.55
C GLY G 140 -16.88 -29.58 -1.81
N SER G 141 -15.69 -29.06 -1.56
CA SER G 141 -14.46 -29.81 -1.71
C SER G 141 -14.03 -30.45 -0.39
N LEU G 142 -14.90 -30.48 0.60
CA LEU G 142 -14.71 -31.26 1.81
C LEU G 142 -16.06 -31.87 2.11
N ASP G 143 -16.10 -33.14 2.48
CA ASP G 143 -17.39 -33.74 2.84
C ASP G 143 -17.55 -33.91 4.33
N VAL G 144 -16.42 -34.11 5.01
CA VAL G 144 -16.35 -34.11 6.46
C VAL G 144 -15.05 -33.44 6.88
N ALA G 145 -15.06 -32.88 8.09
CA ALA G 145 -13.96 -32.10 8.62
C ALA G 145 -13.73 -32.43 10.09
N PHE G 146 -12.46 -32.71 10.43
CA PHE G 146 -12.02 -32.84 11.83
C PHE G 146 -11.53 -31.50 12.34
N LEU G 147 -12.39 -30.49 12.31
CA LEU G 147 -11.97 -29.19 12.77
C LEU G 147 -12.14 -29.05 14.27
N ARG G 148 -11.86 -27.84 14.77
CA ARG G 148 -11.98 -27.40 16.15
C ARG G 148 -13.11 -26.40 16.25
N PRO G 149 -14.01 -26.59 17.19
CA PRO G 149 -15.24 -25.81 17.19
C PRO G 149 -15.01 -24.37 17.62
N GLY G 150 -16.08 -23.63 17.61
CA GLY G 150 -16.06 -22.24 18.00
C GLY G 150 -15.58 -21.31 16.94
N PHE G 151 -15.64 -21.71 15.69
CA PHE G 151 -15.33 -20.75 14.65
C PHE G 151 -16.57 -19.95 14.29
N ALA G 152 -16.34 -18.97 13.43
CA ALA G 152 -17.38 -18.05 13.00
C ALA G 152 -18.45 -18.78 12.18
N GLY G 153 -19.70 -18.70 12.64
CA GLY G 153 -20.79 -19.33 11.93
C GLY G 153 -20.69 -20.83 11.89
N SER G 154 -20.51 -21.44 13.04
CA SER G 154 -20.40 -22.89 13.11
C SER G 154 -21.76 -23.55 13.15
N GLU G 155 -22.83 -22.77 13.06
CA GLU G 155 -24.18 -23.30 13.19
C GLU G 155 -24.79 -23.59 11.84
N ARG G 156 -24.04 -23.38 10.78
CA ARG G 156 -24.49 -23.75 9.45
C ARG G 156 -24.33 -25.25 9.24
N PHE G 157 -23.64 -25.92 10.16
CA PHE G 157 -23.03 -27.24 10.02
C PHE G 157 -23.51 -28.18 11.13
N HIS G 158 -23.14 -29.45 11.01
CA HIS G 158 -23.37 -30.43 12.05
C HIS G 158 -22.05 -30.48 12.80
N LEU G 159 -22.04 -30.08 14.08
CA LEU G 159 -20.79 -29.99 14.87
C LEU G 159 -20.84 -30.97 16.03
N ARG G 160 -20.58 -32.23 15.74
CA ARG G 160 -20.55 -33.28 16.75
C ARG G 160 -19.21 -33.23 17.44
N MET G 161 -19.22 -33.54 18.73
CA MET G 161 -18.09 -33.24 19.59
C MET G 161 -17.27 -34.49 19.80
N LEU G 162 -16.15 -34.57 19.11
CA LEU G 162 -15.34 -35.76 19.16
C LEU G 162 -14.51 -35.87 20.44
N SER G 163 -13.82 -34.80 20.82
CA SER G 163 -12.84 -34.98 21.89
C SER G 163 -12.42 -33.65 22.49
N GLU G 164 -11.90 -33.74 23.72
CA GLU G 164 -11.39 -32.63 24.49
C GLU G 164 -10.07 -33.06 25.13
N GLU G 165 -9.02 -32.30 24.91
CA GLU G 165 -7.77 -32.74 25.49
C GLU G 165 -7.16 -31.59 26.26
N PRO G 166 -6.48 -31.88 27.37
CA PRO G 166 -5.90 -30.81 28.19
C PRO G 166 -4.60 -30.28 27.61
N MET G 167 -4.52 -28.98 27.53
CA MET G 167 -3.32 -28.42 26.94
C MET G 167 -2.16 -28.29 27.93
N MET G 168 -1.00 -28.77 27.45
CA MET G 168 0.26 -28.83 28.16
C MET G 168 1.20 -27.77 27.63
N ILE G 169 2.38 -27.74 28.23
CA ILE G 169 3.40 -26.77 27.88
C ILE G 169 4.66 -27.56 27.50
N VAL G 170 5.22 -27.23 26.33
CA VAL G 170 6.45 -27.84 25.84
C VAL G 170 7.60 -26.91 26.21
N MET G 171 8.64 -27.47 26.81
CA MET G 171 9.74 -26.65 27.27
C MET G 171 11.01 -27.43 27.07
N ALA G 172 12.11 -26.69 27.07
CA ALA G 172 13.41 -27.27 26.89
C ALA G 172 13.75 -28.11 28.12
N GLU G 173 14.41 -29.27 27.88
CA GLU G 173 14.67 -30.24 28.93
C GLU G 173 15.48 -29.63 30.09
N ASN G 174 16.53 -28.89 29.78
CA ASN G 174 17.30 -28.24 30.84
C ASN G 174 16.77 -26.84 31.14
N HIS G 175 15.46 -26.67 31.18
CA HIS G 175 14.87 -25.41 31.62
C HIS G 175 14.75 -25.36 33.14
N PRO G 176 14.82 -24.17 33.75
CA PRO G 176 14.61 -24.07 35.21
C PRO G 176 13.46 -24.94 35.69
N ALA G 177 12.33 -24.91 34.99
CA ALA G 177 11.09 -25.47 35.50
C ALA G 177 10.89 -26.93 35.11
N ALA G 178 11.88 -27.57 34.46
CA ALA G 178 11.68 -28.96 34.04
C ALA G 178 11.36 -29.84 35.24
N SER G 179 11.95 -29.52 36.40
CA SER G 179 11.89 -30.38 37.58
C SER G 179 10.46 -30.62 38.07
N TYR G 180 9.71 -29.56 38.35
CA TYR G 180 8.34 -29.70 38.89
C TYR G 180 7.30 -29.75 37.76
N GLU G 181 6.45 -30.79 37.78
CA GLU G 181 5.41 -31.05 36.78
C GLU G 181 4.08 -30.63 37.37
N GLU G 182 3.22 -30.04 36.54
CA GLU G 182 2.19 -29.13 37.01
C GLU G 182 2.87 -27.80 37.31
N ILE G 183 2.71 -26.86 36.38
CA ILE G 183 3.46 -25.63 36.34
C ILE G 183 2.45 -24.51 36.42
N SER G 184 2.72 -23.51 37.25
CA SER G 184 1.89 -22.33 37.20
C SER G 184 2.34 -21.46 36.05
N LEU G 185 1.38 -20.94 35.31
CA LEU G 185 1.67 -20.13 34.14
C LEU G 185 2.10 -18.72 34.52
N SER G 186 2.05 -18.39 35.81
CA SER G 186 2.62 -17.14 36.29
C SER G 186 4.14 -17.21 36.39
N ALA G 187 4.72 -18.41 36.30
CA ALA G 187 6.17 -18.57 36.25
C ALA G 187 6.75 -18.12 34.90
N PHE G 188 5.96 -18.18 33.83
CA PHE G 188 6.41 -17.84 32.50
C PHE G 188 5.92 -16.45 32.08
N ARG G 189 5.55 -15.63 33.07
CA ARG G 189 4.98 -14.31 32.81
C ARG G 189 5.93 -13.44 32.00
N ASP G 190 7.24 -13.71 32.08
CA ASP G 190 8.26 -13.10 31.25
C ASP G 190 9.09 -14.27 30.76
N GLU G 191 8.72 -14.76 29.59
CA GLU G 191 9.38 -15.84 28.87
C GLU G 191 8.73 -15.86 27.51
N THR G 192 9.46 -16.37 26.55
CA THR G 192 9.03 -16.26 25.17
C THR G 192 8.13 -17.42 24.79
N PHE G 193 7.00 -17.09 24.19
CA PHE G 193 5.99 -18.05 23.84
C PHE G 193 5.98 -18.17 22.33
N LEU G 194 6.11 -19.38 21.83
CA LEU G 194 6.19 -19.63 20.41
C LEU G 194 4.89 -20.23 19.92
N LEU G 195 4.19 -19.53 19.02
CA LEU G 195 2.86 -19.90 18.57
C LEU G 195 2.80 -19.94 17.05
N PHE G 196 1.74 -20.56 16.56
CA PHE G 196 1.31 -20.53 15.18
C PHE G 196 0.59 -19.19 14.97
N PRO G 197 0.49 -18.72 13.74
CA PRO G 197 -0.09 -17.39 13.53
C PRO G 197 -1.54 -17.37 13.94
N ARG G 198 -2.00 -16.19 14.38
CA ARG G 198 -3.39 -16.00 14.78
C ARG G 198 -4.38 -16.23 13.63
N GLU G 199 -3.97 -15.95 12.39
CA GLU G 199 -4.78 -16.29 11.23
C GLU G 199 -5.08 -17.80 11.19
N ILE G 200 -4.08 -18.63 11.48
CA ILE G 200 -4.21 -20.09 11.41
C ILE G 200 -5.28 -20.58 12.36
N GLY G 201 -5.18 -20.23 13.64
CA GLY G 201 -6.15 -20.69 14.60
C GLY G 201 -6.97 -19.58 15.23
N LEU G 202 -8.09 -19.21 14.61
CA LEU G 202 -8.96 -18.19 15.19
C LEU G 202 -9.36 -18.55 16.63
N THR G 203 -9.67 -19.83 16.89
CA THR G 203 -10.16 -20.26 18.20
C THR G 203 -9.12 -21.02 19.02
N LEU G 204 -8.19 -21.75 18.41
CA LEU G 204 -7.18 -22.39 19.26
C LEU G 204 -6.14 -21.40 19.75
N TYR G 205 -5.76 -20.44 18.92
CA TYR G 205 -4.67 -19.55 19.30
C TYR G 205 -5.08 -18.70 20.49
N ASP G 206 -6.31 -18.16 20.44
CA ASP G 206 -6.75 -17.29 21.51
C ASP G 206 -6.96 -18.07 22.82
N SER G 207 -7.15 -19.40 22.76
CA SER G 207 -7.35 -20.12 24.01
C SER G 207 -6.11 -20.00 24.87
N VAL G 208 -4.93 -20.10 24.25
CA VAL G 208 -3.69 -19.89 25.00
C VAL G 208 -3.59 -18.44 25.49
N ILE G 209 -3.70 -17.47 24.56
CA ILE G 209 -3.53 -16.07 24.96
C ILE G 209 -4.63 -15.63 25.92
N GLU G 210 -5.88 -16.07 25.71
CA GLU G 210 -6.92 -15.74 26.67
C GLU G 210 -6.64 -16.42 28.02
N SER G 211 -6.12 -17.65 28.00
CA SER G 211 -5.74 -18.28 29.26
C SER G 211 -4.57 -17.55 29.91
N CYS G 212 -3.56 -17.16 29.12
CA CYS G 212 -2.42 -16.42 29.69
C CYS G 212 -2.88 -15.17 30.41
N ARG G 213 -3.86 -14.47 29.81
CA ARG G 213 -4.48 -13.33 30.46
C ARG G 213 -5.16 -13.74 31.77
N THR G 214 -5.83 -14.91 31.77
CA THR G 214 -6.37 -15.46 33.01
C THR G 214 -5.26 -15.76 34.01
N ALA G 215 -4.02 -15.93 33.54
CA ALA G 215 -2.93 -16.14 34.49
C ALA G 215 -2.39 -14.83 35.03
N GLY G 216 -2.90 -13.70 34.55
CA GLY G 216 -2.51 -12.39 35.01
C GLY G 216 -1.35 -11.73 34.29
N PHE G 217 -1.02 -12.18 33.09
CA PHE G 217 0.01 -11.54 32.29
C PHE G 217 -0.41 -11.57 30.83
N GLU G 218 0.32 -10.81 30.01
CA GLU G 218 0.08 -10.83 28.58
C GLU G 218 1.37 -11.29 27.93
N PRO G 219 1.40 -12.49 27.35
CA PRO G 219 2.68 -13.12 27.00
C PRO G 219 3.38 -12.41 25.86
N THR G 220 4.70 -12.60 25.81
CA THR G 220 5.52 -11.92 24.82
C THR G 220 5.72 -12.92 23.67
N ILE G 221 4.73 -12.96 22.78
CA ILE G 221 4.76 -13.86 21.64
C ILE G 221 5.95 -13.60 20.75
N GLY G 222 6.60 -14.67 20.32
CA GLY G 222 7.74 -14.50 19.45
C GLY G 222 7.57 -14.93 18.02
N GLN G 223 8.67 -15.51 17.51
CA GLN G 223 8.77 -16.16 16.22
C GLN G 223 7.48 -16.90 15.94
N LEU G 224 6.67 -16.43 15.01
CA LEU G 224 5.49 -17.23 14.70
C LEU G 224 5.97 -18.51 14.03
N ALA G 225 5.46 -19.64 14.51
CA ALA G 225 6.04 -20.77 13.82
C ALA G 225 5.16 -21.15 12.63
N PRO G 226 5.69 -21.94 11.69
CA PRO G 226 4.85 -22.32 10.54
C PRO G 226 3.83 -23.40 10.88
N GLN G 227 4.25 -24.45 11.57
CA GLN G 227 3.42 -25.61 11.91
C GLN G 227 3.76 -26.00 13.35
N ILE G 228 2.79 -26.54 14.10
CA ILE G 228 3.07 -26.85 15.51
C ILE G 228 4.29 -27.75 15.63
N ALA G 229 4.48 -28.70 14.71
CA ALA G 229 5.66 -29.55 14.81
C ALA G 229 6.94 -28.72 14.80
N SER G 230 6.92 -27.58 14.05
CA SER G 230 8.08 -26.70 13.94
C SER G 230 8.35 -25.99 15.26
N VAL G 231 7.28 -25.61 15.97
CA VAL G 231 7.41 -25.04 17.30
C VAL G 231 8.28 -25.94 18.15
N ILE G 232 7.95 -27.24 18.19
CA ILE G 232 8.56 -28.15 19.18
C ILE G 232 10.08 -28.22 19.01
N ASN G 233 10.57 -28.15 17.77
CA ASN G 233 12.01 -28.09 17.60
C ASN G 233 12.54 -26.71 18.01
N LEU G 234 11.74 -25.63 17.86
CA LEU G 234 12.20 -24.34 18.37
C LEU G 234 12.37 -24.38 19.88
N VAL G 235 11.44 -25.05 20.57
CA VAL G 235 11.56 -25.25 21.99
C VAL G 235 12.83 -26.03 22.30
N ALA G 236 13.13 -27.05 21.48
CA ALA G 236 14.35 -27.82 21.63
C ALA G 236 15.58 -26.96 21.38
N ALA G 237 15.52 -26.04 20.43
CA ALA G 237 16.60 -25.07 20.25
C ALA G 237 16.63 -24.02 21.34
N GLU G 238 15.86 -24.22 22.41
CA GLU G 238 15.93 -23.39 23.60
C GLU G 238 15.58 -21.93 23.26
N MET G 239 14.65 -21.75 22.34
CA MET G 239 14.24 -20.42 21.95
C MET G 239 12.88 -20.01 22.45
N GLY G 240 12.22 -20.88 23.21
CA GLY G 240 11.06 -20.43 23.91
C GLY G 240 10.40 -21.61 24.55
N VAL G 241 9.15 -21.40 24.90
CA VAL G 241 8.25 -22.43 25.36
C VAL G 241 6.98 -22.30 24.53
N SER G 242 6.14 -23.33 24.58
CA SER G 242 4.88 -23.24 23.86
C SER G 242 3.84 -24.14 24.50
N ILE G 243 2.57 -23.78 24.25
CA ILE G 243 1.40 -24.43 24.83
C ILE G 243 0.72 -25.27 23.75
N VAL G 244 0.84 -26.59 23.86
CA VAL G 244 0.45 -27.46 22.75
C VAL G 244 -0.65 -28.36 23.28
N PRO G 245 -1.62 -29.00 22.43
CA PRO G 245 -2.84 -30.14 22.65
C PRO G 245 -1.97 -31.21 23.30
N ALA G 246 -2.51 -31.98 24.22
CA ALA G 246 -1.77 -33.07 24.86
C ALA G 246 -1.35 -34.16 23.86
N SER G 247 -2.05 -34.32 22.74
CA SER G 247 -1.80 -35.26 21.63
C SER G 247 -0.47 -34.93 20.97
N MET G 248 -0.03 -33.66 21.00
CA MET G 248 1.25 -33.14 20.47
C MET G 248 2.47 -33.68 21.22
N SER G 249 2.30 -34.27 22.39
CA SER G 249 3.34 -34.87 23.25
C SER G 249 3.95 -36.14 22.67
N GLN G 250 3.59 -36.64 21.50
CA GLN G 250 4.23 -37.82 20.90
C GLN G 250 5.37 -37.37 20.01
N VAL G 251 5.61 -36.08 19.90
CA VAL G 251 6.80 -35.63 19.13
C VAL G 251 7.93 -35.66 20.15
N LYS G 252 8.45 -36.84 20.43
CA LYS G 252 9.45 -37.13 21.46
C LYS G 252 10.85 -36.74 20.97
N VAL G 253 11.01 -35.46 20.59
CA VAL G 253 12.33 -34.99 20.21
C VAL G 253 13.20 -34.77 21.44
N ILE G 254 14.50 -34.93 21.22
CA ILE G 254 15.47 -34.66 22.25
C ILE G 254 15.53 -33.17 22.50
N GLY G 255 15.54 -32.81 23.77
CA GLY G 255 15.68 -31.43 24.18
C GLY G 255 14.42 -30.86 24.79
N VAL G 256 13.27 -31.47 24.53
CA VAL G 256 12.03 -30.91 25.04
C VAL G 256 11.38 -31.93 25.96
N VAL G 257 10.58 -31.43 26.90
CA VAL G 257 9.72 -32.24 27.75
C VAL G 257 8.42 -31.47 27.90
N TYR G 258 7.34 -32.19 28.20
CA TYR G 258 6.01 -31.60 28.22
C TYR G 258 5.45 -31.75 29.64
N ARG G 259 4.97 -30.65 30.21
CA ARG G 259 4.59 -30.64 31.62
C ARG G 259 3.21 -30.02 31.74
N HIS G 260 2.43 -30.57 32.65
CA HIS G 260 1.03 -30.18 32.74
C HIS G 260 0.89 -28.77 33.29
N ILE G 261 -0.35 -28.33 33.43
CA ILE G 261 -0.68 -27.00 33.87
C ILE G 261 -1.71 -27.09 34.98
N ALA G 262 -1.58 -26.24 36.00
CA ALA G 262 -2.43 -26.29 37.18
C ALA G 262 -3.34 -25.08 37.31
N ASP G 263 -3.29 -24.16 36.37
CA ASP G 263 -4.27 -23.07 36.32
C ASP G 263 -5.50 -23.56 35.57
N GLN G 264 -6.29 -22.63 35.03
CA GLN G 264 -7.28 -22.91 34.00
C GLN G 264 -6.54 -23.30 32.73
N THR G 265 -6.35 -24.62 32.52
CA THR G 265 -5.65 -25.15 31.35
C THR G 265 -6.70 -25.35 30.27
N PRO G 266 -6.96 -24.39 29.38
CA PRO G 266 -8.04 -24.59 28.40
C PRO G 266 -7.80 -25.85 27.59
N THR G 267 -8.83 -26.66 27.50
CA THR G 267 -8.74 -27.84 26.68
C THR G 267 -8.67 -27.45 25.22
N ALA G 268 -8.13 -28.35 24.40
CA ALA G 268 -8.22 -28.23 22.94
C ALA G 268 -9.37 -29.10 22.47
N LYS G 269 -10.48 -28.46 22.10
CA LYS G 269 -11.69 -29.17 21.71
C LYS G 269 -11.63 -29.58 20.23
N LEU G 270 -12.05 -30.79 19.95
CA LEU G 270 -12.04 -31.34 18.61
C LEU G 270 -13.44 -31.82 18.26
N ALA G 271 -14.02 -31.29 17.19
CA ALA G 271 -15.34 -31.68 16.73
C ALA G 271 -15.23 -32.22 15.31
N LEU G 272 -16.31 -32.85 14.84
CA LEU G 272 -16.35 -33.41 13.49
C LEU G 272 -17.55 -32.87 12.75
N ALA G 273 -17.31 -32.09 11.69
CA ALA G 273 -18.35 -31.31 11.04
C ALA G 273 -18.66 -31.80 9.63
N TYR G 274 -19.93 -31.96 9.34
CA TYR G 274 -20.39 -32.24 8.00
C TYR G 274 -21.56 -31.35 7.68
N ARG G 275 -21.83 -31.21 6.40
CA ARG G 275 -22.86 -30.29 5.96
C ARG G 275 -24.25 -30.75 6.36
N ARG G 276 -25.07 -29.78 6.74
CA ARG G 276 -26.46 -30.07 7.04
C ARG G 276 -27.22 -30.35 5.75
N GLY G 277 -28.02 -31.39 5.77
CA GLY G 277 -28.70 -31.86 4.59
C GLY G 277 -27.92 -32.84 3.71
N ASP G 278 -26.63 -33.01 3.95
CA ASP G 278 -25.82 -33.97 3.20
C ASP G 278 -26.31 -35.38 3.48
N THR G 279 -27.18 -35.87 2.62
CA THR G 279 -27.73 -37.20 2.73
C THR G 279 -26.81 -38.28 2.17
N SER G 280 -25.57 -37.94 1.82
CA SER G 280 -24.76 -38.88 1.07
C SER G 280 -24.61 -40.17 1.86
N PRO G 281 -24.63 -41.30 1.19
CA PRO G 281 -24.39 -42.57 1.89
C PRO G 281 -22.96 -42.67 2.33
N VAL G 282 -22.02 -42.30 1.46
CA VAL G 282 -20.62 -42.45 1.76
C VAL G 282 -20.26 -41.64 3.00
N LEU G 283 -20.75 -40.39 3.06
CA LEU G 283 -20.55 -39.57 4.24
C LEU G 283 -21.25 -40.18 5.45
N ARG G 284 -22.48 -40.65 5.30
CA ARG G 284 -23.13 -41.27 6.43
C ARG G 284 -22.30 -42.44 6.97
N ASN G 285 -21.59 -43.18 6.10
CA ASN G 285 -20.80 -44.33 6.59
C ASN G 285 -19.57 -43.87 7.34
N PHE G 286 -19.04 -42.69 7.01
CA PHE G 286 -17.89 -42.23 7.76
C PHE G 286 -18.30 -41.77 9.14
N VAL G 287 -19.27 -40.88 9.22
CA VAL G 287 -19.69 -40.39 10.53
C VAL G 287 -20.10 -41.51 11.46
N LEU G 288 -20.54 -42.65 10.95
CA LEU G 288 -20.92 -43.76 11.83
C LEU G 288 -19.76 -44.69 12.16
N THR G 289 -18.64 -44.58 11.45
CA THR G 289 -17.44 -45.30 11.86
C THR G 289 -16.72 -44.50 12.94
N VAL G 290 -16.96 -43.20 12.97
CA VAL G 290 -16.51 -42.34 14.04
C VAL G 290 -17.46 -42.38 15.22
N PHE G 291 -18.75 -42.34 14.96
CA PHE G 291 -19.77 -42.22 16.00
C PHE G 291 -20.67 -43.44 15.97
N PRO G 292 -20.16 -44.61 16.37
CA PRO G 292 -21.00 -45.80 16.41
C PRO G 292 -21.82 -45.92 17.69
N VAL H 86 34.25 -6.84 21.33
CA VAL H 86 33.22 -7.83 21.51
C VAL H 86 32.42 -7.74 20.20
N ARG H 87 33.13 -7.34 19.15
CA ARG H 87 32.51 -7.32 17.84
C ARG H 87 32.27 -8.77 17.49
N GLY H 88 31.05 -9.06 17.13
CA GLY H 88 30.62 -10.42 16.96
C GLY H 88 29.87 -11.02 18.13
N GLU H 89 29.74 -10.33 19.26
CA GLU H 89 28.95 -10.87 20.36
C GLU H 89 27.72 -10.03 20.62
N LEU H 90 27.42 -9.12 19.70
CA LEU H 90 26.29 -8.20 19.70
C LEU H 90 25.78 -8.10 18.28
N GLY H 91 24.51 -8.38 18.03
CA GLY H 91 24.03 -8.10 16.70
C GLY H 91 22.79 -8.91 16.34
N VAL H 92 22.63 -9.17 15.05
CA VAL H 92 21.56 -10.03 14.55
C VAL H 92 22.14 -11.05 13.58
N LEU H 93 21.69 -12.28 13.68
CA LEU H 93 22.12 -13.27 12.72
C LEU H 93 20.91 -13.98 12.17
N ARG H 94 20.82 -14.09 10.85
CA ARG H 94 19.63 -14.66 10.23
C ARG H 94 19.92 -16.11 9.83
N VAL H 95 19.24 -17.04 10.49
CA VAL H 95 19.54 -18.46 10.40
C VAL H 95 18.37 -19.18 9.76
N GLY H 96 18.61 -19.86 8.65
CA GLY H 96 17.58 -20.59 7.97
C GLY H 96 17.86 -22.07 8.04
N PHE H 97 16.80 -22.88 8.09
CA PHE H 97 16.92 -24.34 8.06
C PHE H 97 15.67 -24.90 7.38
N THR H 98 15.74 -26.17 6.98
CA THR H 98 14.56 -26.75 6.40
C THR H 98 13.69 -27.39 7.48
N ALA H 99 12.44 -27.64 7.13
CA ALA H 99 11.46 -28.07 8.12
C ALA H 99 11.85 -29.42 8.70
N SER H 100 12.34 -30.32 7.87
CA SER H 100 12.68 -31.66 8.30
C SER H 100 14.08 -31.76 8.85
N SER H 101 14.91 -30.75 8.64
CA SER H 101 16.27 -30.75 9.15
C SER H 101 16.30 -30.47 10.64
N ALA H 102 15.26 -29.81 11.18
CA ALA H 102 15.23 -29.48 12.59
C ALA H 102 15.03 -30.70 13.48
N PHE H 103 14.73 -31.86 12.90
CA PHE H 103 14.55 -33.07 13.69
C PHE H 103 15.88 -33.76 13.95
N ASN H 104 16.83 -33.65 13.01
CA ASN H 104 18.24 -33.93 13.33
C ASN H 104 18.69 -33.01 14.45
N SER H 105 19.33 -33.61 15.46
CA SER H 105 19.71 -32.86 16.63
C SER H 105 20.72 -31.77 16.30
N VAL H 106 21.37 -31.78 15.12
CA VAL H 106 22.46 -30.82 14.96
C VAL H 106 21.92 -29.40 14.89
N VAL H 107 20.76 -29.20 14.29
CA VAL H 107 20.19 -27.86 14.19
C VAL H 107 19.80 -27.32 15.57
N PRO H 108 19.04 -28.05 16.44
CA PRO H 108 18.74 -27.48 17.74
C PRO H 108 19.97 -27.35 18.61
N THR H 109 20.85 -28.35 18.59
CA THR H 109 22.01 -28.32 19.49
C THR H 109 22.92 -27.15 19.19
N ALA H 110 23.27 -26.97 17.92
CA ALA H 110 24.13 -25.84 17.57
C ALA H 110 23.51 -24.48 17.94
N ILE H 111 22.18 -24.30 17.87
CA ILE H 111 21.56 -23.02 18.22
C ILE H 111 21.56 -22.77 19.73
N ARG H 112 21.26 -23.80 20.52
CA ARG H 112 21.41 -23.69 21.97
C ARG H 112 22.80 -23.19 22.31
N ALA H 113 23.83 -23.85 21.73
CA ALA H 113 25.19 -23.53 22.07
C ALA H 113 25.53 -22.10 21.68
N PHE H 114 25.13 -21.66 20.48
CA PHE H 114 25.38 -20.26 20.13
C PHE H 114 24.59 -19.33 21.04
N ARG H 115 23.31 -19.63 21.29
CA ARG H 115 22.53 -18.77 22.20
C ARG H 115 23.15 -18.77 23.59
N ARG H 116 23.57 -19.95 24.08
CA ARG H 116 24.15 -20.04 25.41
C ARG H 116 25.37 -19.13 25.54
N ALA H 117 26.31 -19.20 24.59
CA ALA H 117 27.54 -18.41 24.74
C ALA H 117 27.33 -16.95 24.39
N TYR H 118 26.67 -16.64 23.28
CA TYR H 118 26.52 -15.25 22.86
C TYR H 118 25.08 -14.81 23.05
N PRO H 119 24.64 -14.47 24.26
CA PRO H 119 23.21 -14.39 24.54
C PRO H 119 22.69 -13.02 24.25
N ASP H 120 23.52 -12.16 23.71
CA ASP H 120 23.15 -10.80 23.39
C ASP H 120 22.90 -10.64 21.92
N VAL H 121 23.02 -11.74 21.18
CA VAL H 121 22.86 -11.81 19.74
C VAL H 121 21.44 -12.21 19.45
N ARG H 122 20.79 -11.48 18.55
CA ARG H 122 19.41 -11.78 18.22
C ARG H 122 19.45 -12.83 17.15
N LEU H 123 18.93 -14.02 17.44
CA LEU H 123 18.79 -15.11 16.48
C LEU H 123 17.39 -15.05 15.87
N GLN H 124 17.31 -14.57 14.64
CA GLN H 124 16.04 -14.54 13.93
C GLN H 124 16.02 -15.67 12.90
N LEU H 125 15.16 -16.67 13.13
CA LEU H 125 15.18 -17.90 12.37
C LEU H 125 14.14 -17.90 11.27
N GLU H 126 14.49 -18.49 10.15
CA GLU H 126 13.58 -18.64 9.03
C GLU H 126 13.63 -20.10 8.59
N GLU H 127 12.46 -20.72 8.48
CA GLU H 127 12.30 -22.10 8.03
C GLU H 127 11.66 -22.16 6.65
N ASP H 128 12.30 -22.89 5.74
CA ASP H 128 11.81 -22.93 4.36
C ASP H 128 12.56 -24.06 3.66
N ASN H 129 12.17 -24.38 2.43
CA ASN H 129 12.87 -25.47 1.73
C ASN H 129 14.25 -25.02 1.24
N THR H 130 15.11 -26.02 0.96
CA THR H 130 16.49 -25.75 0.61
C THR H 130 16.63 -24.76 -0.53
N THR H 131 15.58 -24.53 -1.32
CA THR H 131 15.68 -23.69 -2.50
C THR H 131 15.55 -22.22 -2.15
N ARG H 132 14.53 -21.86 -1.36
CA ARG H 132 14.41 -20.48 -0.96
C ARG H 132 15.52 -20.09 0.01
N LEU H 133 16.00 -21.06 0.81
CA LEU H 133 17.11 -20.79 1.70
C LEU H 133 18.32 -20.32 0.91
N ALA H 134 18.75 -21.12 -0.08
CA ALA H 134 19.90 -20.71 -0.87
C ALA H 134 19.63 -19.40 -1.58
N ASP H 135 18.42 -19.21 -2.11
CA ASP H 135 18.04 -17.91 -2.68
C ASP H 135 18.15 -16.81 -1.62
N GLY H 136 17.73 -17.08 -0.39
CA GLY H 136 17.76 -16.03 0.61
C GLY H 136 19.17 -15.61 1.01
N LEU H 137 20.14 -16.53 0.90
CA LEU H 137 21.55 -16.17 1.12
C LEU H 137 22.05 -15.27 0.00
N ASN H 138 21.75 -15.65 -1.25
CA ASN H 138 21.97 -14.81 -2.42
C ASN H 138 21.37 -13.43 -2.24
N GLU H 139 20.10 -13.41 -1.87
CA GLU H 139 19.32 -12.19 -1.80
C GLU H 139 19.77 -11.32 -0.63
N GLY H 140 20.10 -11.94 0.51
CA GLY H 140 20.50 -11.22 1.70
C GLY H 140 19.47 -11.12 2.82
N SER H 141 18.49 -12.03 2.89
CA SER H 141 17.64 -12.12 4.08
C SER H 141 18.11 -13.22 5.03
N LEU H 142 19.16 -13.96 4.66
CA LEU H 142 19.74 -15.01 5.48
C LEU H 142 21.26 -14.77 5.53
N ASP H 143 21.88 -15.24 6.61
CA ASP H 143 23.31 -15.11 6.80
C ASP H 143 24.00 -16.47 6.81
N VAL H 144 23.28 -17.51 7.20
CA VAL H 144 23.78 -18.86 7.30
C VAL H 144 22.60 -19.80 7.26
N ALA H 145 22.80 -21.00 6.72
CA ALA H 145 21.67 -21.91 6.52
C ALA H 145 22.06 -23.38 6.65
N PHE H 146 21.15 -24.15 7.27
CA PHE H 146 21.23 -25.62 7.38
C PHE H 146 20.36 -26.12 6.24
N LEU H 147 20.96 -26.73 5.22
CA LEU H 147 20.21 -27.11 4.04
C LEU H 147 20.80 -28.35 3.43
N ARG H 148 19.99 -28.98 2.60
CA ARG H 148 20.47 -30.18 1.95
C ARG H 148 21.44 -29.77 0.86
N PRO H 149 22.60 -30.41 0.80
CA PRO H 149 23.60 -30.07 -0.20
C PRO H 149 23.22 -30.65 -1.56
N GLY H 150 24.01 -30.29 -2.55
CA GLY H 150 23.84 -30.76 -3.91
C GLY H 150 22.96 -29.93 -4.82
N PHE H 151 22.30 -28.91 -4.30
CA PHE H 151 21.43 -28.11 -5.13
C PHE H 151 22.21 -27.33 -6.20
N ALA H 152 21.47 -26.91 -7.23
CA ALA H 152 22.00 -26.14 -8.34
C ALA H 152 22.49 -24.78 -7.87
N GLY H 153 23.63 -24.36 -8.42
CA GLY H 153 24.19 -23.08 -8.05
C GLY H 153 24.84 -23.05 -6.68
N SER H 154 25.10 -24.21 -6.06
CA SER H 154 25.78 -24.26 -4.77
C SER H 154 27.25 -23.89 -4.85
N GLU H 155 27.75 -23.57 -6.04
CA GLU H 155 29.12 -23.09 -6.15
C GLU H 155 29.24 -21.72 -5.50
N ARG H 156 28.20 -20.90 -5.62
CA ARG H 156 28.25 -19.54 -5.11
C ARG H 156 28.47 -19.51 -3.59
N PHE H 157 28.05 -20.55 -2.89
CA PHE H 157 28.06 -20.57 -1.44
C PHE H 157 29.24 -21.38 -0.85
N HIS H 158 29.39 -21.30 0.45
CA HIS H 158 30.29 -22.17 1.17
C HIS H 158 29.44 -23.31 1.69
N LEU H 159 29.78 -24.55 1.37
CA LEU H 159 29.04 -25.65 1.98
C LEU H 159 30.02 -26.53 2.73
N ARG H 160 29.66 -26.80 3.98
CA ARG H 160 30.40 -27.67 4.86
C ARG H 160 29.45 -28.78 5.28
N MET H 161 29.86 -30.03 5.04
CA MET H 161 29.03 -31.17 5.38
C MET H 161 28.88 -31.30 6.87
N LEU H 162 27.68 -31.60 7.28
CA LEU H 162 27.26 -31.50 8.67
C LEU H 162 26.74 -32.80 9.22
N SER H 163 26.13 -33.64 8.40
CA SER H 163 25.50 -34.84 8.90
C SER H 163 25.27 -35.74 7.69
N GLU H 164 25.02 -37.02 7.97
CA GLU H 164 24.78 -37.95 6.89
C GLU H 164 24.03 -39.07 7.53
N GLU H 165 22.89 -38.76 7.94
CA GLU H 165 22.16 -39.77 8.68
C GLU H 165 21.39 -40.71 7.76
N PRO H 166 21.32 -41.98 8.08
CA PRO H 166 20.68 -42.93 7.19
C PRO H 166 19.19 -42.72 7.30
N MET H 167 18.50 -43.21 6.28
CA MET H 167 17.09 -42.91 6.13
C MET H 167 16.29 -44.14 6.49
N MET H 168 15.45 -44.00 7.50
CA MET H 168 14.57 -45.08 7.92
C MET H 168 13.30 -45.12 7.10
N ILE H 169 12.51 -46.15 7.36
CA ILE H 169 11.25 -46.41 6.66
C ILE H 169 10.16 -46.64 7.69
N VAL H 170 9.10 -45.86 7.62
CA VAL H 170 8.05 -45.92 8.62
C VAL H 170 6.83 -46.65 8.07
N MET H 171 6.27 -47.53 8.90
CA MET H 171 5.12 -48.35 8.54
C MET H 171 4.24 -48.51 9.76
N ALA H 172 3.00 -48.93 9.53
CA ALA H 172 2.07 -49.04 10.62
C ALA H 172 2.37 -50.30 11.40
N GLU H 173 1.98 -50.30 12.69
CA GLU H 173 2.34 -51.38 13.60
C GLU H 173 1.72 -52.72 13.24
N ASN H 174 0.63 -52.71 12.47
CA ASN H 174 0.00 -53.95 12.07
C ASN H 174 0.45 -54.41 10.69
N HIS H 175 1.49 -53.80 10.16
CA HIS H 175 1.94 -54.09 8.80
C HIS H 175 2.57 -55.48 8.72
N PRO H 176 2.42 -56.20 7.60
CA PRO H 176 3.02 -57.54 7.50
C PRO H 176 4.50 -57.54 7.77
N ALA H 177 5.25 -56.63 7.18
CA ALA H 177 6.70 -56.60 7.27
C ALA H 177 7.22 -55.98 8.57
N ALA H 178 6.34 -55.40 9.39
CA ALA H 178 6.77 -54.89 10.68
C ALA H 178 7.49 -55.96 11.49
N SER H 179 7.18 -57.24 11.23
CA SER H 179 7.75 -58.30 12.06
C SER H 179 9.23 -58.52 11.73
N TYR H 180 9.61 -58.43 10.44
CA TYR H 180 10.98 -58.75 10.02
C TYR H 180 11.97 -57.74 10.60
N GLU H 181 12.97 -58.24 11.33
CA GLU H 181 13.97 -57.34 11.88
C GLU H 181 14.65 -56.56 10.77
N GLU H 182 15.02 -57.23 9.68
CA GLU H 182 15.62 -56.59 8.53
C GLU H 182 14.58 -56.49 7.41
N ILE H 183 14.57 -55.33 6.74
CA ILE H 183 13.64 -55.03 5.68
C ILE H 183 14.43 -54.64 4.45
N SER H 184 14.00 -55.12 3.29
CA SER H 184 14.54 -54.64 2.04
C SER H 184 13.57 -53.62 1.45
N LEU H 185 13.93 -53.08 0.30
CA LEU H 185 12.98 -52.27 -0.46
C LEU H 185 12.36 -53.03 -1.63
N SER H 186 13.01 -54.10 -2.10
CA SER H 186 12.34 -54.93 -3.09
C SER H 186 11.01 -55.42 -2.57
N ALA H 187 10.90 -55.61 -1.25
CA ALA H 187 9.71 -56.24 -0.70
C ALA H 187 8.56 -55.26 -0.68
N PHE H 188 8.87 -53.97 -0.72
CA PHE H 188 7.85 -52.93 -0.68
C PHE H 188 7.39 -52.49 -2.05
N ARG H 189 7.68 -53.28 -3.09
CA ARG H 189 7.59 -52.72 -4.43
C ARG H 189 6.15 -52.53 -4.84
N ASP H 190 5.25 -53.34 -4.32
CA ASP H 190 3.84 -53.20 -4.65
C ASP H 190 3.06 -52.57 -3.49
N GLU H 191 3.76 -51.83 -2.64
CA GLU H 191 3.18 -51.01 -1.59
C GLU H 191 2.86 -49.61 -2.11
N THR H 192 2.09 -48.85 -1.33
CA THR H 192 1.88 -47.43 -1.61
C THR H 192 2.79 -46.53 -0.81
N PHE H 193 3.49 -45.61 -1.48
CA PHE H 193 4.51 -44.80 -0.82
C PHE H 193 4.00 -43.37 -0.64
N LEU H 194 3.75 -42.99 0.59
CA LEU H 194 3.21 -41.67 0.93
C LEU H 194 4.37 -40.70 1.00
N LEU H 195 4.56 -39.89 -0.03
CA LEU H 195 5.73 -39.02 -0.15
C LEU H 195 5.34 -37.64 -0.64
N PHE H 196 5.65 -36.60 0.14
CA PHE H 196 5.24 -35.23 -0.18
C PHE H 196 6.45 -34.33 -0.26
N PRO H 197 6.78 -33.80 -1.38
CA PRO H 197 7.97 -32.94 -1.45
C PRO H 197 7.74 -31.55 -0.88
N ARG H 198 7.05 -31.47 0.26
CA ARG H 198 6.88 -30.20 0.94
C ARG H 198 7.78 -30.17 2.15
N GLU H 199 7.63 -31.13 3.07
CA GLU H 199 8.46 -31.11 4.25
C GLU H 199 9.63 -32.09 4.18
N ILE H 200 9.76 -32.84 3.10
CA ILE H 200 10.96 -33.65 2.85
C ILE H 200 11.86 -32.93 1.84
N GLY H 201 11.25 -32.24 0.88
CA GLY H 201 11.96 -31.41 -0.07
C GLY H 201 12.42 -32.21 -1.28
N LEU H 202 12.79 -31.46 -2.33
CA LEU H 202 13.32 -32.08 -3.55
C LEU H 202 14.46 -33.03 -3.24
N THR H 203 15.57 -32.49 -2.74
CA THR H 203 16.81 -33.26 -2.61
C THR H 203 16.55 -34.62 -1.99
N LEU H 204 15.71 -34.65 -0.95
CA LEU H 204 15.38 -35.84 -0.16
C LEU H 204 14.27 -36.69 -0.76
N TYR H 205 13.28 -36.06 -1.39
CA TYR H 205 12.24 -36.79 -2.07
C TYR H 205 12.86 -37.55 -3.23
N ASP H 206 13.70 -36.87 -4.01
CA ASP H 206 14.44 -37.52 -5.09
C ASP H 206 15.09 -38.82 -4.62
N SER H 207 15.85 -38.78 -3.54
CA SER H 207 16.63 -39.94 -3.16
C SER H 207 15.74 -41.08 -2.62
N VAL H 208 14.56 -40.76 -2.10
CA VAL H 208 13.69 -41.88 -1.74
C VAL H 208 13.18 -42.56 -3.01
N ILE H 209 13.01 -41.80 -4.09
CA ILE H 209 12.56 -42.40 -5.35
C ILE H 209 13.72 -43.11 -6.03
N GLU H 210 14.89 -42.49 -6.10
CA GLU H 210 16.05 -43.14 -6.71
C GLU H 210 16.61 -44.29 -5.86
N SER H 211 16.15 -44.43 -4.60
CA SER H 211 16.46 -45.61 -3.81
C SER H 211 15.62 -46.79 -4.25
N CYS H 212 14.34 -46.54 -4.59
CA CYS H 212 13.47 -47.62 -5.08
C CYS H 212 13.84 -48.05 -6.48
N ARG H 213 14.22 -47.11 -7.33
CA ARG H 213 14.56 -47.48 -8.69
C ARG H 213 15.78 -48.41 -8.70
N THR H 214 16.66 -48.22 -7.73
CA THR H 214 17.76 -49.13 -7.54
C THR H 214 17.28 -50.51 -7.08
N ALA H 215 16.13 -50.60 -6.42
CA ALA H 215 15.62 -51.89 -5.96
C ALA H 215 14.82 -52.63 -7.03
N GLY H 216 14.82 -52.13 -8.27
CA GLY H 216 14.07 -52.75 -9.35
C GLY H 216 12.59 -52.45 -9.45
N PHE H 217 12.13 -51.29 -8.96
CA PHE H 217 10.73 -50.91 -9.10
C PHE H 217 10.59 -49.40 -9.09
N GLU H 218 9.50 -48.90 -9.64
CA GLU H 218 9.22 -47.48 -9.59
C GLU H 218 8.19 -47.29 -8.49
N PRO H 219 8.44 -46.46 -7.47
CA PRO H 219 7.53 -46.47 -6.33
C PRO H 219 6.13 -46.13 -6.78
N THR H 220 5.15 -46.82 -6.23
CA THR H 220 3.77 -46.44 -6.53
C THR H 220 3.42 -45.39 -5.48
N ILE H 221 3.40 -44.12 -5.84
CA ILE H 221 3.18 -43.02 -4.87
C ILE H 221 1.74 -42.98 -4.42
N GLY H 222 1.46 -42.35 -3.29
CA GLY H 222 0.09 -42.27 -2.78
C GLY H 222 -0.61 -41.05 -3.30
N GLN H 223 -1.14 -40.23 -2.41
CA GLN H 223 -1.86 -39.02 -2.87
C GLN H 223 -0.82 -38.05 -3.32
N LEU H 224 -1.03 -37.39 -4.43
CA LEU H 224 -0.12 -36.31 -4.86
C LEU H 224 -1.29 -35.37 -5.13
N ALA H 225 -1.83 -34.75 -4.09
CA ALA H 225 -3.06 -33.93 -4.04
C ALA H 225 -2.62 -33.17 -2.82
N PRO H 226 -3.43 -32.30 -2.22
CA PRO H 226 -2.96 -31.25 -1.36
C PRO H 226 -1.77 -31.84 -0.60
N GLN H 227 -0.63 -31.16 -0.61
CA GLN H 227 0.55 -31.71 0.08
C GLN H 227 0.29 -31.64 1.55
N ILE H 228 0.57 -32.72 2.26
CA ILE H 228 0.34 -32.78 3.72
C ILE H 228 1.71 -32.78 4.37
N ALA H 229 1.84 -32.12 5.51
CA ALA H 229 3.13 -31.99 6.22
C ALA H 229 3.26 -33.02 7.34
N SER H 230 2.26 -33.84 7.57
CA SER H 230 2.36 -34.89 8.59
C SER H 230 2.19 -36.30 8.02
N VAL H 231 3.23 -36.78 7.30
CA VAL H 231 3.20 -38.11 6.69
C VAL H 231 3.02 -39.21 7.73
N ILE H 232 3.66 -39.09 8.90
CA ILE H 232 3.63 -40.16 9.88
C ILE H 232 2.18 -40.53 10.21
N ASN H 233 1.31 -39.52 10.36
CA ASN H 233 -0.05 -39.81 10.82
C ASN H 233 -0.89 -40.52 9.75
N LEU H 234 -0.66 -40.19 8.47
CA LEU H 234 -1.26 -41.01 7.43
C LEU H 234 -0.75 -42.45 7.53
N VAL H 235 0.55 -42.64 7.78
CA VAL H 235 1.08 -43.97 7.97
C VAL H 235 0.30 -44.70 9.05
N ALA H 236 -0.05 -44.01 10.13
CA ALA H 236 -0.81 -44.63 11.22
C ALA H 236 -2.24 -44.97 10.82
N ALA H 237 -2.75 -44.37 9.76
CA ALA H 237 -4.07 -44.72 9.26
C ALA H 237 -4.04 -45.80 8.21
N GLU H 238 -2.89 -46.45 8.04
CA GLU H 238 -2.65 -47.49 7.04
C GLU H 238 -2.91 -47.00 5.61
N MET H 239 -2.53 -45.76 5.34
CA MET H 239 -2.61 -45.19 4.01
C MET H 239 -1.37 -45.52 3.18
N GLY H 240 -0.42 -46.24 3.73
CA GLY H 240 0.77 -46.54 2.97
C GLY H 240 1.97 -46.57 3.89
N VAL H 241 3.11 -46.43 3.28
CA VAL H 241 4.34 -46.43 4.02
C VAL H 241 5.10 -45.21 3.55
N SER H 242 5.97 -44.71 4.39
CA SER H 242 6.86 -43.64 3.96
C SER H 242 8.28 -43.91 4.42
N ILE H 243 9.18 -43.16 3.84
CA ILE H 243 10.59 -43.23 4.14
C ILE H 243 11.01 -41.86 4.64
N VAL H 244 11.52 -41.83 5.86
CA VAL H 244 11.78 -40.54 6.46
C VAL H 244 13.21 -40.59 7.00
N PRO H 245 13.87 -39.45 7.20
CA PRO H 245 15.25 -39.51 7.70
C PRO H 245 15.25 -40.11 9.10
N ALA H 246 16.36 -40.77 9.46
CA ALA H 246 16.36 -41.43 10.77
C ALA H 246 16.01 -40.44 11.88
N SER H 247 16.41 -39.18 11.74
CA SER H 247 16.10 -38.23 12.79
C SER H 247 14.61 -38.13 12.97
N MET H 248 13.84 -38.21 11.91
CA MET H 248 12.43 -38.01 12.19
C MET H 248 11.79 -39.15 12.97
N SER H 249 12.57 -40.14 13.37
CA SER H 249 11.96 -41.21 14.13
C SER H 249 11.59 -40.81 15.55
N GLN H 250 11.79 -39.56 15.96
CA GLN H 250 11.29 -39.21 17.27
C GLN H 250 9.76 -39.19 17.27
N VAL H 251 9.13 -38.90 16.12
CA VAL H 251 7.70 -38.69 16.15
C VAL H 251 7.04 -40.03 16.49
N LYS H 252 6.91 -40.27 17.79
CA LYS H 252 6.47 -41.54 18.34
C LYS H 252 4.96 -41.60 18.25
N VAL H 253 4.46 -41.66 17.01
CA VAL H 253 3.02 -41.66 16.85
C VAL H 253 2.49 -43.05 17.18
N ILE H 254 1.42 -43.06 17.99
CA ILE H 254 0.82 -44.31 18.41
C ILE H 254 0.38 -45.09 17.18
N GLY H 255 0.95 -46.27 16.99
CA GLY H 255 0.50 -47.13 15.92
C GLY H 255 1.24 -47.02 14.60
N VAL H 256 2.44 -46.42 14.61
CA VAL H 256 3.43 -46.57 13.54
C VAL H 256 4.72 -47.08 14.14
N VAL H 257 5.54 -47.70 13.30
CA VAL H 257 6.84 -48.24 13.70
C VAL H 257 7.85 -47.93 12.60
N TYR H 258 9.13 -47.76 12.99
CA TYR H 258 10.21 -47.37 12.08
C TYR H 258 11.24 -48.48 12.04
N ARG H 259 11.82 -48.76 10.87
CA ARG H 259 12.79 -49.83 10.82
C ARG H 259 13.85 -49.49 9.77
N HIS H 260 15.01 -50.07 9.92
CA HIS H 260 16.12 -49.75 9.05
C HIS H 260 15.93 -50.43 7.71
N ILE H 261 16.36 -49.77 6.65
CA ILE H 261 16.38 -50.36 5.33
C ILE H 261 17.67 -51.15 5.19
N ALA H 262 17.61 -52.28 4.50
CA ALA H 262 18.77 -53.14 4.35
C ALA H 262 19.40 -53.06 2.96
N ASP H 263 19.09 -52.04 2.17
CA ASP H 263 19.72 -51.87 0.87
C ASP H 263 20.77 -50.76 0.90
N GLN H 264 21.47 -50.59 -0.24
CA GLN H 264 22.47 -49.54 -0.43
C GLN H 264 21.73 -48.21 -0.50
N THR H 265 21.33 -47.73 0.68
CA THR H 265 20.43 -46.58 0.81
C THR H 265 21.24 -45.32 1.02
N PRO H 266 20.98 -44.25 0.24
CA PRO H 266 21.62 -42.96 0.51
C PRO H 266 21.03 -42.32 1.75
N THR H 267 21.87 -41.55 2.40
CA THR H 267 21.54 -40.92 3.65
C THR H 267 20.88 -39.58 3.37
N ALA H 268 20.41 -38.94 4.45
CA ALA H 268 19.88 -37.59 4.41
C ALA H 268 21.04 -36.64 4.70
N LYS H 269 21.63 -36.09 3.63
CA LYS H 269 22.79 -35.22 3.72
C LYS H 269 22.36 -33.85 4.23
N LEU H 270 23.24 -33.20 4.96
CA LEU H 270 22.91 -31.90 5.53
C LEU H 270 24.17 -31.07 5.66
N ALA H 271 24.10 -29.82 5.21
CA ALA H 271 25.28 -28.98 5.14
C ALA H 271 24.93 -27.61 5.67
N LEU H 272 25.96 -26.91 6.15
CA LEU H 272 25.81 -25.53 6.59
C LEU H 272 26.43 -24.58 5.56
N ALA H 273 25.60 -23.67 5.05
CA ALA H 273 25.96 -22.78 3.96
C ALA H 273 25.93 -21.33 4.40
N TYR H 274 26.91 -20.58 3.95
CA TYR H 274 27.08 -19.15 4.17
C TYR H 274 27.77 -18.58 2.95
N ARG H 275 27.50 -17.30 2.70
CA ARG H 275 27.99 -16.61 1.50
C ARG H 275 29.50 -16.65 1.40
N ARG H 276 29.98 -16.82 0.17
CA ARG H 276 31.42 -16.83 -0.04
C ARG H 276 31.97 -15.47 0.30
N GLY H 277 32.99 -15.46 1.13
CA GLY H 277 33.53 -14.16 1.54
C GLY H 277 32.51 -13.32 2.30
N ASP H 278 31.83 -13.87 3.30
CA ASP H 278 30.95 -13.02 4.15
C ASP H 278 31.84 -12.56 5.29
N THR H 279 31.93 -11.27 5.49
CA THR H 279 32.95 -10.74 6.41
C THR H 279 32.42 -10.50 7.82
N SER H 280 31.24 -11.01 8.13
CA SER H 280 30.59 -10.79 9.44
C SER H 280 31.36 -11.43 10.57
N PRO H 281 31.40 -10.80 11.76
CA PRO H 281 32.05 -11.35 12.92
C PRO H 281 31.13 -12.29 13.71
N VAL H 282 29.82 -12.09 13.67
CA VAL H 282 28.80 -12.94 14.35
C VAL H 282 28.68 -14.24 13.59
N LEU H 283 28.87 -14.13 12.29
CA LEU H 283 28.83 -15.32 11.43
C LEU H 283 30.03 -16.20 11.75
N ARG H 284 31.20 -15.68 12.08
CA ARG H 284 32.32 -16.61 12.36
C ARG H 284 32.01 -17.46 13.58
N ASN H 285 31.40 -16.89 14.60
CA ASN H 285 31.04 -17.58 15.86
C ASN H 285 30.00 -18.67 15.63
N PHE H 286 29.14 -18.52 14.64
CA PHE H 286 28.12 -19.55 14.38
C PHE H 286 28.79 -20.63 13.56
N VAL H 287 29.63 -20.26 12.60
CA VAL H 287 30.31 -21.32 11.91
C VAL H 287 31.17 -22.09 12.89
N LEU H 288 31.99 -21.34 13.66
CA LEU H 288 32.94 -21.90 14.60
C LEU H 288 32.27 -22.53 15.81
N THR H 289 30.99 -22.23 16.05
CA THR H 289 30.23 -22.97 17.05
C THR H 289 29.80 -24.33 16.51
N VAL H 290 29.37 -24.38 15.25
CA VAL H 290 28.95 -25.63 14.64
C VAL H 290 30.15 -26.50 14.31
N PHE H 291 31.25 -25.90 13.88
CA PHE H 291 32.43 -26.66 13.49
C PHE H 291 33.58 -26.23 14.41
N PRO H 292 33.53 -26.58 15.71
CA PRO H 292 34.70 -26.36 16.54
C PRO H 292 35.92 -27.25 16.26
#